data_2E8B
# 
_entry.id   2E8B 
# 
_audit_conform.dict_name       mmcif_pdbx.dic 
_audit_conform.dict_version    5.388 
_audit_conform.dict_location   http://mmcif.pdb.org/dictionaries/ascii/mmcif_pdbx.dic 
# 
loop_
_database_2.database_id 
_database_2.database_code 
_database_2.pdbx_database_accession 
_database_2.pdbx_DOI 
PDB   2E8B         pdb_00002e8b 10.2210/pdb2e8b/pdb 
RCSB  RCSB026351   ?            ?                   
WWPDB D_1000026351 ?            ?                   
# 
loop_
_pdbx_audit_revision_history.ordinal 
_pdbx_audit_revision_history.data_content_type 
_pdbx_audit_revision_history.major_revision 
_pdbx_audit_revision_history.minor_revision 
_pdbx_audit_revision_history.revision_date 
1 'Structure model' 1 0 2008-01-22 
2 'Structure model' 1 1 2011-07-13 
3 'Structure model' 1 2 2024-03-13 
# 
_pdbx_audit_revision_details.ordinal             1 
_pdbx_audit_revision_details.revision_ordinal    1 
_pdbx_audit_revision_details.data_content_type   'Structure model' 
_pdbx_audit_revision_details.provider            repository 
_pdbx_audit_revision_details.type                'Initial release' 
_pdbx_audit_revision_details.description         ? 
_pdbx_audit_revision_details.details             ? 
# 
loop_
_pdbx_audit_revision_group.ordinal 
_pdbx_audit_revision_group.revision_ordinal 
_pdbx_audit_revision_group.data_content_type 
_pdbx_audit_revision_group.group 
1 2 'Structure model' 'Source and taxonomy'       
2 2 'Structure model' 'Version format compliance' 
3 3 'Structure model' 'Data collection'           
4 3 'Structure model' 'Database references'       
# 
loop_
_pdbx_audit_revision_category.ordinal 
_pdbx_audit_revision_category.revision_ordinal 
_pdbx_audit_revision_category.data_content_type 
_pdbx_audit_revision_category.category 
1 3 'Structure model' chem_comp_atom 
2 3 'Structure model' chem_comp_bond 
3 3 'Structure model' database_2     
# 
loop_
_pdbx_audit_revision_item.ordinal 
_pdbx_audit_revision_item.revision_ordinal 
_pdbx_audit_revision_item.data_content_type 
_pdbx_audit_revision_item.item 
1 3 'Structure model' '_database_2.pdbx_DOI'                
2 3 'Structure model' '_database_2.pdbx_database_accession' 
# 
_pdbx_database_status.status_code                     REL 
_pdbx_database_status.entry_id                        2E8B 
_pdbx_database_status.recvd_initial_deposition_date   2007-01-19 
_pdbx_database_status.deposit_site                    PDBJ 
_pdbx_database_status.process_site                    PDBJ 
_pdbx_database_status.status_code_sf                  REL 
_pdbx_database_status.status_code_mr                  ? 
_pdbx_database_status.SG_entry                        Y 
_pdbx_database_status.pdb_format_compatible           Y 
_pdbx_database_status.status_code_cs                  ? 
_pdbx_database_status.status_code_nmr_data            ? 
_pdbx_database_status.methods_development_category    ? 
# 
_pdbx_database_related.db_name        TargetDB 
_pdbx_database_related.db_id          aae001001419.1 
_pdbx_database_related.details        . 
_pdbx_database_related.content_type   unspecified 
# 
loop_
_audit_author.name 
_audit_author.pdbx_ordinal 
'Kumarevel, T.S.'                                        1 
'Malathy sony, S.M.'                                     2 
'Ponnuswamy, M.N.'                                       3 
'Kuramitsu, S.'                                          4 
'Yokoyama, S.'                                           5 
'RIKEN Structural Genomics/Proteomics Initiative (RSGI)' 6 
# 
_citation.id                        primary 
_citation.title                     'Crystal structure of the putative protein (Aq1419) from Aquifex aeolicus VF5' 
_citation.journal_abbrev            'To be Published' 
_citation.journal_volume            ? 
_citation.page_first                ? 
_citation.page_last                 ? 
_citation.year                      ? 
_citation.journal_id_ASTM           ? 
_citation.country                   ? 
_citation.journal_id_ISSN           ? 
_citation.journal_id_CSD            0353 
_citation.book_publisher            ? 
_citation.pdbx_database_id_PubMed   ? 
_citation.pdbx_database_id_DOI      ? 
# 
loop_
_citation_author.citation_id 
_citation_author.name 
_citation_author.ordinal 
_citation_author.identifier_ORCID 
primary 'Kumarevel, T.S.'    1 ? 
primary 'Malathy Sony, S.M.' 2 ? 
primary 'Ponnuswamy, M.N.'   3 ? 
primary 'Kuramitsu, S.'      4 ? 
primary 'Yokoyama, S.'       5 ? 
# 
loop_
_entity.id 
_entity.type 
_entity.src_method 
_entity.pdbx_description 
_entity.formula_weight 
_entity.pdbx_number_of_molecules 
_entity.pdbx_ec 
_entity.pdbx_mutation 
_entity.pdbx_fragment 
_entity.details 
1 polymer man 'Probable molybdopterin-guanine dinucleotide biosynthesis protein A' 23389.279 1   ? ? ? ? 
2 water   nat water                                                                18.015    192 ? ? ? ? 
# 
_entity_poly.entity_id                      1 
_entity_poly.type                           'polypeptide(L)' 
_entity_poly.nstd_linkage                   no 
_entity_poly.nstd_monomer                   no 
_entity_poly.pdbx_seq_one_letter_code       
;MRTFTWRKGSLSKVNTCYVLAGGKSKRFGEDKLLYEIKGKKVIERVYETAKSVFKEVYIVAKDREKFSFLNAPVVLDEFE
ESASIIGLYTALKHAKEENVFVLSGDLPLMKKETVLYVLENFKEPVSVAKTEKLHTLVGVYSKKLLEKIEERIKKGDYRI
WALLKDVGYNEVEIPEELRYTLLNMNTKEDLKRILAIENHY
;
_entity_poly.pdbx_seq_one_letter_code_can   
;MRTFTWRKGSLSKVNTCYVLAGGKSKRFGEDKLLYEIKGKKVIERVYETAKSVFKEVYIVAKDREKFSFLNAPVVLDEFE
ESASIIGLYTALKHAKEENVFVLSGDLPLMKKETVLYVLENFKEPVSVAKTEKLHTLVGVYSKKLLEKIEERIKKGDYRI
WALLKDVGYNEVEIPEELRYTLLNMNTKEDLKRILAIENHY
;
_entity_poly.pdbx_strand_id                 A 
_entity_poly.pdbx_target_identifier         aae001001419.1 
# 
_pdbx_entity_nonpoly.entity_id   2 
_pdbx_entity_nonpoly.name        water 
_pdbx_entity_nonpoly.comp_id     HOH 
# 
loop_
_entity_poly_seq.entity_id 
_entity_poly_seq.num 
_entity_poly_seq.mon_id 
_entity_poly_seq.hetero 
1 1   MET n 
1 2   ARG n 
1 3   THR n 
1 4   PHE n 
1 5   THR n 
1 6   TRP n 
1 7   ARG n 
1 8   LYS n 
1 9   GLY n 
1 10  SER n 
1 11  LEU n 
1 12  SER n 
1 13  LYS n 
1 14  VAL n 
1 15  ASN n 
1 16  THR n 
1 17  CYS n 
1 18  TYR n 
1 19  VAL n 
1 20  LEU n 
1 21  ALA n 
1 22  GLY n 
1 23  GLY n 
1 24  LYS n 
1 25  SER n 
1 26  LYS n 
1 27  ARG n 
1 28  PHE n 
1 29  GLY n 
1 30  GLU n 
1 31  ASP n 
1 32  LYS n 
1 33  LEU n 
1 34  LEU n 
1 35  TYR n 
1 36  GLU n 
1 37  ILE n 
1 38  LYS n 
1 39  GLY n 
1 40  LYS n 
1 41  LYS n 
1 42  VAL n 
1 43  ILE n 
1 44  GLU n 
1 45  ARG n 
1 46  VAL n 
1 47  TYR n 
1 48  GLU n 
1 49  THR n 
1 50  ALA n 
1 51  LYS n 
1 52  SER n 
1 53  VAL n 
1 54  PHE n 
1 55  LYS n 
1 56  GLU n 
1 57  VAL n 
1 58  TYR n 
1 59  ILE n 
1 60  VAL n 
1 61  ALA n 
1 62  LYS n 
1 63  ASP n 
1 64  ARG n 
1 65  GLU n 
1 66  LYS n 
1 67  PHE n 
1 68  SER n 
1 69  PHE n 
1 70  LEU n 
1 71  ASN n 
1 72  ALA n 
1 73  PRO n 
1 74  VAL n 
1 75  VAL n 
1 76  LEU n 
1 77  ASP n 
1 78  GLU n 
1 79  PHE n 
1 80  GLU n 
1 81  GLU n 
1 82  SER n 
1 83  ALA n 
1 84  SER n 
1 85  ILE n 
1 86  ILE n 
1 87  GLY n 
1 88  LEU n 
1 89  TYR n 
1 90  THR n 
1 91  ALA n 
1 92  LEU n 
1 93  LYS n 
1 94  HIS n 
1 95  ALA n 
1 96  LYS n 
1 97  GLU n 
1 98  GLU n 
1 99  ASN n 
1 100 VAL n 
1 101 PHE n 
1 102 VAL n 
1 103 LEU n 
1 104 SER n 
1 105 GLY n 
1 106 ASP n 
1 107 LEU n 
1 108 PRO n 
1 109 LEU n 
1 110 MET n 
1 111 LYS n 
1 112 LYS n 
1 113 GLU n 
1 114 THR n 
1 115 VAL n 
1 116 LEU n 
1 117 TYR n 
1 118 VAL n 
1 119 LEU n 
1 120 GLU n 
1 121 ASN n 
1 122 PHE n 
1 123 LYS n 
1 124 GLU n 
1 125 PRO n 
1 126 VAL n 
1 127 SER n 
1 128 VAL n 
1 129 ALA n 
1 130 LYS n 
1 131 THR n 
1 132 GLU n 
1 133 LYS n 
1 134 LEU n 
1 135 HIS n 
1 136 THR n 
1 137 LEU n 
1 138 VAL n 
1 139 GLY n 
1 140 VAL n 
1 141 TYR n 
1 142 SER n 
1 143 LYS n 
1 144 LYS n 
1 145 LEU n 
1 146 LEU n 
1 147 GLU n 
1 148 LYS n 
1 149 ILE n 
1 150 GLU n 
1 151 GLU n 
1 152 ARG n 
1 153 ILE n 
1 154 LYS n 
1 155 LYS n 
1 156 GLY n 
1 157 ASP n 
1 158 TYR n 
1 159 ARG n 
1 160 ILE n 
1 161 TRP n 
1 162 ALA n 
1 163 LEU n 
1 164 LEU n 
1 165 LYS n 
1 166 ASP n 
1 167 VAL n 
1 168 GLY n 
1 169 TYR n 
1 170 ASN n 
1 171 GLU n 
1 172 VAL n 
1 173 GLU n 
1 174 ILE n 
1 175 PRO n 
1 176 GLU n 
1 177 GLU n 
1 178 LEU n 
1 179 ARG n 
1 180 TYR n 
1 181 THR n 
1 182 LEU n 
1 183 LEU n 
1 184 ASN n 
1 185 MET n 
1 186 ASN n 
1 187 THR n 
1 188 LYS n 
1 189 GLU n 
1 190 ASP n 
1 191 LEU n 
1 192 LYS n 
1 193 ARG n 
1 194 ILE n 
1 195 LEU n 
1 196 ALA n 
1 197 ILE n 
1 198 GLU n 
1 199 ASN n 
1 200 HIS n 
1 201 TYR n 
# 
_entity_src_gen.entity_id                          1 
_entity_src_gen.pdbx_src_id                        1 
_entity_src_gen.pdbx_alt_source_flag               sample 
_entity_src_gen.pdbx_seq_type                      ? 
_entity_src_gen.pdbx_beg_seq_num                   ? 
_entity_src_gen.pdbx_end_seq_num                   ? 
_entity_src_gen.gene_src_common_name               ? 
_entity_src_gen.gene_src_genus                     Aquifex 
_entity_src_gen.pdbx_gene_src_gene                 mobA 
_entity_src_gen.gene_src_species                   'Aquifex aeolicus' 
_entity_src_gen.gene_src_strain                    VF5 
_entity_src_gen.gene_src_tissue                    ? 
_entity_src_gen.gene_src_tissue_fraction           ? 
_entity_src_gen.gene_src_details                   ? 
_entity_src_gen.pdbx_gene_src_fragment             ? 
_entity_src_gen.pdbx_gene_src_scientific_name      'Aquifex aeolicus' 
_entity_src_gen.pdbx_gene_src_ncbi_taxonomy_id     224324 
_entity_src_gen.pdbx_gene_src_variant              ? 
_entity_src_gen.pdbx_gene_src_cell_line            ? 
_entity_src_gen.pdbx_gene_src_atcc                 ? 
_entity_src_gen.pdbx_gene_src_organ                ? 
_entity_src_gen.pdbx_gene_src_organelle            ? 
_entity_src_gen.pdbx_gene_src_cell                 ? 
_entity_src_gen.pdbx_gene_src_cellular_location    ? 
_entity_src_gen.host_org_common_name               ? 
_entity_src_gen.pdbx_host_org_scientific_name      'Escherichia coli' 
_entity_src_gen.pdbx_host_org_ncbi_taxonomy_id     562 
_entity_src_gen.host_org_genus                     Escherichia 
_entity_src_gen.pdbx_host_org_gene                 ? 
_entity_src_gen.pdbx_host_org_organ                ? 
_entity_src_gen.host_org_species                   ? 
_entity_src_gen.pdbx_host_org_tissue               ? 
_entity_src_gen.pdbx_host_org_tissue_fraction      ? 
_entity_src_gen.pdbx_host_org_strain               'BL21 (DE3) codonplus-RIL-X' 
_entity_src_gen.pdbx_host_org_variant              ? 
_entity_src_gen.pdbx_host_org_cell_line            ? 
_entity_src_gen.pdbx_host_org_atcc                 ? 
_entity_src_gen.pdbx_host_org_culture_collection   ? 
_entity_src_gen.pdbx_host_org_cell                 ? 
_entity_src_gen.pdbx_host_org_organelle            ? 
_entity_src_gen.pdbx_host_org_cellular_location    ? 
_entity_src_gen.pdbx_host_org_vector_type          plasmid 
_entity_src_gen.pdbx_host_org_vector               ? 
_entity_src_gen.host_org_details                   ? 
_entity_src_gen.expression_system_id               ? 
_entity_src_gen.plasmid_name                       pET-21a 
_entity_src_gen.plasmid_details                    ? 
_entity_src_gen.pdbx_description                   ? 
# 
loop_
_chem_comp.id 
_chem_comp.type 
_chem_comp.mon_nstd_flag 
_chem_comp.name 
_chem_comp.pdbx_synonyms 
_chem_comp.formula 
_chem_comp.formula_weight 
ALA 'L-peptide linking' y ALANINE         ? 'C3 H7 N O2'     89.093  
ARG 'L-peptide linking' y ARGININE        ? 'C6 H15 N4 O2 1' 175.209 
ASN 'L-peptide linking' y ASPARAGINE      ? 'C4 H8 N2 O3'    132.118 
ASP 'L-peptide linking' y 'ASPARTIC ACID' ? 'C4 H7 N O4'     133.103 
CYS 'L-peptide linking' y CYSTEINE        ? 'C3 H7 N O2 S'   121.158 
GLU 'L-peptide linking' y 'GLUTAMIC ACID' ? 'C5 H9 N O4'     147.129 
GLY 'peptide linking'   y GLYCINE         ? 'C2 H5 N O2'     75.067  
HIS 'L-peptide linking' y HISTIDINE       ? 'C6 H10 N3 O2 1' 156.162 
HOH non-polymer         . WATER           ? 'H2 O'           18.015  
ILE 'L-peptide linking' y ISOLEUCINE      ? 'C6 H13 N O2'    131.173 
LEU 'L-peptide linking' y LEUCINE         ? 'C6 H13 N O2'    131.173 
LYS 'L-peptide linking' y LYSINE          ? 'C6 H15 N2 O2 1' 147.195 
MET 'L-peptide linking' y METHIONINE      ? 'C5 H11 N O2 S'  149.211 
PHE 'L-peptide linking' y PHENYLALANINE   ? 'C9 H11 N O2'    165.189 
PRO 'L-peptide linking' y PROLINE         ? 'C5 H9 N O2'     115.130 
SER 'L-peptide linking' y SERINE          ? 'C3 H7 N O3'     105.093 
THR 'L-peptide linking' y THREONINE       ? 'C4 H9 N O3'     119.119 
TRP 'L-peptide linking' y TRYPTOPHAN      ? 'C11 H12 N2 O2'  204.225 
TYR 'L-peptide linking' y TYROSINE        ? 'C9 H11 N O3'    181.189 
VAL 'L-peptide linking' y VALINE          ? 'C5 H11 N O2'    117.146 
# 
loop_
_pdbx_poly_seq_scheme.asym_id 
_pdbx_poly_seq_scheme.entity_id 
_pdbx_poly_seq_scheme.seq_id 
_pdbx_poly_seq_scheme.mon_id 
_pdbx_poly_seq_scheme.ndb_seq_num 
_pdbx_poly_seq_scheme.pdb_seq_num 
_pdbx_poly_seq_scheme.auth_seq_num 
_pdbx_poly_seq_scheme.pdb_mon_id 
_pdbx_poly_seq_scheme.auth_mon_id 
_pdbx_poly_seq_scheme.pdb_strand_id 
_pdbx_poly_seq_scheme.pdb_ins_code 
_pdbx_poly_seq_scheme.hetero 
A 1 1   MET 1   1   ?   ?   ?   A . n 
A 1 2   ARG 2   2   ?   ?   ?   A . n 
A 1 3   THR 3   3   ?   ?   ?   A . n 
A 1 4   PHE 4   4   4   PHE PHE A . n 
A 1 5   THR 5   5   5   THR THR A . n 
A 1 6   TRP 6   6   6   TRP ALA A . n 
A 1 7   ARG 7   7   7   ARG ALA A . n 
A 1 8   LYS 8   8   8   LYS LYS A . n 
A 1 9   GLY 9   9   9   GLY GLY A . n 
A 1 10  SER 10  10  10  SER SER A . n 
A 1 11  LEU 11  11  11  LEU LEU A . n 
A 1 12  SER 12  12  12  SER SER A . n 
A 1 13  LYS 13  13  13  LYS LYS A . n 
A 1 14  VAL 14  14  14  VAL VAL A . n 
A 1 15  ASN 15  15  15  ASN ASN A . n 
A 1 16  THR 16  16  16  THR THR A . n 
A 1 17  CYS 17  17  17  CYS CYS A . n 
A 1 18  TYR 18  18  18  TYR TYR A . n 
A 1 19  VAL 19  19  19  VAL VAL A . n 
A 1 20  LEU 20  20  20  LEU LEU A . n 
A 1 21  ALA 21  21  21  ALA ALA A . n 
A 1 22  GLY 22  22  22  GLY GLY A . n 
A 1 23  GLY 23  23  23  GLY GLY A . n 
A 1 24  LYS 24  24  24  LYS LYS A . n 
A 1 25  SER 25  25  25  SER SER A . n 
A 1 26  LYS 26  26  26  LYS LYS A . n 
A 1 27  ARG 27  27  27  ARG ARG A . n 
A 1 28  PHE 28  28  28  PHE PHE A . n 
A 1 29  GLY 29  29  29  GLY GLY A . n 
A 1 30  GLU 30  30  30  GLU GLU A . n 
A 1 31  ASP 31  31  31  ASP ASP A . n 
A 1 32  LYS 32  32  32  LYS LYS A . n 
A 1 33  LEU 33  33  33  LEU LEU A . n 
A 1 34  LEU 34  34  34  LEU LEU A . n 
A 1 35  TYR 35  35  35  TYR TYR A . n 
A 1 36  GLU 36  36  36  GLU GLU A . n 
A 1 37  ILE 37  37  37  ILE ILE A . n 
A 1 38  LYS 38  38  38  LYS LYS A . n 
A 1 39  GLY 39  39  39  GLY GLY A . n 
A 1 40  LYS 40  40  40  LYS LYS A . n 
A 1 41  LYS 41  41  41  LYS LYS A . n 
A 1 42  VAL 42  42  42  VAL VAL A . n 
A 1 43  ILE 43  43  43  ILE ILE A . n 
A 1 44  GLU 44  44  44  GLU GLU A . n 
A 1 45  ARG 45  45  45  ARG ARG A . n 
A 1 46  VAL 46  46  46  VAL VAL A . n 
A 1 47  TYR 47  47  47  TYR TYR A . n 
A 1 48  GLU 48  48  48  GLU GLU A . n 
A 1 49  THR 49  49  49  THR THR A . n 
A 1 50  ALA 50  50  50  ALA ALA A . n 
A 1 51  LYS 51  51  51  LYS LYS A . n 
A 1 52  SER 52  52  52  SER SER A . n 
A 1 53  VAL 53  53  53  VAL VAL A . n 
A 1 54  PHE 54  54  54  PHE PHE A . n 
A 1 55  LYS 55  55  55  LYS LYS A . n 
A 1 56  GLU 56  56  56  GLU GLU A . n 
A 1 57  VAL 57  57  57  VAL VAL A . n 
A 1 58  TYR 58  58  58  TYR TYR A . n 
A 1 59  ILE 59  59  59  ILE ILE A . n 
A 1 60  VAL 60  60  60  VAL VAL A . n 
A 1 61  ALA 61  61  61  ALA ALA A . n 
A 1 62  LYS 62  62  62  LYS LYS A . n 
A 1 63  ASP 63  63  63  ASP ASP A . n 
A 1 64  ARG 64  64  64  ARG ARG A . n 
A 1 65  GLU 65  65  65  GLU GLU A . n 
A 1 66  LYS 66  66  66  LYS LYS A . n 
A 1 67  PHE 67  67  67  PHE PHE A . n 
A 1 68  SER 68  68  68  SER SER A . n 
A 1 69  PHE 69  69  69  PHE PHE A . n 
A 1 70  LEU 70  70  70  LEU LEU A . n 
A 1 71  ASN 71  71  71  ASN ASN A . n 
A 1 72  ALA 72  72  72  ALA ALA A . n 
A 1 73  PRO 73  73  73  PRO PRO A . n 
A 1 74  VAL 74  74  74  VAL VAL A . n 
A 1 75  VAL 75  75  75  VAL VAL A . n 
A 1 76  LEU 76  76  76  LEU LEU A . n 
A 1 77  ASP 77  77  77  ASP ASP A . n 
A 1 78  GLU 78  78  78  GLU GLU A . n 
A 1 79  PHE 79  79  79  PHE PHE A . n 
A 1 80  GLU 80  80  80  GLU GLU A . n 
A 1 81  GLU 81  81  81  GLU GLU A . n 
A 1 82  SER 82  82  82  SER SER A . n 
A 1 83  ALA 83  83  83  ALA ALA A . n 
A 1 84  SER 84  84  84  SER SER A . n 
A 1 85  ILE 85  85  85  ILE ILE A . n 
A 1 86  ILE 86  86  86  ILE ILE A . n 
A 1 87  GLY 87  87  87  GLY GLY A . n 
A 1 88  LEU 88  88  88  LEU LEU A . n 
A 1 89  TYR 89  89  89  TYR TYR A . n 
A 1 90  THR 90  90  90  THR THR A . n 
A 1 91  ALA 91  91  91  ALA ALA A . n 
A 1 92  LEU 92  92  92  LEU LEU A . n 
A 1 93  LYS 93  93  93  LYS LYS A . n 
A 1 94  HIS 94  94  94  HIS HIS A . n 
A 1 95  ALA 95  95  95  ALA ALA A . n 
A 1 96  LYS 96  96  96  LYS LYS A . n 
A 1 97  GLU 97  97  97  GLU GLU A . n 
A 1 98  GLU 98  98  98  GLU GLU A . n 
A 1 99  ASN 99  99  99  ASN ASN A . n 
A 1 100 VAL 100 100 100 VAL VAL A . n 
A 1 101 PHE 101 101 101 PHE PHE A . n 
A 1 102 VAL 102 102 102 VAL VAL A . n 
A 1 103 LEU 103 103 103 LEU LEU A . n 
A 1 104 SER 104 104 104 SER SER A . n 
A 1 105 GLY 105 105 105 GLY GLY A . n 
A 1 106 ASP 106 106 106 ASP ASP A . n 
A 1 107 LEU 107 107 107 LEU LEU A . n 
A 1 108 PRO 108 108 108 PRO PRO A . n 
A 1 109 LEU 109 109 109 LEU LEU A . n 
A 1 110 MET 110 110 110 MET MET A . n 
A 1 111 LYS 111 111 111 LYS LYS A . n 
A 1 112 LYS 112 112 112 LYS LYS A . n 
A 1 113 GLU 113 113 113 GLU GLU A . n 
A 1 114 THR 114 114 114 THR THR A . n 
A 1 115 VAL 115 115 115 VAL VAL A . n 
A 1 116 LEU 116 116 116 LEU LEU A . n 
A 1 117 TYR 117 117 117 TYR TYR A . n 
A 1 118 VAL 118 118 118 VAL VAL A . n 
A 1 119 LEU 119 119 119 LEU LEU A . n 
A 1 120 GLU 120 120 120 GLU GLU A . n 
A 1 121 ASN 121 121 121 ASN ASN A . n 
A 1 122 PHE 122 122 122 PHE PHE A . n 
A 1 123 LYS 123 123 123 LYS LYS A . n 
A 1 124 GLU 124 124 124 GLU GLU A . n 
A 1 125 PRO 125 125 125 PRO PRO A . n 
A 1 126 VAL 126 126 126 VAL VAL A . n 
A 1 127 SER 127 127 127 SER SER A . n 
A 1 128 VAL 128 128 128 VAL VAL A . n 
A 1 129 ALA 129 129 129 ALA ALA A . n 
A 1 130 LYS 130 130 130 LYS LYS A . n 
A 1 131 THR 131 131 131 THR THR A . n 
A 1 132 GLU 132 132 132 GLU GLU A . n 
A 1 133 LYS 133 133 133 LYS LYS A . n 
A 1 134 LEU 134 134 134 LEU LEU A . n 
A 1 135 HIS 135 135 135 HIS HIS A . n 
A 1 136 THR 136 136 136 THR THR A . n 
A 1 137 LEU 137 137 137 LEU LEU A . n 
A 1 138 VAL 138 138 138 VAL VAL A . n 
A 1 139 GLY 139 139 139 GLY GLY A . n 
A 1 140 VAL 140 140 140 VAL VAL A . n 
A 1 141 TYR 141 141 141 TYR TYR A . n 
A 1 142 SER 142 142 142 SER SER A . n 
A 1 143 LYS 143 143 143 LYS LYS A . n 
A 1 144 LYS 144 144 144 LYS LYS A . n 
A 1 145 LEU 145 145 145 LEU LEU A . n 
A 1 146 LEU 146 146 146 LEU LEU A . n 
A 1 147 GLU 147 147 147 GLU GLU A . n 
A 1 148 LYS 148 148 148 LYS LYS A . n 
A 1 149 ILE 149 149 149 ILE ILE A . n 
A 1 150 GLU 150 150 150 GLU GLU A . n 
A 1 151 GLU 151 151 151 GLU GLU A . n 
A 1 152 ARG 152 152 152 ARG ARG A . n 
A 1 153 ILE 153 153 153 ILE ILE A . n 
A 1 154 LYS 154 154 154 LYS LYS A . n 
A 1 155 LYS 155 155 155 LYS LYS A . n 
A 1 156 GLY 156 156 156 GLY GLY A . n 
A 1 157 ASP 157 157 157 ASP ASP A . n 
A 1 158 TYR 158 158 158 TYR TYR A . n 
A 1 159 ARG 159 159 159 ARG ARG A . n 
A 1 160 ILE 160 160 160 ILE ILE A . n 
A 1 161 TRP 161 161 161 TRP TRP A . n 
A 1 162 ALA 162 162 162 ALA ALA A . n 
A 1 163 LEU 163 163 163 LEU LEU A . n 
A 1 164 LEU 164 164 164 LEU LEU A . n 
A 1 165 LYS 165 165 165 LYS LYS A . n 
A 1 166 ASP 166 166 166 ASP ASP A . n 
A 1 167 VAL 167 167 167 VAL VAL A . n 
A 1 168 GLY 168 168 168 GLY GLY A . n 
A 1 169 TYR 169 169 169 TYR TYR A . n 
A 1 170 ASN 170 170 170 ASN ASN A . n 
A 1 171 GLU 171 171 171 GLU GLU A . n 
A 1 172 VAL 172 172 172 VAL VAL A . n 
A 1 173 GLU 173 173 173 GLU GLU A . n 
A 1 174 ILE 174 174 174 ILE ILE A . n 
A 1 175 PRO 175 175 175 PRO PRO A . n 
A 1 176 GLU 176 176 176 GLU GLU A . n 
A 1 177 GLU 177 177 177 GLU GLU A . n 
A 1 178 LEU 178 178 178 LEU LEU A . n 
A 1 179 ARG 179 179 179 ARG ARG A . n 
A 1 180 TYR 180 180 180 TYR TYR A . n 
A 1 181 THR 181 181 181 THR THR A . n 
A 1 182 LEU 182 182 182 LEU LEU A . n 
A 1 183 LEU 183 183 183 LEU LEU A . n 
A 1 184 ASN 184 184 184 ASN ASN A . n 
A 1 185 MET 185 185 185 MET MET A . n 
A 1 186 ASN 186 186 186 ASN ASN A . n 
A 1 187 THR 187 187 187 THR THR A . n 
A 1 188 LYS 188 188 188 LYS LYS A . n 
A 1 189 GLU 189 189 ?   ?   ?   A . n 
A 1 190 ASP 190 190 ?   ?   ?   A . n 
A 1 191 LEU 191 191 ?   ?   ?   A . n 
A 1 192 LYS 192 192 ?   ?   ?   A . n 
A 1 193 ARG 193 193 ?   ?   ?   A . n 
A 1 194 ILE 194 194 ?   ?   ?   A . n 
A 1 195 LEU 195 195 ?   ?   ?   A . n 
A 1 196 ALA 196 196 ?   ?   ?   A . n 
A 1 197 ILE 197 197 ?   ?   ?   A . n 
A 1 198 GLU 198 198 ?   ?   ?   A . n 
A 1 199 ASN 199 199 ?   ?   ?   A . n 
A 1 200 HIS 200 200 ?   ?   ?   A . n 
A 1 201 TYR 201 201 ?   ?   ?   A . n 
# 
loop_
_pdbx_nonpoly_scheme.asym_id 
_pdbx_nonpoly_scheme.entity_id 
_pdbx_nonpoly_scheme.mon_id 
_pdbx_nonpoly_scheme.ndb_seq_num 
_pdbx_nonpoly_scheme.pdb_seq_num 
_pdbx_nonpoly_scheme.auth_seq_num 
_pdbx_nonpoly_scheme.pdb_mon_id 
_pdbx_nonpoly_scheme.auth_mon_id 
_pdbx_nonpoly_scheme.pdb_strand_id 
_pdbx_nonpoly_scheme.pdb_ins_code 
B 2 HOH 1   202 1   HOH HOH A . 
B 2 HOH 2   203 3   HOH HOH A . 
B 2 HOH 3   204 4   HOH HOH A . 
B 2 HOH 4   205 5   HOH HOH A . 
B 2 HOH 5   206 7   HOH HOH A . 
B 2 HOH 6   207 9   HOH HOH A . 
B 2 HOH 7   208 10  HOH HOH A . 
B 2 HOH 8   209 12  HOH HOH A . 
B 2 HOH 9   210 13  HOH HOH A . 
B 2 HOH 10  211 15  HOH HOH A . 
B 2 HOH 11  212 16  HOH HOH A . 
B 2 HOH 12  213 18  HOH HOH A . 
B 2 HOH 13  214 20  HOH HOH A . 
B 2 HOH 14  215 21  HOH HOH A . 
B 2 HOH 15  216 22  HOH HOH A . 
B 2 HOH 16  217 23  HOH HOH A . 
B 2 HOH 17  218 24  HOH HOH A . 
B 2 HOH 18  219 25  HOH HOH A . 
B 2 HOH 19  220 26  HOH HOH A . 
B 2 HOH 20  221 27  HOH HOH A . 
B 2 HOH 21  222 28  HOH HOH A . 
B 2 HOH 22  223 30  HOH HOH A . 
B 2 HOH 23  224 31  HOH HOH A . 
B 2 HOH 24  225 32  HOH HOH A . 
B 2 HOH 25  226 33  HOH HOH A . 
B 2 HOH 26  227 35  HOH HOH A . 
B 2 HOH 27  228 36  HOH HOH A . 
B 2 HOH 28  229 37  HOH HOH A . 
B 2 HOH 29  230 38  HOH HOH A . 
B 2 HOH 30  231 39  HOH HOH A . 
B 2 HOH 31  232 41  HOH HOH A . 
B 2 HOH 32  233 43  HOH HOH A . 
B 2 HOH 33  234 44  HOH HOH A . 
B 2 HOH 34  235 45  HOH HOH A . 
B 2 HOH 35  236 46  HOH HOH A . 
B 2 HOH 36  237 48  HOH HOH A . 
B 2 HOH 37  238 50  HOH HOH A . 
B 2 HOH 38  239 52  HOH HOH A . 
B 2 HOH 39  240 53  HOH HOH A . 
B 2 HOH 40  241 54  HOH HOH A . 
B 2 HOH 41  242 55  HOH HOH A . 
B 2 HOH 42  243 56  HOH HOH A . 
B 2 HOH 43  244 57  HOH HOH A . 
B 2 HOH 44  245 58  HOH HOH A . 
B 2 HOH 45  246 59  HOH HOH A . 
B 2 HOH 46  247 60  HOH HOH A . 
B 2 HOH 47  248 61  HOH HOH A . 
B 2 HOH 48  249 66  HOH HOH A . 
B 2 HOH 49  250 67  HOH HOH A . 
B 2 HOH 50  251 68  HOH HOH A . 
B 2 HOH 51  252 69  HOH HOH A . 
B 2 HOH 52  253 72  HOH HOH A . 
B 2 HOH 53  254 75  HOH HOH A . 
B 2 HOH 54  255 76  HOH HOH A . 
B 2 HOH 55  256 77  HOH HOH A . 
B 2 HOH 56  257 79  HOH HOH A . 
B 2 HOH 57  258 80  HOH HOH A . 
B 2 HOH 58  259 81  HOH HOH A . 
B 2 HOH 59  260 82  HOH HOH A . 
B 2 HOH 60  261 83  HOH HOH A . 
B 2 HOH 61  262 84  HOH HOH A . 
B 2 HOH 62  263 87  HOH HOH A . 
B 2 HOH 63  264 90  HOH HOH A . 
B 2 HOH 64  265 91  HOH HOH A . 
B 2 HOH 65  266 92  HOH HOH A . 
B 2 HOH 66  267 93  HOH HOH A . 
B 2 HOH 67  268 97  HOH HOH A . 
B 2 HOH 68  269 98  HOH HOH A . 
B 2 HOH 69  270 99  HOH HOH A . 
B 2 HOH 70  271 100 HOH HOH A . 
B 2 HOH 71  272 102 HOH HOH A . 
B 2 HOH 72  273 103 HOH HOH A . 
B 2 HOH 73  274 106 HOH HOH A . 
B 2 HOH 74  275 107 HOH HOH A . 
B 2 HOH 75  276 110 HOH HOH A . 
B 2 HOH 76  277 114 HOH HOH A . 
B 2 HOH 77  278 121 HOH HOH A . 
B 2 HOH 78  279 122 HOH HOH A . 
B 2 HOH 79  280 126 HOH HOH A . 
B 2 HOH 80  281 130 HOH HOH A . 
B 2 HOH 81  282 132 HOH HOH A . 
B 2 HOH 82  283 133 HOH HOH A . 
B 2 HOH 83  284 135 HOH HOH A . 
B 2 HOH 84  285 138 HOH HOH A . 
B 2 HOH 85  286 145 HOH HOH A . 
B 2 HOH 86  287 154 HOH HOH A . 
B 2 HOH 87  288 158 HOH HOH A . 
B 2 HOH 88  289 162 HOH HOH A . 
B 2 HOH 89  290 201 HOH HOH A . 
B 2 HOH 90  291 207 HOH HOH A . 
B 2 HOH 91  292 231 HOH HOH A . 
B 2 HOH 92  293 233 HOH HOH A . 
B 2 HOH 93  294 234 HOH HOH A . 
B 2 HOH 94  295 237 HOH HOH A . 
B 2 HOH 95  296 246 HOH HOH A . 
B 2 HOH 96  297 248 HOH HOH A . 
B 2 HOH 97  298 250 HOH HOH A . 
B 2 HOH 98  299 251 HOH HOH A . 
B 2 HOH 99  300 253 HOH HOH A . 
B 2 HOH 100 301 255 HOH HOH A . 
B 2 HOH 101 302 262 HOH HOH A . 
B 2 HOH 102 303 266 HOH HOH A . 
B 2 HOH 103 304 274 HOH HOH A . 
B 2 HOH 104 305 277 HOH HOH A . 
B 2 HOH 105 306 278 HOH HOH A . 
B 2 HOH 106 307 280 HOH HOH A . 
B 2 HOH 107 308 281 HOH HOH A . 
B 2 HOH 108 309 284 HOH HOH A . 
B 2 HOH 109 310 285 HOH HOH A . 
B 2 HOH 110 311 286 HOH HOH A . 
B 2 HOH 111 312 287 HOH HOH A . 
B 2 HOH 112 313 291 HOH HOH A . 
B 2 HOH 113 314 293 HOH HOH A . 
B 2 HOH 114 315 295 HOH HOH A . 
B 2 HOH 115 316 296 HOH HOH A . 
B 2 HOH 116 317 302 HOH HOH A . 
B 2 HOH 117 318 304 HOH HOH A . 
B 2 HOH 118 319 305 HOH HOH A . 
B 2 HOH 119 320 312 HOH HOH A . 
B 2 HOH 120 321 316 HOH HOH A . 
B 2 HOH 121 322 323 HOH HOH A . 
B 2 HOH 122 323 325 HOH HOH A . 
B 2 HOH 123 324 326 HOH HOH A . 
B 2 HOH 124 325 327 HOH HOH A . 
B 2 HOH 125 326 328 HOH HOH A . 
B 2 HOH 126 327 330 HOH HOH A . 
B 2 HOH 127 328 331 HOH HOH A . 
B 2 HOH 128 329 333 HOH HOH A . 
B 2 HOH 129 330 336 HOH HOH A . 
B 2 HOH 130 331 341 HOH HOH A . 
B 2 HOH 131 332 344 HOH HOH A . 
B 2 HOH 132 333 348 HOH HOH A . 
B 2 HOH 133 334 355 HOH HOH A . 
B 2 HOH 134 335 361 HOH HOH A . 
B 2 HOH 135 336 364 HOH HOH A . 
B 2 HOH 136 337 365 HOH HOH A . 
B 2 HOH 137 338 383 HOH HOH A . 
B 2 HOH 138 339 384 HOH HOH A . 
B 2 HOH 139 340 385 HOH HOH A . 
B 2 HOH 140 341 393 HOH HOH A . 
B 2 HOH 141 342 395 HOH HOH A . 
B 2 HOH 142 343 409 HOH HOH A . 
B 2 HOH 143 344 410 HOH HOH A . 
B 2 HOH 144 345 411 HOH HOH A . 
B 2 HOH 145 346 412 HOH HOH A . 
B 2 HOH 146 347 413 HOH HOH A . 
B 2 HOH 147 348 414 HOH HOH A . 
B 2 HOH 148 349 415 HOH HOH A . 
B 2 HOH 149 350 416 HOH HOH A . 
B 2 HOH 150 351 417 HOH HOH A . 
B 2 HOH 151 352 418 HOH HOH A . 
B 2 HOH 152 353 419 HOH HOH A . 
B 2 HOH 153 354 420 HOH HOH A . 
B 2 HOH 154 355 421 HOH HOH A . 
B 2 HOH 155 356 422 HOH HOH A . 
B 2 HOH 156 357 423 HOH HOH A . 
B 2 HOH 157 358 424 HOH HOH A . 
B 2 HOH 158 359 425 HOH HOH A . 
B 2 HOH 159 360 426 HOH HOH A . 
B 2 HOH 160 361 427 HOH HOH A . 
B 2 HOH 161 362 428 HOH HOH A . 
B 2 HOH 162 363 429 HOH HOH A . 
B 2 HOH 163 364 430 HOH HOH A . 
B 2 HOH 164 365 431 HOH HOH A . 
B 2 HOH 165 366 432 HOH HOH A . 
B 2 HOH 166 367 433 HOH HOH A . 
B 2 HOH 167 368 434 HOH HOH A . 
B 2 HOH 168 369 435 HOH HOH A . 
B 2 HOH 169 370 436 HOH HOH A . 
B 2 HOH 170 371 437 HOH HOH A . 
B 2 HOH 171 372 438 HOH HOH A . 
B 2 HOH 172 373 439 HOH HOH A . 
B 2 HOH 173 374 440 HOH HOH A . 
B 2 HOH 174 375 441 HOH HOH A . 
B 2 HOH 175 376 442 HOH HOH A . 
B 2 HOH 176 377 443 HOH HOH A . 
B 2 HOH 177 378 444 HOH HOH A . 
B 2 HOH 178 379 445 HOH HOH A . 
B 2 HOH 179 380 446 HOH HOH A . 
B 2 HOH 180 381 447 HOH HOH A . 
B 2 HOH 181 382 448 HOH HOH A . 
B 2 HOH 182 383 449 HOH HOH A . 
B 2 HOH 183 384 450 HOH HOH A . 
B 2 HOH 184 385 451 HOH HOH A . 
B 2 HOH 185 386 452 HOH HOH A . 
B 2 HOH 186 387 453 HOH HOH A . 
B 2 HOH 187 388 454 HOH HOH A . 
B 2 HOH 188 389 455 HOH HOH A . 
B 2 HOH 189 390 456 HOH HOH A . 
B 2 HOH 190 391 457 HOH HOH A . 
B 2 HOH 191 392 458 HOH HOH A . 
B 2 HOH 192 393 459 HOH HOH A . 
# 
loop_
_pdbx_unobs_or_zero_occ_atoms.id 
_pdbx_unobs_or_zero_occ_atoms.PDB_model_num 
_pdbx_unobs_or_zero_occ_atoms.polymer_flag 
_pdbx_unobs_or_zero_occ_atoms.occupancy_flag 
_pdbx_unobs_or_zero_occ_atoms.auth_asym_id 
_pdbx_unobs_or_zero_occ_atoms.auth_comp_id 
_pdbx_unobs_or_zero_occ_atoms.auth_seq_id 
_pdbx_unobs_or_zero_occ_atoms.PDB_ins_code 
_pdbx_unobs_or_zero_occ_atoms.auth_atom_id 
_pdbx_unobs_or_zero_occ_atoms.label_alt_id 
_pdbx_unobs_or_zero_occ_atoms.label_asym_id 
_pdbx_unobs_or_zero_occ_atoms.label_comp_id 
_pdbx_unobs_or_zero_occ_atoms.label_seq_id 
_pdbx_unobs_or_zero_occ_atoms.label_atom_id 
1  1 Y 1 A TRP 6 ? CG  ? A TRP 6 CG  
2  1 Y 1 A TRP 6 ? CD1 ? A TRP 6 CD1 
3  1 Y 1 A TRP 6 ? CD2 ? A TRP 6 CD2 
4  1 Y 1 A TRP 6 ? NE1 ? A TRP 6 NE1 
5  1 Y 1 A TRP 6 ? CE2 ? A TRP 6 CE2 
6  1 Y 1 A TRP 6 ? CE3 ? A TRP 6 CE3 
7  1 Y 1 A TRP 6 ? CZ2 ? A TRP 6 CZ2 
8  1 Y 1 A TRP 6 ? CZ3 ? A TRP 6 CZ3 
9  1 Y 1 A TRP 6 ? CH2 ? A TRP 6 CH2 
10 1 Y 1 A ARG 7 ? CG  ? A ARG 7 CG  
11 1 Y 1 A ARG 7 ? CD  ? A ARG 7 CD  
12 1 Y 1 A ARG 7 ? NE  ? A ARG 7 NE  
13 1 Y 1 A ARG 7 ? CZ  ? A ARG 7 CZ  
14 1 Y 1 A ARG 7 ? NH1 ? A ARG 7 NH1 
15 1 Y 1 A ARG 7 ? NH2 ? A ARG 7 NH2 
# 
loop_
_software.name 
_software.classification 
_software.version 
_software.citation_id 
_software.pdbx_ordinal 
CNS      refinement        1.1     ? 1 
ADSC     'data collection' Quantum ? 2 
HKL-2000 'data reduction'  .       ? 3 
HKL-2000 'data scaling'    .       ? 4 
SOLVE    phasing           .       ? 5 
# 
_cell.entry_id           2E8B 
_cell.length_a           51.106 
_cell.length_b           56.795 
_cell.length_c           62.716 
_cell.angle_alpha        90.00 
_cell.angle_beta         90.00 
_cell.angle_gamma        90.00 
_cell.Z_PDB              4 
_cell.pdbx_unique_axis   ? 
_cell.length_a_esd       ? 
_cell.length_b_esd       ? 
_cell.length_c_esd       ? 
_cell.angle_alpha_esd    ? 
_cell.angle_beta_esd     ? 
_cell.angle_gamma_esd    ? 
# 
_symmetry.entry_id                         2E8B 
_symmetry.space_group_name_H-M             'P 21 21 21' 
_symmetry.pdbx_full_space_group_name_H-M   ? 
_symmetry.cell_setting                     ? 
_symmetry.Int_Tables_number                19 
_symmetry.space_group_name_Hall            ? 
# 
_exptl.entry_id          2E8B 
_exptl.method            'X-RAY DIFFRACTION' 
_exptl.crystals_number   1 
# 
_exptl_crystal.id                    1 
_exptl_crystal.density_meas          ? 
_exptl_crystal.density_Matthews      1.95 
_exptl_crystal.density_percent_sol   36.77 
_exptl_crystal.description           ? 
_exptl_crystal.F_000                 ? 
_exptl_crystal.preparation           ? 
# 
_exptl_crystal_grow.crystal_id      1 
_exptl_crystal_grow.method          'VAPOR DIFFUSION, SITTING DROP' 
_exptl_crystal_grow.temp            293 
_exptl_crystal_grow.temp_details    ? 
_exptl_crystal_grow.pH              6.2 
_exptl_crystal_grow.pdbx_details    '0.2M Ammonium Iodide, 20% PEG3350, pH 6.2, VAPOR DIFFUSION, SITTING DROP, temperature 293K' 
_exptl_crystal_grow.pdbx_pH_range   . 
# 
_diffrn.id                     1 
_diffrn.ambient_temp           100 
_diffrn.ambient_temp_details   ? 
_diffrn.crystal_id             1 
# 
_diffrn_detector.diffrn_id              1 
_diffrn_detector.detector               CCD 
_diffrn_detector.type                   'ADSC QUANTUM 210' 
_diffrn_detector.pdbx_collection_date   2006-06-14 
_diffrn_detector.details                ? 
# 
_diffrn_radiation.diffrn_id                        1 
_diffrn_radiation.wavelength_id                    1 
_diffrn_radiation.pdbx_monochromatic_or_laue_m_l   M 
_diffrn_radiation.monochromator                    'Si double crystal' 
_diffrn_radiation.pdbx_diffrn_protocol             MAD 
_diffrn_radiation.pdbx_scattering_type             x-ray 
# 
loop_
_diffrn_radiation_wavelength.id 
_diffrn_radiation_wavelength.wavelength 
_diffrn_radiation_wavelength.wt 
1 0.97891 1.0 
2 0.97944 1.0 
3 0.9     1.0 
# 
_diffrn_source.diffrn_id                   1 
_diffrn_source.source                      SYNCHROTRON 
_diffrn_source.type                        'SPRING-8 BEAMLINE BL26B2' 
_diffrn_source.pdbx_synchrotron_site       SPring-8 
_diffrn_source.pdbx_synchrotron_beamline   BL26B2 
_diffrn_source.pdbx_wavelength             ? 
_diffrn_source.pdbx_wavelength_list        '0.97891, 0.97944, 0.9' 
# 
_reflns.entry_id                     2E8B 
_reflns.observed_criterion_sigma_I   3 
_reflns.observed_criterion_sigma_F   3 
_reflns.d_resolution_low             42.10 
_reflns.d_resolution_high            1.61 
_reflns.number_obs                   24264 
_reflns.number_all                   24264 
_reflns.percent_possible_obs         99.9 
_reflns.pdbx_Rmerge_I_obs            0.058 
_reflns.pdbx_Rsym_value              ? 
_reflns.pdbx_netI_over_sigmaI        ? 
_reflns.B_iso_Wilson_estimate        21.3 
_reflns.pdbx_redundancy              6.82 
_reflns.R_free_details               ? 
_reflns.limit_h_max                  ? 
_reflns.limit_h_min                  ? 
_reflns.limit_k_max                  ? 
_reflns.limit_k_min                  ? 
_reflns.limit_l_max                  ? 
_reflns.limit_l_min                  ? 
_reflns.observed_criterion_F_max     ? 
_reflns.observed_criterion_F_min     ? 
_reflns.pdbx_chi_squared             ? 
_reflns.pdbx_scaling_rejects         ? 
_reflns.pdbx_ordinal                 1 
_reflns.pdbx_diffrn_id               1 
# 
_reflns_shell.d_res_high             1.61 
_reflns_shell.d_res_low              1.67 
_reflns_shell.percent_possible_all   100 
_reflns_shell.Rmerge_I_obs           0.341 
_reflns_shell.pdbx_Rsym_value        ? 
_reflns_shell.meanI_over_sigI_obs    ? 
_reflns_shell.pdbx_redundancy        6.23 
_reflns_shell.percent_possible_obs   ? 
_reflns_shell.number_unique_all      2403 
_reflns_shell.number_measured_all    ? 
_reflns_shell.number_measured_obs    ? 
_reflns_shell.number_unique_obs      ? 
_reflns_shell.pdbx_chi_squared       ? 
_reflns_shell.pdbx_ordinal           1 
_reflns_shell.pdbx_diffrn_id         1 
# 
_refine.entry_id                                 2E8B 
_refine.ls_number_reflns_obs                     24212 
_refine.ls_number_reflns_all                     24264 
_refine.pdbx_ls_sigma_I                          ? 
_refine.pdbx_ls_sigma_F                          0.0 
_refine.pdbx_data_cutoff_high_absF               925066.14 
_refine.pdbx_data_cutoff_low_absF                0.000000 
_refine.pdbx_data_cutoff_high_rms_absF           ? 
_refine.ls_d_res_low                             39.62 
_refine.ls_d_res_high                            1.61 
_refine.ls_percent_reflns_obs                    99.5 
_refine.ls_R_factor_obs                          0.239 
_refine.ls_R_factor_all                          ? 
_refine.ls_R_factor_R_work                       0.239 
_refine.ls_R_factor_R_free                       0.261 
_refine.ls_R_factor_R_free_error                 0.007 
_refine.ls_R_factor_R_free_error_details         ? 
_refine.ls_percent_reflns_R_free                 5.0 
_refine.ls_number_reflns_R_free                  1217 
_refine.ls_number_parameters                     ? 
_refine.ls_number_restraints                     ? 
_refine.occupancy_min                            ? 
_refine.occupancy_max                            ? 
_refine.correlation_coeff_Fo_to_Fc               ? 
_refine.correlation_coeff_Fo_to_Fc_free          ? 
_refine.B_iso_mean                               22.3 
_refine.aniso_B[1][1]                            -1.51 
_refine.aniso_B[2][2]                            2.94 
_refine.aniso_B[3][3]                            -1.43 
_refine.aniso_B[1][2]                            0.00 
_refine.aniso_B[1][3]                            0.00 
_refine.aniso_B[2][3]                            0.00 
_refine.solvent_model_details                    'FLAT MODEL' 
_refine.solvent_model_param_ksol                 0.346911 
_refine.solvent_model_param_bsol                 46.6359 
_refine.pdbx_solvent_vdw_probe_radii             ? 
_refine.pdbx_solvent_ion_probe_radii             ? 
_refine.pdbx_solvent_shrinkage_radii             ? 
_refine.pdbx_ls_cross_valid_method               THROUGHOUT 
_refine.details                                  ? 
_refine.pdbx_starting_model                      ? 
_refine.pdbx_method_to_determine_struct          MAD 
_refine.pdbx_isotropic_thermal_model             RESTRAINED 
_refine.pdbx_stereochemistry_target_values       'Engh & Huber' 
_refine.pdbx_stereochem_target_val_spec_case     ? 
_refine.pdbx_R_Free_selection_details            RANDOM 
_refine.pdbx_overall_ESU_R                       ? 
_refine.pdbx_overall_ESU_R_Free                  ? 
_refine.overall_SU_ML                            ? 
_refine.overall_SU_B                             ? 
_refine.ls_redundancy_reflns_obs                 ? 
_refine.B_iso_min                                ? 
_refine.B_iso_max                                ? 
_refine.overall_SU_R_Cruickshank_DPI             ? 
_refine.overall_SU_R_free                        ? 
_refine.ls_wR_factor_R_free                      ? 
_refine.ls_wR_factor_R_work                      ? 
_refine.overall_FOM_free_R_set                   ? 
_refine.overall_FOM_work_R_set                   ? 
_refine.pdbx_overall_phase_error                 ? 
_refine.pdbx_refine_id                           'X-RAY DIFFRACTION' 
_refine.pdbx_diffrn_id                           1 
_refine.pdbx_TLS_residual_ADP_flag               ? 
_refine.pdbx_overall_SU_R_free_Cruickshank_DPI   ? 
_refine.pdbx_overall_SU_R_Blow_DPI               ? 
_refine.pdbx_overall_SU_R_free_Blow_DPI          ? 
# 
_refine_analyze.entry_id                        2E8B 
_refine_analyze.Luzzati_coordinate_error_obs    0.21 
_refine_analyze.Luzzati_sigma_a_obs             0.13 
_refine_analyze.Luzzati_d_res_low_obs           5.00 
_refine_analyze.Luzzati_coordinate_error_free   0.24 
_refine_analyze.Luzzati_sigma_a_free            0.13 
_refine_analyze.Luzzati_d_res_low_free          ? 
_refine_analyze.number_disordered_residues      ? 
_refine_analyze.occupancy_sum_hydrogen          ? 
_refine_analyze.occupancy_sum_non_hydrogen      ? 
_refine_analyze.pdbx_Luzzati_d_res_high_obs     ? 
_refine_analyze.pdbx_refine_id                  'X-RAY DIFFRACTION' 
# 
_refine_hist.pdbx_refine_id                   'X-RAY DIFFRACTION' 
_refine_hist.cycle_id                         LAST 
_refine_hist.pdbx_number_atoms_protein        1493 
_refine_hist.pdbx_number_atoms_nucleic_acid   0 
_refine_hist.pdbx_number_atoms_ligand         0 
_refine_hist.number_atoms_solvent             192 
_refine_hist.number_atoms_total               1685 
_refine_hist.d_res_high                       1.61 
_refine_hist.d_res_low                        39.62 
# 
loop_
_refine_ls_restr.type 
_refine_ls_restr.dev_ideal 
_refine_ls_restr.dev_ideal_target 
_refine_ls_restr.weight 
_refine_ls_restr.number 
_refine_ls_restr.pdbx_refine_id 
_refine_ls_restr.pdbx_restraint_function 
c_bond_d           0.005 ?    ? ? 'X-RAY DIFFRACTION' ? 
c_angle_deg        1.6   ?    ? ? 'X-RAY DIFFRACTION' ? 
c_dihedral_angle_d 22.9  ?    ? ? 'X-RAY DIFFRACTION' ? 
c_improper_angle_d 1.12  ?    ? ? 'X-RAY DIFFRACTION' ? 
c_mcbond_it        1.56  1.50 ? ? 'X-RAY DIFFRACTION' ? 
c_mcangle_it       2.49  2.00 ? ? 'X-RAY DIFFRACTION' ? 
c_scbond_it        2.28  2.00 ? ? 'X-RAY DIFFRACTION' ? 
c_scangle_it       3.35  2.50 ? ? 'X-RAY DIFFRACTION' ? 
# 
_refine_ls_shell.pdbx_total_number_of_bins_used   6 
_refine_ls_shell.d_res_high                       1.61 
_refine_ls_shell.d_res_low                        1.71 
_refine_ls_shell.number_reflns_R_work             3786 
_refine_ls_shell.R_factor_R_work                  0.265 
_refine_ls_shell.percent_reflns_obs               100.0 
_refine_ls_shell.R_factor_R_free                  0.286 
_refine_ls_shell.R_factor_R_free_error            0.021 
_refine_ls_shell.percent_reflns_R_free            4.9 
_refine_ls_shell.number_reflns_R_free             193 
_refine_ls_shell.number_reflns_all                ? 
_refine_ls_shell.R_factor_all                     ? 
_refine_ls_shell.number_reflns_obs                ? 
_refine_ls_shell.redundancy_reflns_obs            ? 
_refine_ls_shell.pdbx_refine_id                   'X-RAY DIFFRACTION' 
# 
loop_
_pdbx_xplor_file.serial_no 
_pdbx_xplor_file.param_file 
_pdbx_xplor_file.topol_file 
_pdbx_xplor_file.pdbx_refine_id 
1 protein_rep.param protein.top       'X-RAY DIFFRACTION' 
2 water_rep.param   water.top         'X-RAY DIFFRACTION' 
3 dna-rna_rep.param dna-rna_rep.param 'X-RAY DIFFRACTION' 
4 ion.param         ion.param         'X-RAY DIFFRACTION' 
# 
_struct.entry_id                  2E8B 
_struct.title                     'Crystal structure of the putative protein (Aq1419) from Aquifex aeolicus VF5' 
_struct.pdbx_model_details        ? 
_struct.pdbx_CASP_flag            ? 
_struct.pdbx_model_type_details   ? 
# 
_struct_keywords.entry_id        2E8B 
_struct_keywords.pdbx_keywords   'BIOSYNTHETIC PROTEIN' 
_struct_keywords.text            
;putative protein, Aq_1419, molybdenum cofactor, Structural Genomics, NPPSFA, National Project on Protein Structural and Functional Analyses, RIKEN Structural Genomics/Proteomics Initiative, RSGI, BIOSYNTHETIC PROTEIN
;
# 
loop_
_struct_asym.id 
_struct_asym.pdbx_blank_PDB_chainid_flag 
_struct_asym.pdbx_modified 
_struct_asym.entity_id 
_struct_asym.details 
A N N 1 ? 
B N N 2 ? 
# 
_struct_ref.id                         1 
_struct_ref.db_name                    UNP 
_struct_ref.db_code                    MOBA_AQUAE 
_struct_ref.pdbx_db_accession          O67413 
_struct_ref.entity_id                  1 
_struct_ref.pdbx_seq_one_letter_code   
;MRTFTWRKGSLSKVNTCYVLAGGKSKRFGEDKLLYEIKGKKVIERVYETAKSVFKEVYIVAKDREKFSFLNAPVVLDEFE
ESASIIGLYTALKHAKEENVFVLSGDLPLMKKETVLYVLENFKEPVSVAKTEKLHTLVGVYSKKLLEKIEERIKKGDYRI
WALLKDVGYNEVEIPEELRYTLLNMNTKEDLKRILAIENHY
;
_struct_ref.pdbx_align_begin           1 
_struct_ref.pdbx_db_isoform            ? 
# 
_struct_ref_seq.align_id                      1 
_struct_ref_seq.ref_id                        1 
_struct_ref_seq.pdbx_PDB_id_code              2E8B 
_struct_ref_seq.pdbx_strand_id                A 
_struct_ref_seq.seq_align_beg                 1 
_struct_ref_seq.pdbx_seq_align_beg_ins_code   ? 
_struct_ref_seq.seq_align_end                 201 
_struct_ref_seq.pdbx_seq_align_end_ins_code   ? 
_struct_ref_seq.pdbx_db_accession             O67413 
_struct_ref_seq.db_align_beg                  1 
_struct_ref_seq.pdbx_db_align_beg_ins_code    ? 
_struct_ref_seq.db_align_end                  201 
_struct_ref_seq.pdbx_db_align_end_ins_code    ? 
_struct_ref_seq.pdbx_auth_seq_align_beg       1 
_struct_ref_seq.pdbx_auth_seq_align_end       201 
# 
_pdbx_struct_assembly.id                   1 
_pdbx_struct_assembly.details              author_defined_assembly 
_pdbx_struct_assembly.method_details       ? 
_pdbx_struct_assembly.oligomeric_details   monomeric 
_pdbx_struct_assembly.oligomeric_count     1 
# 
_pdbx_struct_assembly_gen.assembly_id       1 
_pdbx_struct_assembly_gen.oper_expression   1 
_pdbx_struct_assembly_gen.asym_id_list      A,B 
# 
_pdbx_struct_oper_list.id                   1 
_pdbx_struct_oper_list.type                 'identity operation' 
_pdbx_struct_oper_list.name                 1_555 
_pdbx_struct_oper_list.symmetry_operation   x,y,z 
_pdbx_struct_oper_list.matrix[1][1]         1.0000000000 
_pdbx_struct_oper_list.matrix[1][2]         0.0000000000 
_pdbx_struct_oper_list.matrix[1][3]         0.0000000000 
_pdbx_struct_oper_list.vector[1]            0.0000000000 
_pdbx_struct_oper_list.matrix[2][1]         0.0000000000 
_pdbx_struct_oper_list.matrix[2][2]         1.0000000000 
_pdbx_struct_oper_list.matrix[2][3]         0.0000000000 
_pdbx_struct_oper_list.vector[2]            0.0000000000 
_pdbx_struct_oper_list.matrix[3][1]         0.0000000000 
_pdbx_struct_oper_list.matrix[3][2]         0.0000000000 
_pdbx_struct_oper_list.matrix[3][3]         1.0000000000 
_pdbx_struct_oper_list.vector[3]            0.0000000000 
# 
_struct_biol.id        1 
_struct_biol.details   ? 
# 
loop_
_struct_conf.conf_type_id 
_struct_conf.id 
_struct_conf.pdbx_PDB_helix_id 
_struct_conf.beg_label_comp_id 
_struct_conf.beg_label_asym_id 
_struct_conf.beg_label_seq_id 
_struct_conf.pdbx_beg_PDB_ins_code 
_struct_conf.end_label_comp_id 
_struct_conf.end_label_asym_id 
_struct_conf.end_label_seq_id 
_struct_conf.pdbx_end_PDB_ins_code 
_struct_conf.beg_auth_comp_id 
_struct_conf.beg_auth_asym_id 
_struct_conf.beg_auth_seq_id 
_struct_conf.end_auth_comp_id 
_struct_conf.end_auth_asym_id 
_struct_conf.end_auth_seq_id 
_struct_conf.pdbx_PDB_helix_class 
_struct_conf.details 
_struct_conf.pdbx_PDB_helix_length 
HELX_P HELX_P1 1 ASP A 31  ? SER A 52  ? ASP A 31  SER A 52  1 ? 22 
HELX_P HELX_P2 2 ARG A 64  ? ASN A 71  ? ARG A 64  ASN A 71  5 ? 8  
HELX_P HELX_P3 3 ALA A 83  ? ALA A 95  ? ALA A 83  ALA A 95  1 ? 13 
HELX_P HELX_P4 4 LYS A 111 ? ASN A 121 ? LYS A 111 ASN A 121 1 ? 11 
HELX_P HELX_P5 5 LEU A 145 ? LYS A 155 ? LEU A 145 LYS A 155 1 ? 11 
HELX_P HELX_P6 6 ARG A 159 ? GLY A 168 ? ARG A 159 GLY A 168 1 ? 10 
HELX_P HELX_P7 7 PRO A 175 ? LEU A 183 ? PRO A 175 LEU A 183 5 ? 9  
# 
_struct_conf_type.id          HELX_P 
_struct_conf_type.criteria    ? 
_struct_conf_type.reference   ? 
# 
_struct_mon_prot_cis.pdbx_id                1 
_struct_mon_prot_cis.label_comp_id          GLU 
_struct_mon_prot_cis.label_seq_id           124 
_struct_mon_prot_cis.label_asym_id          A 
_struct_mon_prot_cis.label_alt_id           . 
_struct_mon_prot_cis.pdbx_PDB_ins_code      ? 
_struct_mon_prot_cis.auth_comp_id           GLU 
_struct_mon_prot_cis.auth_seq_id            124 
_struct_mon_prot_cis.auth_asym_id           A 
_struct_mon_prot_cis.pdbx_label_comp_id_2   PRO 
_struct_mon_prot_cis.pdbx_label_seq_id_2    125 
_struct_mon_prot_cis.pdbx_label_asym_id_2   A 
_struct_mon_prot_cis.pdbx_PDB_ins_code_2    ? 
_struct_mon_prot_cis.pdbx_auth_comp_id_2    PRO 
_struct_mon_prot_cis.pdbx_auth_seq_id_2     125 
_struct_mon_prot_cis.pdbx_auth_asym_id_2    A 
_struct_mon_prot_cis.pdbx_PDB_model_num     1 
_struct_mon_prot_cis.pdbx_omega_angle       -0.08 
# 
_struct_sheet.id               A 
_struct_sheet.type             ? 
_struct_sheet.number_strands   7 
_struct_sheet.details          ? 
# 
loop_
_struct_sheet_order.sheet_id 
_struct_sheet_order.range_id_1 
_struct_sheet_order.range_id_2 
_struct_sheet_order.offset 
_struct_sheet_order.sense 
A 1 2 ? parallel      
A 2 3 ? parallel      
A 3 4 ? parallel      
A 4 5 ? anti-parallel 
A 5 6 ? anti-parallel 
A 6 7 ? parallel      
# 
loop_
_struct_sheet_range.sheet_id 
_struct_sheet_range.id 
_struct_sheet_range.beg_label_comp_id 
_struct_sheet_range.beg_label_asym_id 
_struct_sheet_range.beg_label_seq_id 
_struct_sheet_range.pdbx_beg_PDB_ins_code 
_struct_sheet_range.end_label_comp_id 
_struct_sheet_range.end_label_asym_id 
_struct_sheet_range.end_label_seq_id 
_struct_sheet_range.pdbx_end_PDB_ins_code 
_struct_sheet_range.beg_auth_comp_id 
_struct_sheet_range.beg_auth_asym_id 
_struct_sheet_range.beg_auth_seq_id 
_struct_sheet_range.end_auth_comp_id 
_struct_sheet_range.end_auth_asym_id 
_struct_sheet_range.end_auth_seq_id 
A 1 VAL A 74  ? LEU A 76  ? VAL A 74  LEU A 76  
A 2 GLU A 56  ? ALA A 61  ? GLU A 56  ALA A 61  
A 3 THR A 16  ? GLY A 22  ? THR A 16  GLY A 22  
A 4 ASN A 99  ? SER A 104 ? ASN A 99  SER A 104 
A 5 LEU A 134 ? SER A 142 ? LEU A 134 SER A 142 
A 6 VAL A 126 ? LYS A 130 ? VAL A 126 LYS A 130 
A 7 ASN A 170 ? GLU A 173 ? ASN A 170 GLU A 173 
# 
loop_
_pdbx_struct_sheet_hbond.sheet_id 
_pdbx_struct_sheet_hbond.range_id_1 
_pdbx_struct_sheet_hbond.range_id_2 
_pdbx_struct_sheet_hbond.range_1_label_atom_id 
_pdbx_struct_sheet_hbond.range_1_label_comp_id 
_pdbx_struct_sheet_hbond.range_1_label_asym_id 
_pdbx_struct_sheet_hbond.range_1_label_seq_id 
_pdbx_struct_sheet_hbond.range_1_PDB_ins_code 
_pdbx_struct_sheet_hbond.range_1_auth_atom_id 
_pdbx_struct_sheet_hbond.range_1_auth_comp_id 
_pdbx_struct_sheet_hbond.range_1_auth_asym_id 
_pdbx_struct_sheet_hbond.range_1_auth_seq_id 
_pdbx_struct_sheet_hbond.range_2_label_atom_id 
_pdbx_struct_sheet_hbond.range_2_label_comp_id 
_pdbx_struct_sheet_hbond.range_2_label_asym_id 
_pdbx_struct_sheet_hbond.range_2_label_seq_id 
_pdbx_struct_sheet_hbond.range_2_PDB_ins_code 
_pdbx_struct_sheet_hbond.range_2_auth_atom_id 
_pdbx_struct_sheet_hbond.range_2_auth_comp_id 
_pdbx_struct_sheet_hbond.range_2_auth_asym_id 
_pdbx_struct_sheet_hbond.range_2_auth_seq_id 
A 1 2 O VAL A 75  ? O VAL A 75  N ILE A 59  ? N ILE A 59  
A 2 3 O TYR A 58  ? O TYR A 58  N VAL A 19  ? N VAL A 19  
A 3 4 N TYR A 18  ? N TYR A 18  O LEU A 103 ? O LEU A 103 
A 4 5 N VAL A 102 ? N VAL A 102 O GLY A 139 ? O GLY A 139 
A 5 6 O VAL A 138 ? O VAL A 138 N ALA A 129 ? N ALA A 129 
A 6 7 N VAL A 126 ? N VAL A 126 O ASN A 170 ? O ASN A 170 
# 
loop_
_pdbx_validate_rmsd_angle.id 
_pdbx_validate_rmsd_angle.PDB_model_num 
_pdbx_validate_rmsd_angle.auth_atom_id_1 
_pdbx_validate_rmsd_angle.auth_asym_id_1 
_pdbx_validate_rmsd_angle.auth_comp_id_1 
_pdbx_validate_rmsd_angle.auth_seq_id_1 
_pdbx_validate_rmsd_angle.PDB_ins_code_1 
_pdbx_validate_rmsd_angle.label_alt_id_1 
_pdbx_validate_rmsd_angle.auth_atom_id_2 
_pdbx_validate_rmsd_angle.auth_asym_id_2 
_pdbx_validate_rmsd_angle.auth_comp_id_2 
_pdbx_validate_rmsd_angle.auth_seq_id_2 
_pdbx_validate_rmsd_angle.PDB_ins_code_2 
_pdbx_validate_rmsd_angle.label_alt_id_2 
_pdbx_validate_rmsd_angle.auth_atom_id_3 
_pdbx_validate_rmsd_angle.auth_asym_id_3 
_pdbx_validate_rmsd_angle.auth_comp_id_3 
_pdbx_validate_rmsd_angle.auth_seq_id_3 
_pdbx_validate_rmsd_angle.PDB_ins_code_3 
_pdbx_validate_rmsd_angle.label_alt_id_3 
_pdbx_validate_rmsd_angle.angle_value 
_pdbx_validate_rmsd_angle.angle_target_value 
_pdbx_validate_rmsd_angle.angle_deviation 
_pdbx_validate_rmsd_angle.angle_standard_deviation 
_pdbx_validate_rmsd_angle.linker_flag 
1 1 N A TRP 6   ? ? CA A TRP 6   ? ? CB A TRP 6   ? ? 99.42  110.60 -11.18 1.80 N 
2 1 N A THR 187 ? ? CA A THR 187 ? ? C  A THR 187 ? ? 145.40 111.00 34.40  2.70 N 
# 
loop_
_pdbx_validate_torsion.id 
_pdbx_validate_torsion.PDB_model_num 
_pdbx_validate_torsion.auth_comp_id 
_pdbx_validate_torsion.auth_asym_id 
_pdbx_validate_torsion.auth_seq_id 
_pdbx_validate_torsion.PDB_ins_code 
_pdbx_validate_torsion.label_alt_id 
_pdbx_validate_torsion.phi 
_pdbx_validate_torsion.psi 
1 1 SER A 10  ? ? -86.93  -72.00  
2 1 ALA A 95  ? ? -38.55  131.63  
3 1 THR A 131 ? ? -115.92 -129.35 
4 1 ASN A 186 ? ? -160.39 -143.26 
# 
_pdbx_SG_project.id                    1 
_pdbx_SG_project.project_name          'NPPSFA, National Project on Protein Structural and Functional Analyses' 
_pdbx_SG_project.full_name_of_center   'RIKEN Structural Genomics/Proteomics Initiative' 
_pdbx_SG_project.initial_of_center     RSGI 
# 
loop_
_pdbx_unobs_or_zero_occ_residues.id 
_pdbx_unobs_or_zero_occ_residues.PDB_model_num 
_pdbx_unobs_or_zero_occ_residues.polymer_flag 
_pdbx_unobs_or_zero_occ_residues.occupancy_flag 
_pdbx_unobs_or_zero_occ_residues.auth_asym_id 
_pdbx_unobs_or_zero_occ_residues.auth_comp_id 
_pdbx_unobs_or_zero_occ_residues.auth_seq_id 
_pdbx_unobs_or_zero_occ_residues.PDB_ins_code 
_pdbx_unobs_or_zero_occ_residues.label_asym_id 
_pdbx_unobs_or_zero_occ_residues.label_comp_id 
_pdbx_unobs_or_zero_occ_residues.label_seq_id 
1  1 Y 1 A MET 1   ? A MET 1   
2  1 Y 1 A ARG 2   ? A ARG 2   
3  1 Y 1 A THR 3   ? A THR 3   
4  1 Y 1 A GLU 189 ? A GLU 189 
5  1 Y 1 A ASP 190 ? A ASP 190 
6  1 Y 1 A LEU 191 ? A LEU 191 
7  1 Y 1 A LYS 192 ? A LYS 192 
8  1 Y 1 A ARG 193 ? A ARG 193 
9  1 Y 1 A ILE 194 ? A ILE 194 
10 1 Y 1 A LEU 195 ? A LEU 195 
11 1 Y 1 A ALA 196 ? A ALA 196 
12 1 Y 1 A ILE 197 ? A ILE 197 
13 1 Y 1 A GLU 198 ? A GLU 198 
14 1 Y 1 A ASN 199 ? A ASN 199 
15 1 Y 1 A HIS 200 ? A HIS 200 
16 1 Y 1 A TYR 201 ? A TYR 201 
# 
loop_
_chem_comp_atom.comp_id 
_chem_comp_atom.atom_id 
_chem_comp_atom.type_symbol 
_chem_comp_atom.pdbx_aromatic_flag 
_chem_comp_atom.pdbx_stereo_config 
_chem_comp_atom.pdbx_ordinal 
ALA N    N N N 1   
ALA CA   C N S 2   
ALA C    C N N 3   
ALA O    O N N 4   
ALA CB   C N N 5   
ALA OXT  O N N 6   
ALA H    H N N 7   
ALA H2   H N N 8   
ALA HA   H N N 9   
ALA HB1  H N N 10  
ALA HB2  H N N 11  
ALA HB3  H N N 12  
ALA HXT  H N N 13  
ARG N    N N N 14  
ARG CA   C N S 15  
ARG C    C N N 16  
ARG O    O N N 17  
ARG CB   C N N 18  
ARG CG   C N N 19  
ARG CD   C N N 20  
ARG NE   N N N 21  
ARG CZ   C N N 22  
ARG NH1  N N N 23  
ARG NH2  N N N 24  
ARG OXT  O N N 25  
ARG H    H N N 26  
ARG H2   H N N 27  
ARG HA   H N N 28  
ARG HB2  H N N 29  
ARG HB3  H N N 30  
ARG HG2  H N N 31  
ARG HG3  H N N 32  
ARG HD2  H N N 33  
ARG HD3  H N N 34  
ARG HE   H N N 35  
ARG HH11 H N N 36  
ARG HH12 H N N 37  
ARG HH21 H N N 38  
ARG HH22 H N N 39  
ARG HXT  H N N 40  
ASN N    N N N 41  
ASN CA   C N S 42  
ASN C    C N N 43  
ASN O    O N N 44  
ASN CB   C N N 45  
ASN CG   C N N 46  
ASN OD1  O N N 47  
ASN ND2  N N N 48  
ASN OXT  O N N 49  
ASN H    H N N 50  
ASN H2   H N N 51  
ASN HA   H N N 52  
ASN HB2  H N N 53  
ASN HB3  H N N 54  
ASN HD21 H N N 55  
ASN HD22 H N N 56  
ASN HXT  H N N 57  
ASP N    N N N 58  
ASP CA   C N S 59  
ASP C    C N N 60  
ASP O    O N N 61  
ASP CB   C N N 62  
ASP CG   C N N 63  
ASP OD1  O N N 64  
ASP OD2  O N N 65  
ASP OXT  O N N 66  
ASP H    H N N 67  
ASP H2   H N N 68  
ASP HA   H N N 69  
ASP HB2  H N N 70  
ASP HB3  H N N 71  
ASP HD2  H N N 72  
ASP HXT  H N N 73  
CYS N    N N N 74  
CYS CA   C N R 75  
CYS C    C N N 76  
CYS O    O N N 77  
CYS CB   C N N 78  
CYS SG   S N N 79  
CYS OXT  O N N 80  
CYS H    H N N 81  
CYS H2   H N N 82  
CYS HA   H N N 83  
CYS HB2  H N N 84  
CYS HB3  H N N 85  
CYS HG   H N N 86  
CYS HXT  H N N 87  
GLU N    N N N 88  
GLU CA   C N S 89  
GLU C    C N N 90  
GLU O    O N N 91  
GLU CB   C N N 92  
GLU CG   C N N 93  
GLU CD   C N N 94  
GLU OE1  O N N 95  
GLU OE2  O N N 96  
GLU OXT  O N N 97  
GLU H    H N N 98  
GLU H2   H N N 99  
GLU HA   H N N 100 
GLU HB2  H N N 101 
GLU HB3  H N N 102 
GLU HG2  H N N 103 
GLU HG3  H N N 104 
GLU HE2  H N N 105 
GLU HXT  H N N 106 
GLY N    N N N 107 
GLY CA   C N N 108 
GLY C    C N N 109 
GLY O    O N N 110 
GLY OXT  O N N 111 
GLY H    H N N 112 
GLY H2   H N N 113 
GLY HA2  H N N 114 
GLY HA3  H N N 115 
GLY HXT  H N N 116 
HIS N    N N N 117 
HIS CA   C N S 118 
HIS C    C N N 119 
HIS O    O N N 120 
HIS CB   C N N 121 
HIS CG   C Y N 122 
HIS ND1  N Y N 123 
HIS CD2  C Y N 124 
HIS CE1  C Y N 125 
HIS NE2  N Y N 126 
HIS OXT  O N N 127 
HIS H    H N N 128 
HIS H2   H N N 129 
HIS HA   H N N 130 
HIS HB2  H N N 131 
HIS HB3  H N N 132 
HIS HD1  H N N 133 
HIS HD2  H N N 134 
HIS HE1  H N N 135 
HIS HE2  H N N 136 
HIS HXT  H N N 137 
HOH O    O N N 138 
HOH H1   H N N 139 
HOH H2   H N N 140 
ILE N    N N N 141 
ILE CA   C N S 142 
ILE C    C N N 143 
ILE O    O N N 144 
ILE CB   C N S 145 
ILE CG1  C N N 146 
ILE CG2  C N N 147 
ILE CD1  C N N 148 
ILE OXT  O N N 149 
ILE H    H N N 150 
ILE H2   H N N 151 
ILE HA   H N N 152 
ILE HB   H N N 153 
ILE HG12 H N N 154 
ILE HG13 H N N 155 
ILE HG21 H N N 156 
ILE HG22 H N N 157 
ILE HG23 H N N 158 
ILE HD11 H N N 159 
ILE HD12 H N N 160 
ILE HD13 H N N 161 
ILE HXT  H N N 162 
LEU N    N N N 163 
LEU CA   C N S 164 
LEU C    C N N 165 
LEU O    O N N 166 
LEU CB   C N N 167 
LEU CG   C N N 168 
LEU CD1  C N N 169 
LEU CD2  C N N 170 
LEU OXT  O N N 171 
LEU H    H N N 172 
LEU H2   H N N 173 
LEU HA   H N N 174 
LEU HB2  H N N 175 
LEU HB3  H N N 176 
LEU HG   H N N 177 
LEU HD11 H N N 178 
LEU HD12 H N N 179 
LEU HD13 H N N 180 
LEU HD21 H N N 181 
LEU HD22 H N N 182 
LEU HD23 H N N 183 
LEU HXT  H N N 184 
LYS N    N N N 185 
LYS CA   C N S 186 
LYS C    C N N 187 
LYS O    O N N 188 
LYS CB   C N N 189 
LYS CG   C N N 190 
LYS CD   C N N 191 
LYS CE   C N N 192 
LYS NZ   N N N 193 
LYS OXT  O N N 194 
LYS H    H N N 195 
LYS H2   H N N 196 
LYS HA   H N N 197 
LYS HB2  H N N 198 
LYS HB3  H N N 199 
LYS HG2  H N N 200 
LYS HG3  H N N 201 
LYS HD2  H N N 202 
LYS HD3  H N N 203 
LYS HE2  H N N 204 
LYS HE3  H N N 205 
LYS HZ1  H N N 206 
LYS HZ2  H N N 207 
LYS HZ3  H N N 208 
LYS HXT  H N N 209 
MET N    N N N 210 
MET CA   C N S 211 
MET C    C N N 212 
MET O    O N N 213 
MET CB   C N N 214 
MET CG   C N N 215 
MET SD   S N N 216 
MET CE   C N N 217 
MET OXT  O N N 218 
MET H    H N N 219 
MET H2   H N N 220 
MET HA   H N N 221 
MET HB2  H N N 222 
MET HB3  H N N 223 
MET HG2  H N N 224 
MET HG3  H N N 225 
MET HE1  H N N 226 
MET HE2  H N N 227 
MET HE3  H N N 228 
MET HXT  H N N 229 
PHE N    N N N 230 
PHE CA   C N S 231 
PHE C    C N N 232 
PHE O    O N N 233 
PHE CB   C N N 234 
PHE CG   C Y N 235 
PHE CD1  C Y N 236 
PHE CD2  C Y N 237 
PHE CE1  C Y N 238 
PHE CE2  C Y N 239 
PHE CZ   C Y N 240 
PHE OXT  O N N 241 
PHE H    H N N 242 
PHE H2   H N N 243 
PHE HA   H N N 244 
PHE HB2  H N N 245 
PHE HB3  H N N 246 
PHE HD1  H N N 247 
PHE HD2  H N N 248 
PHE HE1  H N N 249 
PHE HE2  H N N 250 
PHE HZ   H N N 251 
PHE HXT  H N N 252 
PRO N    N N N 253 
PRO CA   C N S 254 
PRO C    C N N 255 
PRO O    O N N 256 
PRO CB   C N N 257 
PRO CG   C N N 258 
PRO CD   C N N 259 
PRO OXT  O N N 260 
PRO H    H N N 261 
PRO HA   H N N 262 
PRO HB2  H N N 263 
PRO HB3  H N N 264 
PRO HG2  H N N 265 
PRO HG3  H N N 266 
PRO HD2  H N N 267 
PRO HD3  H N N 268 
PRO HXT  H N N 269 
SER N    N N N 270 
SER CA   C N S 271 
SER C    C N N 272 
SER O    O N N 273 
SER CB   C N N 274 
SER OG   O N N 275 
SER OXT  O N N 276 
SER H    H N N 277 
SER H2   H N N 278 
SER HA   H N N 279 
SER HB2  H N N 280 
SER HB3  H N N 281 
SER HG   H N N 282 
SER HXT  H N N 283 
THR N    N N N 284 
THR CA   C N S 285 
THR C    C N N 286 
THR O    O N N 287 
THR CB   C N R 288 
THR OG1  O N N 289 
THR CG2  C N N 290 
THR OXT  O N N 291 
THR H    H N N 292 
THR H2   H N N 293 
THR HA   H N N 294 
THR HB   H N N 295 
THR HG1  H N N 296 
THR HG21 H N N 297 
THR HG22 H N N 298 
THR HG23 H N N 299 
THR HXT  H N N 300 
TRP N    N N N 301 
TRP CA   C N S 302 
TRP C    C N N 303 
TRP O    O N N 304 
TRP CB   C N N 305 
TRP CG   C Y N 306 
TRP CD1  C Y N 307 
TRP CD2  C Y N 308 
TRP NE1  N Y N 309 
TRP CE2  C Y N 310 
TRP CE3  C Y N 311 
TRP CZ2  C Y N 312 
TRP CZ3  C Y N 313 
TRP CH2  C Y N 314 
TRP OXT  O N N 315 
TRP H    H N N 316 
TRP H2   H N N 317 
TRP HA   H N N 318 
TRP HB2  H N N 319 
TRP HB3  H N N 320 
TRP HD1  H N N 321 
TRP HE1  H N N 322 
TRP HE3  H N N 323 
TRP HZ2  H N N 324 
TRP HZ3  H N N 325 
TRP HH2  H N N 326 
TRP HXT  H N N 327 
TYR N    N N N 328 
TYR CA   C N S 329 
TYR C    C N N 330 
TYR O    O N N 331 
TYR CB   C N N 332 
TYR CG   C Y N 333 
TYR CD1  C Y N 334 
TYR CD2  C Y N 335 
TYR CE1  C Y N 336 
TYR CE2  C Y N 337 
TYR CZ   C Y N 338 
TYR OH   O N N 339 
TYR OXT  O N N 340 
TYR H    H N N 341 
TYR H2   H N N 342 
TYR HA   H N N 343 
TYR HB2  H N N 344 
TYR HB3  H N N 345 
TYR HD1  H N N 346 
TYR HD2  H N N 347 
TYR HE1  H N N 348 
TYR HE2  H N N 349 
TYR HH   H N N 350 
TYR HXT  H N N 351 
VAL N    N N N 352 
VAL CA   C N S 353 
VAL C    C N N 354 
VAL O    O N N 355 
VAL CB   C N N 356 
VAL CG1  C N N 357 
VAL CG2  C N N 358 
VAL OXT  O N N 359 
VAL H    H N N 360 
VAL H2   H N N 361 
VAL HA   H N N 362 
VAL HB   H N N 363 
VAL HG11 H N N 364 
VAL HG12 H N N 365 
VAL HG13 H N N 366 
VAL HG21 H N N 367 
VAL HG22 H N N 368 
VAL HG23 H N N 369 
VAL HXT  H N N 370 
# 
loop_
_chem_comp_bond.comp_id 
_chem_comp_bond.atom_id_1 
_chem_comp_bond.atom_id_2 
_chem_comp_bond.value_order 
_chem_comp_bond.pdbx_aromatic_flag 
_chem_comp_bond.pdbx_stereo_config 
_chem_comp_bond.pdbx_ordinal 
ALA N   CA   sing N N 1   
ALA N   H    sing N N 2   
ALA N   H2   sing N N 3   
ALA CA  C    sing N N 4   
ALA CA  CB   sing N N 5   
ALA CA  HA   sing N N 6   
ALA C   O    doub N N 7   
ALA C   OXT  sing N N 8   
ALA CB  HB1  sing N N 9   
ALA CB  HB2  sing N N 10  
ALA CB  HB3  sing N N 11  
ALA OXT HXT  sing N N 12  
ARG N   CA   sing N N 13  
ARG N   H    sing N N 14  
ARG N   H2   sing N N 15  
ARG CA  C    sing N N 16  
ARG CA  CB   sing N N 17  
ARG CA  HA   sing N N 18  
ARG C   O    doub N N 19  
ARG C   OXT  sing N N 20  
ARG CB  CG   sing N N 21  
ARG CB  HB2  sing N N 22  
ARG CB  HB3  sing N N 23  
ARG CG  CD   sing N N 24  
ARG CG  HG2  sing N N 25  
ARG CG  HG3  sing N N 26  
ARG CD  NE   sing N N 27  
ARG CD  HD2  sing N N 28  
ARG CD  HD3  sing N N 29  
ARG NE  CZ   sing N N 30  
ARG NE  HE   sing N N 31  
ARG CZ  NH1  sing N N 32  
ARG CZ  NH2  doub N N 33  
ARG NH1 HH11 sing N N 34  
ARG NH1 HH12 sing N N 35  
ARG NH2 HH21 sing N N 36  
ARG NH2 HH22 sing N N 37  
ARG OXT HXT  sing N N 38  
ASN N   CA   sing N N 39  
ASN N   H    sing N N 40  
ASN N   H2   sing N N 41  
ASN CA  C    sing N N 42  
ASN CA  CB   sing N N 43  
ASN CA  HA   sing N N 44  
ASN C   O    doub N N 45  
ASN C   OXT  sing N N 46  
ASN CB  CG   sing N N 47  
ASN CB  HB2  sing N N 48  
ASN CB  HB3  sing N N 49  
ASN CG  OD1  doub N N 50  
ASN CG  ND2  sing N N 51  
ASN ND2 HD21 sing N N 52  
ASN ND2 HD22 sing N N 53  
ASN OXT HXT  sing N N 54  
ASP N   CA   sing N N 55  
ASP N   H    sing N N 56  
ASP N   H2   sing N N 57  
ASP CA  C    sing N N 58  
ASP CA  CB   sing N N 59  
ASP CA  HA   sing N N 60  
ASP C   O    doub N N 61  
ASP C   OXT  sing N N 62  
ASP CB  CG   sing N N 63  
ASP CB  HB2  sing N N 64  
ASP CB  HB3  sing N N 65  
ASP CG  OD1  doub N N 66  
ASP CG  OD2  sing N N 67  
ASP OD2 HD2  sing N N 68  
ASP OXT HXT  sing N N 69  
CYS N   CA   sing N N 70  
CYS N   H    sing N N 71  
CYS N   H2   sing N N 72  
CYS CA  C    sing N N 73  
CYS CA  CB   sing N N 74  
CYS CA  HA   sing N N 75  
CYS C   O    doub N N 76  
CYS C   OXT  sing N N 77  
CYS CB  SG   sing N N 78  
CYS CB  HB2  sing N N 79  
CYS CB  HB3  sing N N 80  
CYS SG  HG   sing N N 81  
CYS OXT HXT  sing N N 82  
GLU N   CA   sing N N 83  
GLU N   H    sing N N 84  
GLU N   H2   sing N N 85  
GLU CA  C    sing N N 86  
GLU CA  CB   sing N N 87  
GLU CA  HA   sing N N 88  
GLU C   O    doub N N 89  
GLU C   OXT  sing N N 90  
GLU CB  CG   sing N N 91  
GLU CB  HB2  sing N N 92  
GLU CB  HB3  sing N N 93  
GLU CG  CD   sing N N 94  
GLU CG  HG2  sing N N 95  
GLU CG  HG3  sing N N 96  
GLU CD  OE1  doub N N 97  
GLU CD  OE2  sing N N 98  
GLU OE2 HE2  sing N N 99  
GLU OXT HXT  sing N N 100 
GLY N   CA   sing N N 101 
GLY N   H    sing N N 102 
GLY N   H2   sing N N 103 
GLY CA  C    sing N N 104 
GLY CA  HA2  sing N N 105 
GLY CA  HA3  sing N N 106 
GLY C   O    doub N N 107 
GLY C   OXT  sing N N 108 
GLY OXT HXT  sing N N 109 
HIS N   CA   sing N N 110 
HIS N   H    sing N N 111 
HIS N   H2   sing N N 112 
HIS CA  C    sing N N 113 
HIS CA  CB   sing N N 114 
HIS CA  HA   sing N N 115 
HIS C   O    doub N N 116 
HIS C   OXT  sing N N 117 
HIS CB  CG   sing N N 118 
HIS CB  HB2  sing N N 119 
HIS CB  HB3  sing N N 120 
HIS CG  ND1  sing Y N 121 
HIS CG  CD2  doub Y N 122 
HIS ND1 CE1  doub Y N 123 
HIS ND1 HD1  sing N N 124 
HIS CD2 NE2  sing Y N 125 
HIS CD2 HD2  sing N N 126 
HIS CE1 NE2  sing Y N 127 
HIS CE1 HE1  sing N N 128 
HIS NE2 HE2  sing N N 129 
HIS OXT HXT  sing N N 130 
HOH O   H1   sing N N 131 
HOH O   H2   sing N N 132 
ILE N   CA   sing N N 133 
ILE N   H    sing N N 134 
ILE N   H2   sing N N 135 
ILE CA  C    sing N N 136 
ILE CA  CB   sing N N 137 
ILE CA  HA   sing N N 138 
ILE C   O    doub N N 139 
ILE C   OXT  sing N N 140 
ILE CB  CG1  sing N N 141 
ILE CB  CG2  sing N N 142 
ILE CB  HB   sing N N 143 
ILE CG1 CD1  sing N N 144 
ILE CG1 HG12 sing N N 145 
ILE CG1 HG13 sing N N 146 
ILE CG2 HG21 sing N N 147 
ILE CG2 HG22 sing N N 148 
ILE CG2 HG23 sing N N 149 
ILE CD1 HD11 sing N N 150 
ILE CD1 HD12 sing N N 151 
ILE CD1 HD13 sing N N 152 
ILE OXT HXT  sing N N 153 
LEU N   CA   sing N N 154 
LEU N   H    sing N N 155 
LEU N   H2   sing N N 156 
LEU CA  C    sing N N 157 
LEU CA  CB   sing N N 158 
LEU CA  HA   sing N N 159 
LEU C   O    doub N N 160 
LEU C   OXT  sing N N 161 
LEU CB  CG   sing N N 162 
LEU CB  HB2  sing N N 163 
LEU CB  HB3  sing N N 164 
LEU CG  CD1  sing N N 165 
LEU CG  CD2  sing N N 166 
LEU CG  HG   sing N N 167 
LEU CD1 HD11 sing N N 168 
LEU CD1 HD12 sing N N 169 
LEU CD1 HD13 sing N N 170 
LEU CD2 HD21 sing N N 171 
LEU CD2 HD22 sing N N 172 
LEU CD2 HD23 sing N N 173 
LEU OXT HXT  sing N N 174 
LYS N   CA   sing N N 175 
LYS N   H    sing N N 176 
LYS N   H2   sing N N 177 
LYS CA  C    sing N N 178 
LYS CA  CB   sing N N 179 
LYS CA  HA   sing N N 180 
LYS C   O    doub N N 181 
LYS C   OXT  sing N N 182 
LYS CB  CG   sing N N 183 
LYS CB  HB2  sing N N 184 
LYS CB  HB3  sing N N 185 
LYS CG  CD   sing N N 186 
LYS CG  HG2  sing N N 187 
LYS CG  HG3  sing N N 188 
LYS CD  CE   sing N N 189 
LYS CD  HD2  sing N N 190 
LYS CD  HD3  sing N N 191 
LYS CE  NZ   sing N N 192 
LYS CE  HE2  sing N N 193 
LYS CE  HE3  sing N N 194 
LYS NZ  HZ1  sing N N 195 
LYS NZ  HZ2  sing N N 196 
LYS NZ  HZ3  sing N N 197 
LYS OXT HXT  sing N N 198 
MET N   CA   sing N N 199 
MET N   H    sing N N 200 
MET N   H2   sing N N 201 
MET CA  C    sing N N 202 
MET CA  CB   sing N N 203 
MET CA  HA   sing N N 204 
MET C   O    doub N N 205 
MET C   OXT  sing N N 206 
MET CB  CG   sing N N 207 
MET CB  HB2  sing N N 208 
MET CB  HB3  sing N N 209 
MET CG  SD   sing N N 210 
MET CG  HG2  sing N N 211 
MET CG  HG3  sing N N 212 
MET SD  CE   sing N N 213 
MET CE  HE1  sing N N 214 
MET CE  HE2  sing N N 215 
MET CE  HE3  sing N N 216 
MET OXT HXT  sing N N 217 
PHE N   CA   sing N N 218 
PHE N   H    sing N N 219 
PHE N   H2   sing N N 220 
PHE CA  C    sing N N 221 
PHE CA  CB   sing N N 222 
PHE CA  HA   sing N N 223 
PHE C   O    doub N N 224 
PHE C   OXT  sing N N 225 
PHE CB  CG   sing N N 226 
PHE CB  HB2  sing N N 227 
PHE CB  HB3  sing N N 228 
PHE CG  CD1  doub Y N 229 
PHE CG  CD2  sing Y N 230 
PHE CD1 CE1  sing Y N 231 
PHE CD1 HD1  sing N N 232 
PHE CD2 CE2  doub Y N 233 
PHE CD2 HD2  sing N N 234 
PHE CE1 CZ   doub Y N 235 
PHE CE1 HE1  sing N N 236 
PHE CE2 CZ   sing Y N 237 
PHE CE2 HE2  sing N N 238 
PHE CZ  HZ   sing N N 239 
PHE OXT HXT  sing N N 240 
PRO N   CA   sing N N 241 
PRO N   CD   sing N N 242 
PRO N   H    sing N N 243 
PRO CA  C    sing N N 244 
PRO CA  CB   sing N N 245 
PRO CA  HA   sing N N 246 
PRO C   O    doub N N 247 
PRO C   OXT  sing N N 248 
PRO CB  CG   sing N N 249 
PRO CB  HB2  sing N N 250 
PRO CB  HB3  sing N N 251 
PRO CG  CD   sing N N 252 
PRO CG  HG2  sing N N 253 
PRO CG  HG3  sing N N 254 
PRO CD  HD2  sing N N 255 
PRO CD  HD3  sing N N 256 
PRO OXT HXT  sing N N 257 
SER N   CA   sing N N 258 
SER N   H    sing N N 259 
SER N   H2   sing N N 260 
SER CA  C    sing N N 261 
SER CA  CB   sing N N 262 
SER CA  HA   sing N N 263 
SER C   O    doub N N 264 
SER C   OXT  sing N N 265 
SER CB  OG   sing N N 266 
SER CB  HB2  sing N N 267 
SER CB  HB3  sing N N 268 
SER OG  HG   sing N N 269 
SER OXT HXT  sing N N 270 
THR N   CA   sing N N 271 
THR N   H    sing N N 272 
THR N   H2   sing N N 273 
THR CA  C    sing N N 274 
THR CA  CB   sing N N 275 
THR CA  HA   sing N N 276 
THR C   O    doub N N 277 
THR C   OXT  sing N N 278 
THR CB  OG1  sing N N 279 
THR CB  CG2  sing N N 280 
THR CB  HB   sing N N 281 
THR OG1 HG1  sing N N 282 
THR CG2 HG21 sing N N 283 
THR CG2 HG22 sing N N 284 
THR CG2 HG23 sing N N 285 
THR OXT HXT  sing N N 286 
TRP N   CA   sing N N 287 
TRP N   H    sing N N 288 
TRP N   H2   sing N N 289 
TRP CA  C    sing N N 290 
TRP CA  CB   sing N N 291 
TRP CA  HA   sing N N 292 
TRP C   O    doub N N 293 
TRP C   OXT  sing N N 294 
TRP CB  CG   sing N N 295 
TRP CB  HB2  sing N N 296 
TRP CB  HB3  sing N N 297 
TRP CG  CD1  doub Y N 298 
TRP CG  CD2  sing Y N 299 
TRP CD1 NE1  sing Y N 300 
TRP CD1 HD1  sing N N 301 
TRP CD2 CE2  doub Y N 302 
TRP CD2 CE3  sing Y N 303 
TRP NE1 CE2  sing Y N 304 
TRP NE1 HE1  sing N N 305 
TRP CE2 CZ2  sing Y N 306 
TRP CE3 CZ3  doub Y N 307 
TRP CE3 HE3  sing N N 308 
TRP CZ2 CH2  doub Y N 309 
TRP CZ2 HZ2  sing N N 310 
TRP CZ3 CH2  sing Y N 311 
TRP CZ3 HZ3  sing N N 312 
TRP CH2 HH2  sing N N 313 
TRP OXT HXT  sing N N 314 
TYR N   CA   sing N N 315 
TYR N   H    sing N N 316 
TYR N   H2   sing N N 317 
TYR CA  C    sing N N 318 
TYR CA  CB   sing N N 319 
TYR CA  HA   sing N N 320 
TYR C   O    doub N N 321 
TYR C   OXT  sing N N 322 
TYR CB  CG   sing N N 323 
TYR CB  HB2  sing N N 324 
TYR CB  HB3  sing N N 325 
TYR CG  CD1  doub Y N 326 
TYR CG  CD2  sing Y N 327 
TYR CD1 CE1  sing Y N 328 
TYR CD1 HD1  sing N N 329 
TYR CD2 CE2  doub Y N 330 
TYR CD2 HD2  sing N N 331 
TYR CE1 CZ   doub Y N 332 
TYR CE1 HE1  sing N N 333 
TYR CE2 CZ   sing Y N 334 
TYR CE2 HE2  sing N N 335 
TYR CZ  OH   sing N N 336 
TYR OH  HH   sing N N 337 
TYR OXT HXT  sing N N 338 
VAL N   CA   sing N N 339 
VAL N   H    sing N N 340 
VAL N   H2   sing N N 341 
VAL CA  C    sing N N 342 
VAL CA  CB   sing N N 343 
VAL CA  HA   sing N N 344 
VAL C   O    doub N N 345 
VAL C   OXT  sing N N 346 
VAL CB  CG1  sing N N 347 
VAL CB  CG2  sing N N 348 
VAL CB  HB   sing N N 349 
VAL CG1 HG11 sing N N 350 
VAL CG1 HG12 sing N N 351 
VAL CG1 HG13 sing N N 352 
VAL CG2 HG21 sing N N 353 
VAL CG2 HG22 sing N N 354 
VAL CG2 HG23 sing N N 355 
VAL OXT HXT  sing N N 356 
# 
_atom_sites.entry_id                    2E8B 
_atom_sites.fract_transf_matrix[1][1]   0.01280077 
_atom_sites.fract_transf_matrix[1][2]   -0.01476197 
_atom_sites.fract_transf_matrix[1][3]   -0.00104490 
_atom_sites.fract_transf_matrix[2][1]   -0.00248163 
_atom_sites.fract_transf_matrix[2][2]   -0.00336259 
_atom_sites.fract_transf_matrix[2][3]   0.01710383 
_atom_sites.fract_transf_matrix[3][1]   -0.01184826 
_atom_sites.fract_transf_matrix[3][2]   -0.01001314 
_atom_sites.fract_transf_matrix[3][3]   -0.00368766 
_atom_sites.fract_transf_vector[1]      0.491697 
_atom_sites.fract_transf_vector[2]      0.597523 
_atom_sites.fract_transf_vector[3]      0.031029 
# 
loop_
_atom_type.symbol 
C 
N 
O 
S 
# 
loop_
_atom_site.group_PDB 
_atom_site.id 
_atom_site.type_symbol 
_atom_site.label_atom_id 
_atom_site.label_alt_id 
_atom_site.label_comp_id 
_atom_site.label_asym_id 
_atom_site.label_entity_id 
_atom_site.label_seq_id 
_atom_site.pdbx_PDB_ins_code 
_atom_site.Cartn_x 
_atom_site.Cartn_y 
_atom_site.Cartn_z 
_atom_site.occupancy 
_atom_site.B_iso_or_equiv 
_atom_site.pdbx_formal_charge 
_atom_site.auth_seq_id 
_atom_site.auth_comp_id 
_atom_site.auth_asym_id 
_atom_site.auth_atom_id 
_atom_site.pdbx_PDB_model_num 
ATOM   1    N N   . PHE A 1 4   ? -13.761 10.463  0.767   1.00 23.52 ? 4   PHE A N   1 
ATOM   2    C CA  . PHE A 1 4   ? -14.815 9.404   0.722   1.00 21.88 ? 4   PHE A CA  1 
ATOM   3    C C   . PHE A 1 4   ? -14.836 8.876   -0.697  1.00 22.85 ? 4   PHE A C   1 
ATOM   4    O O   . PHE A 1 4   ? -14.245 9.496   -1.587  1.00 24.93 ? 4   PHE A O   1 
ATOM   5    C CB  . PHE A 1 4   ? -16.176 10.002  1.085   1.00 22.04 ? 4   PHE A CB  1 
ATOM   6    C CG  . PHE A 1 4   ? -17.128 9.033   1.740   1.00 19.48 ? 4   PHE A CG  1 
ATOM   7    C CD1 . PHE A 1 4   ? -16.685 8.130   2.700   1.00 20.89 ? 4   PHE A CD1 1 
ATOM   8    C CD2 . PHE A 1 4   ? -18.484 9.092   1.463   1.00 20.92 ? 4   PHE A CD2 1 
ATOM   9    C CE1 . PHE A 1 4   ? -17.593 7.310   3.380   1.00 20.18 ? 4   PHE A CE1 1 
ATOM   10   C CE2 . PHE A 1 4   ? -19.401 8.270   2.143   1.00 19.34 ? 4   PHE A CE2 1 
ATOM   11   C CZ  . PHE A 1 4   ? -18.941 7.385   3.101   1.00 18.58 ? 4   PHE A CZ  1 
ATOM   12   N N   . THR A 1 5   ? -15.494 7.739   -0.914  1.00 23.76 ? 5   THR A N   1 
ATOM   13   C CA  . THR A 1 5   ? -15.551 7.169   -2.249  1.00 24.22 ? 5   THR A CA  1 
ATOM   14   C C   . THR A 1 5   ? -16.511 7.573   -3.342  1.00 29.09 ? 5   THR A C   1 
ATOM   15   O O   . THR A 1 5   ? -16.091 7.779   -4.477  1.00 27.88 ? 5   THR A O   1 
ATOM   16   C CB  . THR A 1 5   ? -15.967 5.698   -2.216  1.00 21.98 ? 5   THR A CB  1 
ATOM   17   O OG1 . THR A 1 5   ? -16.204 5.238   -3.553  1.00 22.43 ? 5   THR A OG1 1 
ATOM   18   C CG2 . THR A 1 5   ? -17.233 5.521   -1.384  1.00 21.07 ? 5   THR A CG2 1 
ATOM   19   N N   . TRP A 1 6   ? -17.793 7.664   -3.000  1.00 47.42 ? 6   TRP A N   1 
ATOM   20   C CA  . TRP A 1 6   ? -18.845 8.072   -3.931  1.00 54.31 ? 6   TRP A CA  1 
ATOM   21   C C   . TRP A 1 6   ? -18.651 9.253   -4.878  1.00 56.68 ? 6   TRP A C   1 
ATOM   22   O O   . TRP A 1 6   ? -19.110 9.218   -6.017  1.00 57.47 ? 6   TRP A O   1 
ATOM   23   C CB  . TRP A 1 6   ? -19.814 8.704   -2.948  1.00 57.03 ? 6   TRP A CB  1 
ATOM   24   N N   . ARG A 1 7   ? -17.972 10.297  -4.406  1.00 56.46 ? 7   ARG A N   1 
ATOM   25   C CA  . ARG A 1 7   ? -17.531 11.382  -5.271  1.00 55.69 ? 7   ARG A CA  1 
ATOM   26   C C   . ARG A 1 7   ? -16.064 11.633  -4.928  1.00 54.32 ? 7   ARG A C   1 
ATOM   27   O O   . ARG A 1 7   ? -15.736 12.199  -3.883  1.00 54.39 ? 7   ARG A O   1 
ATOM   28   C CB  . ARG A 1 7   ? -18.354 12.634  -5.083  1.00 57.04 ? 7   ARG A CB  1 
ATOM   29   N N   . LYS A 1 8   ? -15.184 11.204  -5.829  1.00 51.37 ? 8   LYS A N   1 
ATOM   30   C CA  . LYS A 1 8   ? -13.751 11.362  -5.646  1.00 48.99 ? 8   LYS A CA  1 
ATOM   31   C C   . LYS A 1 8   ? -13.344 12.825  -5.677  1.00 47.33 ? 8   LYS A C   1 
ATOM   32   O O   . LYS A 1 8   ? -13.732 13.571  -6.578  1.00 46.54 ? 8   LYS A O   1 
ATOM   33   C CB  . LYS A 1 8   ? -12.997 10.587  -6.736  1.00 49.09 ? 8   LYS A CB  1 
ATOM   34   C CG  . LYS A 1 8   ? -13.549 9.196   -7.004  1.00 48.39 ? 8   LYS A CG  1 
ATOM   35   C CD  . LYS A 1 8   ? -12.827 8.506   -8.148  1.00 48.71 ? 8   LYS A CD  1 
ATOM   36   C CE  . LYS A 1 8   ? -13.489 7.183   -8.462  1.00 49.26 ? 8   LYS A CE  1 
ATOM   37   N NZ  . LYS A 1 8   ? -13.635 6.329   -7.255  1.00 49.12 ? 8   LYS A NZ  1 
ATOM   38   N N   . GLY A 1 9   ? -12.567 13.222  -4.675  1.00 45.38 ? 9   GLY A N   1 
ATOM   39   C CA  . GLY A 1 9   ? -12.090 14.589  -4.596  1.00 42.87 ? 9   GLY A CA  1 
ATOM   40   C C   . GLY A 1 9   ? -12.881 15.541  -3.715  1.00 41.10 ? 9   GLY A C   1 
ATOM   41   O O   . GLY A 1 9   ? -12.443 16.670  -3.481  1.00 40.99 ? 9   GLY A O   1 
ATOM   42   N N   . SER A 1 10  ? -14.033 15.102  -3.216  1.00 39.46 ? 10  SER A N   1 
ATOM   43   C CA  . SER A 1 10  ? -14.863 15.959  -2.377  1.00 38.24 ? 10  SER A CA  1 
ATOM   44   C C   . SER A 1 10  ? -14.503 15.919  -0.892  1.00 36.39 ? 10  SER A C   1 
ATOM   45   O O   . SER A 1 10  ? -13.942 16.881  -0.365  1.00 36.20 ? 10  SER A O   1 
ATOM   46   C CB  . SER A 1 10  ? -16.342 15.606  -2.566  1.00 38.90 ? 10  SER A CB  1 
ATOM   47   O OG  . SER A 1 10  ? -16.593 14.251  -2.244  1.00 41.31 ? 10  SER A OG  1 
ATOM   48   N N   . LEU A 1 11  ? -14.814 14.815  -0.216  1.00 33.96 ? 11  LEU A N   1 
ATOM   49   C CA  . LEU A 1 11  ? -14.529 14.705  1.213   1.00 31.68 ? 11  LEU A CA  1 
ATOM   50   C C   . LEU A 1 11  ? -13.053 14.563  1.565   1.00 30.60 ? 11  LEU A C   1 
ATOM   51   O O   . LEU A 1 11  ? -12.627 14.980  2.640   1.00 30.76 ? 11  LEU A O   1 
ATOM   52   C CB  . LEU A 1 11  ? -15.326 13.553  1.832   1.00 30.51 ? 11  LEU A CB  1 
ATOM   53   C CG  . LEU A 1 11  ? -16.793 13.885  2.125   1.00 30.93 ? 11  LEU A CG  1 
ATOM   54   C CD1 . LEU A 1 11  ? -17.516 14.215  0.833   1.00 32.92 ? 11  LEU A CD1 1 
ATOM   55   C CD2 . LEU A 1 11  ? -17.464 12.716  2.818   1.00 32.41 ? 11  LEU A CD2 1 
ATOM   56   N N   . SER A 1 12  ? -12.270 13.970  0.673   1.00 28.58 ? 12  SER A N   1 
ATOM   57   C CA  . SER A 1 12  ? -10.844 13.820  0.932   1.00 28.03 ? 12  SER A CA  1 
ATOM   58   C C   . SER A 1 12  ? -10.031 14.386  -0.219  1.00 27.21 ? 12  SER A C   1 
ATOM   59   O O   . SER A 1 12  ? -10.397 14.225  -1.385  1.00 27.25 ? 12  SER A O   1 
ATOM   60   C CB  . SER A 1 12  ? -10.485 12.350  1.140   1.00 26.21 ? 12  SER A CB  1 
ATOM   61   O OG  . SER A 1 12  ? -9.086  12.205  1.298   1.00 26.16 ? 12  SER A OG  1 
ATOM   62   N N   . LYS A 1 13  ? -8.933  15.058  0.112   1.00 26.77 ? 13  LYS A N   1 
ATOM   63   C CA  . LYS A 1 13  ? -8.066  15.642  -0.901  1.00 26.97 ? 13  LYS A CA  1 
ATOM   64   C C   . LYS A 1 13  ? -7.043  14.626  -1.383  1.00 26.31 ? 13  LYS A C   1 
ATOM   65   O O   . LYS A 1 13  ? -6.208  14.923  -2.237  1.00 26.76 ? 13  LYS A O   1 
ATOM   66   C CB  . LYS A 1 13  ? -7.362  16.885  -0.350  1.00 28.68 ? 13  LYS A CB  1 
ATOM   67   C CG  . LYS A 1 13  ? -8.282  18.084  -0.160  1.00 32.43 ? 13  LYS A CG  1 
ATOM   68   C CD  . LYS A 1 13  ? -8.854  18.567  -1.489  1.00 34.38 ? 13  LYS A CD  1 
ATOM   69   C CE  . LYS A 1 13  ? -9.663  19.845  -1.317  1.00 36.86 ? 13  LYS A CE  1 
ATOM   70   N NZ  . LYS A 1 13  ? -10.213 20.347  -2.610  1.00 37.01 ? 13  LYS A NZ  1 
ATOM   71   N N   . VAL A 1 14  ? -7.104  13.424  -0.821  1.00 24.16 ? 14  VAL A N   1 
ATOM   72   C CA  . VAL A 1 14  ? -6.205  12.357  -1.235  1.00 21.79 ? 14  VAL A CA  1 
ATOM   73   C C   . VAL A 1 14  ? -6.909  11.707  -2.421  1.00 20.51 ? 14  VAL A C   1 
ATOM   74   O O   . VAL A 1 14  ? -7.868  10.953  -2.251  1.00 21.97 ? 14  VAL A O   1 
ATOM   75   C CB  . VAL A 1 14  ? -5.995  11.318  -0.105  1.00 20.37 ? 14  VAL A CB  1 
ATOM   76   C CG1 . VAL A 1 14  ? -5.078  10.199  -0.589  1.00 20.07 ? 14  VAL A CG1 1 
ATOM   77   C CG2 . VAL A 1 14  ? -5.392  11.996  1.121   1.00 20.36 ? 14  VAL A CG2 1 
ATOM   78   N N   . ASN A 1 15  ? -6.446  12.028  -3.625  1.00 19.80 ? 15  ASN A N   1 
ATOM   79   C CA  . ASN A 1 15  ? -7.051  11.502  -4.842  1.00 19.94 ? 15  ASN A CA  1 
ATOM   80   C C   . ASN A 1 15  ? -6.263  10.387  -5.518  1.00 18.97 ? 15  ASN A C   1 
ATOM   81   O O   . ASN A 1 15  ? -6.738  9.797   -6.490  1.00 18.12 ? 15  ASN A O   1 
ATOM   82   C CB  . ASN A 1 15  ? -7.252  12.636  -5.852  1.00 23.02 ? 15  ASN A CB  1 
ATOM   83   C CG  . ASN A 1 15  ? -8.149  13.735  -5.324  1.00 25.68 ? 15  ASN A CG  1 
ATOM   84   O OD1 . ASN A 1 15  ? -9.308  13.497  -4.987  1.00 28.05 ? 15  ASN A OD1 1 
ATOM   85   N ND2 . ASN A 1 15  ? -7.615  14.950  -5.253  1.00 26.11 ? 15  ASN A ND2 1 
ATOM   86   N N   . THR A 1 16  ? -5.066  10.091  -5.019  1.00 18.38 ? 16  THR A N   1 
ATOM   87   C CA  . THR A 1 16  ? -4.255  9.050   -5.639  1.00 18.62 ? 16  THR A CA  1 
ATOM   88   C C   . THR A 1 16  ? -3.847  7.946   -4.668  1.00 16.80 ? 16  THR A C   1 
ATOM   89   O O   . THR A 1 16  ? -3.649  8.185   -3.476  1.00 16.58 ? 16  THR A O   1 
ATOM   90   C CB  . THR A 1 16  ? -2.991  9.653   -6.287  1.00 18.95 ? 16  THR A CB  1 
ATOM   91   O OG1 . THR A 1 16  ? -2.046  10.005  -5.273  1.00 24.26 ? 16  THR A OG1 1 
ATOM   92   C CG2 . THR A 1 16  ? -3.354  10.912  -7.065  1.00 19.75 ? 16  THR A CG2 1 
ATOM   93   N N   . CYS A 1 17  ? -3.728  6.732   -5.194  1.00 16.25 ? 17  CYS A N   1 
ATOM   94   C CA  . CYS A 1 17  ? -3.356  5.575   -4.392  1.00 15.19 ? 17  CYS A CA  1 
ATOM   95   C C   . CYS A 1 17  ? -2.323  4.719   -5.114  1.00 15.22 ? 17  CYS A C   1 
ATOM   96   O O   . CYS A 1 17  ? -2.381  4.548   -6.335  1.00 15.21 ? 17  CYS A O   1 
ATOM   97   C CB  . CYS A 1 17  ? -4.599  4.732   -4.096  1.00 15.83 ? 17  CYS A CB  1 
ATOM   98   S SG  . CYS A 1 17  ? -4.344  3.193   -3.161  1.00 15.89 ? 17  CYS A SG  1 
ATOM   99   N N   . TYR A 1 18  ? -1.386  4.175   -4.346  1.00 13.80 ? 18  TYR A N   1 
ATOM   100  C CA  . TYR A 1 18  ? -0.346  3.316   -4.887  1.00 12.55 ? 18  TYR A CA  1 
ATOM   101  C C   . TYR A 1 18  ? -0.516  1.925   -4.308  1.00 12.26 ? 18  TYR A C   1 
ATOM   102  O O   . TYR A 1 18  ? -0.496  1.750   -3.097  1.00 14.24 ? 18  TYR A O   1 
ATOM   103  C CB  . TYR A 1 18  ? 1.027   3.864   -4.520  1.00 14.82 ? 18  TYR A CB  1 
ATOM   104  C CG  . TYR A 1 18  ? 1.326   5.148   -5.230  1.00 13.36 ? 18  TYR A CG  1 
ATOM   105  C CD1 . TYR A 1 18  ? 0.895   6.360   -4.708  1.00 15.56 ? 18  TYR A CD1 1 
ATOM   106  C CD2 . TYR A 1 18  ? 1.978   5.147   -6.464  1.00 13.99 ? 18  TYR A CD2 1 
ATOM   107  C CE1 . TYR A 1 18  ? 1.093   7.546   -5.394  1.00 14.68 ? 18  TYR A CE1 1 
ATOM   108  C CE2 . TYR A 1 18  ? 2.188   6.330   -7.163  1.00 15.85 ? 18  TYR A CE2 1 
ATOM   109  C CZ  . TYR A 1 18  ? 1.739   7.525   -6.620  1.00 16.13 ? 18  TYR A CZ  1 
ATOM   110  O OH  . TYR A 1 18  ? 1.932   8.700   -7.293  1.00 16.63 ? 18  TYR A OH  1 
ATOM   111  N N   . VAL A 1 19  ? -0.713  0.947   -5.186  1.00 12.97 ? 19  VAL A N   1 
ATOM   112  C CA  . VAL A 1 19  ? -0.877  -0.437  -4.773  1.00 14.02 ? 19  VAL A CA  1 
ATOM   113  C C   . VAL A 1 19  ? 0.482   -1.098  -4.936  1.00 14.66 ? 19  VAL A C   1 
ATOM   114  O O   . VAL A 1 19  ? 1.016   -1.174  -6.044  1.00 14.92 ? 19  VAL A O   1 
ATOM   115  C CB  . VAL A 1 19  ? -1.924  -1.159  -5.649  1.00 12.96 ? 19  VAL A CB  1 
ATOM   116  C CG1 . VAL A 1 19  ? -1.995  -2.629  -5.275  1.00 13.29 ? 19  VAL A CG1 1 
ATOM   117  C CG2 . VAL A 1 19  ? -3.284  -0.501  -5.476  1.00 14.69 ? 19  VAL A CG2 1 
ATOM   118  N N   . LEU A 1 20  ? 1.042   -1.565  -3.825  1.00 14.49 ? 20  LEU A N   1 
ATOM   119  C CA  . LEU A 1 20  ? 2.361   -2.190  -3.831  1.00 15.03 ? 20  LEU A CA  1 
ATOM   120  C C   . LEU A 1 20  ? 2.318   -3.662  -4.227  1.00 16.01 ? 20  LEU A C   1 
ATOM   121  O O   . LEU A 1 20  ? 1.764   -4.489  -3.509  1.00 17.73 ? 20  LEU A O   1 
ATOM   122  C CB  . LEU A 1 20  ? 3.014   -2.034  -2.450  1.00 15.52 ? 20  LEU A CB  1 
ATOM   123  C CG  . LEU A 1 20  ? 3.039   -0.605  -1.903  1.00 18.34 ? 20  LEU A CG  1 
ATOM   124  C CD1 . LEU A 1 20  ? 3.789   -0.560  -0.576  1.00 18.25 ? 20  LEU A CD1 1 
ATOM   125  C CD2 . LEU A 1 20  ? 3.714   0.313   -2.913  1.00 17.77 ? 20  LEU A CD2 1 
ATOM   126  N N   . ALA A 1 21  ? 2.921   -3.978  -5.371  1.00 17.36 ? 21  ALA A N   1 
ATOM   127  C CA  . ALA A 1 21  ? 2.952   -5.347  -5.885  1.00 20.31 ? 21  ALA A CA  1 
ATOM   128  C C   . ALA A 1 21  ? 4.238   -6.103  -5.558  1.00 22.09 ? 21  ALA A C   1 
ATOM   129  O O   . ALA A 1 21  ? 4.293   -7.323  -5.712  1.00 25.02 ? 21  ALA A O   1 
ATOM   130  C CB  . ALA A 1 21  ? 2.734   -5.337  -7.389  1.00 16.14 ? 21  ALA A CB  1 
ATOM   131  N N   . GLY A 1 22  ? 5.270   -5.378  -5.135  1.00 22.97 ? 22  GLY A N   1 
ATOM   132  C CA  . GLY A 1 22  ? 6.537   -6.003  -4.780  1.00 21.52 ? 22  GLY A CA  1 
ATOM   133  C C   . GLY A 1 22  ? 7.447   -6.475  -5.909  1.00 22.01 ? 22  GLY A C   1 
ATOM   134  O O   . GLY A 1 22  ? 7.340   -6.056  -7.057  1.00 12.78 ? 22  GLY A O   1 
ATOM   135  N N   . GLY A 1 23  ? 8.371   -7.364  -5.571  1.00 24.05 ? 23  GLY A N   1 
ATOM   136  C CA  . GLY A 1 23  ? 9.284   -7.871  -6.575  1.00 26.61 ? 23  GLY A CA  1 
ATOM   137  C C   . GLY A 1 23  ? 8.981   -9.318  -6.887  1.00 28.03 ? 23  GLY A C   1 
ATOM   138  O O   . GLY A 1 23  ? 7.839   -9.678  -7.179  1.00 29.08 ? 23  GLY A O   1 
ATOM   139  N N   . LYS A 1 24  ? 10.008  -10.155 -6.826  1.00 30.04 ? 24  LYS A N   1 
ATOM   140  C CA  . LYS A 1 24  ? 9.840   -11.573 -7.094  1.00 31.21 ? 24  LYS A CA  1 
ATOM   141  C C   . LYS A 1 24  ? 9.120   -12.218 -5.915  1.00 31.16 ? 24  LYS A C   1 
ATOM   142  O O   . LYS A 1 24  ? 9.200   -11.733 -4.787  1.00 30.45 ? 24  LYS A O   1 
ATOM   143  C CB  . LYS A 1 24  ? 11.207  -12.230 -7.309  1.00 32.53 ? 24  LYS A CB  1 
ATOM   144  C CG  . LYS A 1 24  ? 11.957  -11.697 -8.527  1.00 33.64 ? 24  LYS A CG  1 
ATOM   145  C CD  . LYS A 1 24  ? 13.313  -12.371 -8.703  1.00 35.91 ? 24  LYS A CD  1 
ATOM   146  C CE  . LYS A 1 24  ? 14.255  -12.048 -7.550  1.00 36.53 ? 24  LYS A CE  1 
ATOM   147  N NZ  . LYS A 1 24  ? 15.587  -12.701 -7.716  1.00 37.92 ? 24  LYS A NZ  1 
ATOM   148  N N   . SER A 1 25  ? 8.408   -13.306 -6.186  1.00 30.88 ? 25  SER A N   1 
ATOM   149  C CA  . SER A 1 25  ? 7.670   -14.015 -5.146  1.00 30.94 ? 25  SER A CA  1 
ATOM   150  C C   . SER A 1 25  ? 8.594   -14.385 -3.992  1.00 29.63 ? 25  SER A C   1 
ATOM   151  O O   . SER A 1 25  ? 9.741   -14.776 -4.207  1.00 29.86 ? 25  SER A O   1 
ATOM   152  C CB  . SER A 1 25  ? 7.043   -15.283 -5.726  1.00 32.00 ? 25  SER A CB  1 
ATOM   153  O OG  . SER A 1 25  ? 6.291   -14.988 -6.891  1.00 37.78 ? 25  SER A OG  1 
ATOM   154  N N   . LYS A 1 26  ? 8.094   -14.251 -2.768  1.00 28.21 ? 26  LYS A N   1 
ATOM   155  C CA  . LYS A 1 26  ? 8.878   -14.585 -1.587  1.00 25.76 ? 26  LYS A CA  1 
ATOM   156  C C   . LYS A 1 26  ? 8.262   -15.781 -0.867  1.00 23.33 ? 26  LYS A C   1 
ATOM   157  O O   . LYS A 1 26  ? 8.729   -16.183 0.195   1.00 18.69 ? 26  LYS A O   1 
ATOM   158  C CB  . LYS A 1 26  ? 8.940   -13.395 -0.630  1.00 29.21 ? 26  LYS A CB  1 
ATOM   159  C CG  . LYS A 1 26  ? 7.593   -12.994 -0.067  1.00 34.45 ? 26  LYS A CG  1 
ATOM   160  C CD  . LYS A 1 26  ? 7.742   -12.020 1.087   1.00 37.48 ? 26  LYS A CD  1 
ATOM   161  C CE  . LYS A 1 26  ? 6.394   -11.702 1.715   1.00 39.00 ? 26  LYS A CE  1 
ATOM   162  N NZ  . LYS A 1 26  ? 6.547   -10.863 2.930   1.00 41.56 ? 26  LYS A NZ  1 
ATOM   163  N N   . ARG A 1 27  ? 7.198   -16.335 -1.443  1.00 22.14 ? 27  ARG A N   1 
ATOM   164  C CA  . ARG A 1 27  ? 6.529   -17.498 -0.865  1.00 21.68 ? 27  ARG A CA  1 
ATOM   165  C C   . ARG A 1 27  ? 7.119   -18.750 -1.505  1.00 21.26 ? 27  ARG A C   1 
ATOM   166  O O   . ARG A 1 27  ? 7.198   -18.843 -2.731  1.00 20.23 ? 27  ARG A O   1 
ATOM   167  C CB  . ARG A 1 27  ? 5.025   -17.442 -1.149  1.00 22.13 ? 27  ARG A CB  1 
ATOM   168  C CG  . ARG A 1 27  ? 4.267   -18.685 -0.716  1.00 26.99 ? 27  ARG A CG  1 
ATOM   169  C CD  . ARG A 1 27  ? 4.011   -18.693 0.780   1.00 30.14 ? 27  ARG A CD  1 
ATOM   170  N NE  . ARG A 1 27  ? 3.271   -19.879 1.205   1.00 32.36 ? 27  ARG A NE  1 
ATOM   171  C CZ  . ARG A 1 27  ? 2.582   -19.959 2.340   1.00 33.79 ? 27  ARG A CZ  1 
ATOM   172  N NH1 . ARG A 1 27  ? 2.533   -18.919 3.165   1.00 34.53 ? 27  ARG A NH1 1 
ATOM   173  N NH2 . ARG A 1 27  ? 1.946   -21.079 2.657   1.00 32.07 ? 27  ARG A NH2 1 
ATOM   174  N N   . PHE A 1 28  ? 7.528   -19.715 -0.685  1.00 17.66 ? 28  PHE A N   1 
ATOM   175  C CA  . PHE A 1 28  ? 8.121   -20.937 -1.212  1.00 19.26 ? 28  PHE A CA  1 
ATOM   176  C C   . PHE A 1 28  ? 7.513   -22.221 -0.652  1.00 18.44 ? 28  PHE A C   1 
ATOM   177  O O   . PHE A 1 28  ? 6.760   -22.191 0.319   1.00 17.66 ? 28  PHE A O   1 
ATOM   178  C CB  . PHE A 1 28  ? 9.633   -20.904 -0.968  1.00 20.58 ? 28  PHE A CB  1 
ATOM   179  C CG  . PHE A 1 28  ? 10.363  -19.934 -1.857  1.00 21.73 ? 28  PHE A CG  1 
ATOM   180  C CD1 . PHE A 1 28  ? 10.707  -20.288 -3.159  1.00 23.42 ? 28  PHE A CD1 1 
ATOM   181  C CD2 . PHE A 1 28  ? 10.659  -18.647 -1.413  1.00 23.06 ? 28  PHE A CD2 1 
ATOM   182  C CE1 . PHE A 1 28  ? 11.333  -19.378 -4.007  1.00 24.37 ? 28  PHE A CE1 1 
ATOM   183  C CE2 . PHE A 1 28  ? 11.285  -17.730 -2.255  1.00 23.79 ? 28  PHE A CE2 1 
ATOM   184  C CZ  . PHE A 1 28  ? 11.622  -18.098 -3.554  1.00 24.60 ? 28  PHE A CZ  1 
ATOM   185  N N   . GLY A 1 29  ? 7.830   -23.346 -1.287  1.00 17.90 ? 29  GLY A N   1 
ATOM   186  C CA  . GLY A 1 29  ? 7.305   -24.622 -0.834  1.00 17.89 ? 29  GLY A CA  1 
ATOM   187  C C   . GLY A 1 29  ? 6.459   -25.310 -1.892  1.00 19.91 ? 29  GLY A C   1 
ATOM   188  O O   . GLY A 1 29  ? 6.222   -24.752 -2.960  1.00 18.78 ? 29  GLY A O   1 
ATOM   189  N N   . GLU A 1 30  ? 6.003   -26.522 -1.597  1.00 20.33 ? 30  GLU A N   1 
ATOM   190  C CA  . GLU A 1 30  ? 5.188   -27.285 -2.540  1.00 24.55 ? 30  GLU A CA  1 
ATOM   191  C C   . GLU A 1 30  ? 3.938   -26.565 -3.035  1.00 25.01 ? 30  GLU A C   1 
ATOM   192  O O   . GLU A 1 30  ? 3.562   -26.698 -4.203  1.00 26.89 ? 30  GLU A O   1 
ATOM   193  C CB  . GLU A 1 30  ? 4.760   -28.618 -1.925  1.00 27.28 ? 30  GLU A CB  1 
ATOM   194  C CG  . GLU A 1 30  ? 5.856   -29.653 -1.855  1.00 33.54 ? 30  GLU A CG  1 
ATOM   195  C CD  . GLU A 1 30  ? 5.325   -31.030 -1.523  1.00 36.21 ? 30  GLU A CD  1 
ATOM   196  O OE1 . GLU A 1 30  ? 4.119   -31.147 -1.214  1.00 37.79 ? 30  GLU A OE1 1 
ATOM   197  O OE2 . GLU A 1 30  ? 6.117   -31.996 -1.569  1.00 40.64 ? 30  GLU A OE2 1 
ATOM   198  N N   . ASP A 1 31  ? 3.289   -25.816 -2.149  1.00 24.43 ? 31  ASP A N   1 
ATOM   199  C CA  . ASP A 1 31  ? 2.067   -25.105 -2.508  1.00 25.81 ? 31  ASP A CA  1 
ATOM   200  C C   . ASP A 1 31  ? 2.287   -23.659 -2.927  1.00 23.80 ? 31  ASP A C   1 
ATOM   201  O O   . ASP A 1 31  ? 1.337   -22.877 -2.965  1.00 22.94 ? 31  ASP A O   1 
ATOM   202  C CB  . ASP A 1 31  ? 1.084   -25.122 -1.333  1.00 29.22 ? 31  ASP A CB  1 
ATOM   203  C CG  . ASP A 1 31  ? 0.692   -26.524 -0.916  1.00 32.86 ? 31  ASP A CG  1 
ATOM   204  O OD1 . ASP A 1 31  ? 0.148   -27.266 -1.759  1.00 35.86 ? 31  ASP A OD1 1 
ATOM   205  O OD2 . ASP A 1 31  ? 0.924   -26.881 0.259   1.00 34.99 ? 31  ASP A OD2 1 
ATOM   206  N N   . LYS A 1 32  ? 3.520   -23.289 -3.254  1.00 22.46 ? 32  LYS A N   1 
ATOM   207  C CA  . LYS A 1 32  ? 3.768   -21.905 -3.635  1.00 22.14 ? 32  LYS A CA  1 
ATOM   208  C C   . LYS A 1 32  ? 2.955   -21.457 -4.850  1.00 21.52 ? 32  LYS A C   1 
ATOM   209  O O   . LYS A 1 32  ? 2.436   -20.342 -4.865  1.00 21.50 ? 32  LYS A O   1 
ATOM   210  C CB  . LYS A 1 32  ? 5.262   -21.652 -3.868  1.00 22.90 ? 32  LYS A CB  1 
ATOM   211  C CG  . LYS A 1 32  ? 5.900   -22.413 -5.010  1.00 26.43 ? 32  LYS A CG  1 
ATOM   212  C CD  . LYS A 1 32  ? 7.356   -21.988 -5.151  1.00 30.53 ? 32  LYS A CD  1 
ATOM   213  C CE  . LYS A 1 32  ? 8.120   -22.883 -6.111  1.00 33.81 ? 32  LYS A CE  1 
ATOM   214  N NZ  . LYS A 1 32  ? 9.531   -22.438 -6.291  1.00 36.16 ? 32  LYS A NZ  1 
ATOM   215  N N   . LEU A 1 33  ? 2.814   -22.317 -5.857  1.00 18.66 ? 33  LEU A N   1 
ATOM   216  C CA  . LEU A 1 33  ? 2.046   -21.922 -7.037  1.00 19.81 ? 33  LEU A CA  1 
ATOM   217  C C   . LEU A 1 33  ? 0.602   -21.535 -6.697  1.00 18.87 ? 33  LEU A C   1 
ATOM   218  O O   . LEU A 1 33  ? 0.071   -20.567 -7.253  1.00 17.95 ? 33  LEU A O   1 
ATOM   219  C CB  . LEU A 1 33  ? 2.055   -23.031 -8.094  1.00 18.60 ? 33  LEU A CB  1 
ATOM   220  C CG  . LEU A 1 33  ? 1.497   -22.604 -9.458  1.00 21.05 ? 33  LEU A CG  1 
ATOM   221  C CD1 . LEU A 1 33  ? 2.311   -21.438 -10.010 1.00 21.21 ? 33  LEU A CD1 1 
ATOM   222  C CD2 . LEU A 1 33  ? 1.536   -23.784 -10.423 1.00 21.26 ? 33  LEU A CD2 1 
ATOM   223  N N   . LEU A 1 34  ? -0.036  -22.274 -5.789  1.00 18.39 ? 34  LEU A N   1 
ATOM   224  C CA  . LEU A 1 34  ? -1.410  -21.966 -5.388  1.00 18.33 ? 34  LEU A CA  1 
ATOM   225  C C   . LEU A 1 34  ? -1.504  -20.537 -4.867  1.00 19.04 ? 34  LEU A C   1 
ATOM   226  O O   . LEU A 1 34  ? -2.454  -19.813 -5.165  1.00 19.43 ? 34  LEU A O   1 
ATOM   227  C CB  . LEU A 1 34  ? -1.890  -22.915 -4.285  1.00 21.84 ? 34  LEU A CB  1 
ATOM   228  C CG  . LEU A 1 34  ? -2.664  -24.180 -4.648  1.00 25.45 ? 34  LEU A CG  1 
ATOM   229  C CD1 . LEU A 1 34  ? -3.030  -24.914 -3.363  1.00 27.54 ? 34  LEU A CD1 1 
ATOM   230  C CD2 . LEU A 1 34  ? -3.923  -23.820 -5.428  1.00 25.68 ? 34  LEU A CD2 1 
ATOM   231  N N   . TYR A 1 35  ? -0.506  -20.134 -4.088  1.00 18.16 ? 35  TYR A N   1 
ATOM   232  C CA  . TYR A 1 35  ? -0.489  -18.794 -3.520  1.00 18.73 ? 35  TYR A CA  1 
ATOM   233  C C   . TYR A 1 35  ? -0.170  -17.724 -4.559  1.00 17.31 ? 35  TYR A C   1 
ATOM   234  O O   . TYR A 1 35  ? -0.713  -16.622 -4.513  1.00 17.28 ? 35  TYR A O   1 
ATOM   235  C CB  . TYR A 1 35  ? 0.511   -18.739 -2.362  1.00 21.18 ? 35  TYR A CB  1 
ATOM   236  C CG  . TYR A 1 35  ? 0.040   -19.514 -1.151  1.00 26.64 ? 35  TYR A CG  1 
ATOM   237  C CD1 . TYR A 1 35  ? -0.895  -18.969 -0.268  1.00 27.14 ? 35  TYR A CD1 1 
ATOM   238  C CD2 . TYR A 1 35  ? 0.485   -20.813 -0.915  1.00 26.61 ? 35  TYR A CD2 1 
ATOM   239  C CE1 . TYR A 1 35  ? -1.375  -19.702 0.818   1.00 28.76 ? 35  TYR A CE1 1 
ATOM   240  C CE2 . TYR A 1 35  ? 0.012   -21.552 0.166   1.00 28.54 ? 35  TYR A CE2 1 
ATOM   241  C CZ  . TYR A 1 35  ? -0.917  -20.993 1.027   1.00 28.09 ? 35  TYR A CZ  1 
ATOM   242  O OH  . TYR A 1 35  ? -1.386  -21.731 2.091   1.00 31.47 ? 35  TYR A OH  1 
ATOM   243  N N   . GLU A 1 36  ? 0.701   -18.054 -5.505  1.00 17.03 ? 36  GLU A N   1 
ATOM   244  C CA  . GLU A 1 36  ? 1.071   -17.098 -6.539  1.00 16.76 ? 36  GLU A CA  1 
ATOM   245  C C   . GLU A 1 36  ? -0.096  -16.839 -7.481  1.00 16.32 ? 36  GLU A C   1 
ATOM   246  O O   . GLU A 1 36  ? -0.326  -15.704 -7.893  1.00 17.06 ? 36  GLU A O   1 
ATOM   247  C CB  . GLU A 1 36  ? 2.277   -17.615 -7.323  1.00 19.82 ? 36  GLU A CB  1 
ATOM   248  C CG  . GLU A 1 36  ? 3.488   -17.867 -6.437  1.00 25.07 ? 36  GLU A CG  1 
ATOM   249  C CD  . GLU A 1 36  ? 4.640   -18.510 -7.177  1.00 28.89 ? 36  GLU A CD  1 
ATOM   250  O OE1 . GLU A 1 36  ? 4.401   -19.494 -7.906  1.00 31.10 ? 36  GLU A OE1 1 
ATOM   251  O OE2 . GLU A 1 36  ? 5.787   -18.038 -7.016  1.00 31.58 ? 36  GLU A OE2 1 
ATOM   252  N N   . ILE A 1 37  ? -0.831  -17.892 -7.820  1.00 15.36 ? 37  ILE A N   1 
ATOM   253  C CA  . ILE A 1 37  ? -1.973  -17.754 -8.717  1.00 16.37 ? 37  ILE A CA  1 
ATOM   254  C C   . ILE A 1 37  ? -3.105  -17.014 -8.021  1.00 16.18 ? 37  ILE A C   1 
ATOM   255  O O   . ILE A 1 37  ? -3.698  -16.093 -8.585  1.00 16.91 ? 37  ILE A O   1 
ATOM   256  C CB  . ILE A 1 37  ? -2.453  -19.134 -9.206  1.00 16.77 ? 37  ILE A CB  1 
ATOM   257  C CG1 . ILE A 1 37  ? -1.339  -19.792 -10.025 1.00 17.81 ? 37  ILE A CG1 1 
ATOM   258  C CG2 . ILE A 1 37  ? -3.729  -18.994 -10.032 1.00 17.03 ? 37  ILE A CG2 1 
ATOM   259  C CD1 . ILE A 1 37  ? -0.823  -18.942 -11.170 1.00 21.61 ? 37  ILE A CD1 1 
ATOM   260  N N   . LYS A 1 38  ? -3.395  -17.415 -6.787  1.00 16.92 ? 38  LYS A N   1 
ATOM   261  C CA  . LYS A 1 38  ? -4.439  -16.773 -6.004  1.00 17.81 ? 38  LYS A CA  1 
ATOM   262  C C   . LYS A 1 38  ? -4.042  -15.314 -5.791  1.00 16.99 ? 38  LYS A C   1 
ATOM   263  O O   . LYS A 1 38  ? -4.890  -14.419 -5.792  1.00 16.83 ? 38  LYS A O   1 
ATOM   264  C CB  . LYS A 1 38  ? -4.582  -17.485 -4.656  1.00 22.12 ? 38  LYS A CB  1 
ATOM   265  C CG  . LYS A 1 38  ? -5.665  -16.933 -3.733  1.00 27.07 ? 38  LYS A CG  1 
ATOM   266  C CD  . LYS A 1 38  ? -7.067  -17.146 -4.284  1.00 28.82 ? 38  LYS A CD  1 
ATOM   267  C CE  . LYS A 1 38  ? -7.436  -16.084 -5.304  1.00 31.88 ? 38  LYS A CE  1 
ATOM   268  N NZ  . LYS A 1 38  ? -7.359  -14.723 -4.715  1.00 32.77 ? 38  LYS A NZ  1 
ATOM   269  N N   . GLY A 1 39  ? -2.739  -15.089 -5.624  1.00 16.09 ? 39  GLY A N   1 
ATOM   270  C CA  . GLY A 1 39  ? -2.216  -13.752 -5.406  1.00 15.42 ? 39  GLY A CA  1 
ATOM   271  C C   . GLY A 1 39  ? -2.519  -12.765 -6.520  1.00 16.46 ? 39  GLY A C   1 
ATOM   272  O O   . GLY A 1 39  ? -2.616  -11.561 -6.279  1.00 16.15 ? 39  GLY A O   1 
ATOM   273  N N   . LYS A 1 40  ? -2.666  -13.257 -7.747  1.00 15.23 ? 40  LYS A N   1 
ATOM   274  C CA  . LYS A 1 40  ? -2.974  -12.376 -8.869  1.00 16.70 ? 40  LYS A CA  1 
ATOM   275  C C   . LYS A 1 40  ? -4.412  -11.881 -8.772  1.00 16.33 ? 40  LYS A C   1 
ATOM   276  O O   . LYS A 1 40  ? -4.695  -10.727 -9.079  1.00 16.34 ? 40  LYS A O   1 
ATOM   277  C CB  . LYS A 1 40  ? -2.780  -13.102 -10.201 1.00 17.36 ? 40  LYS A CB  1 
ATOM   278  C CG  . LYS A 1 40  ? -1.355  -13.518 -10.495 1.00 19.17 ? 40  LYS A CG  1 
ATOM   279  C CD  . LYS A 1 40  ? -1.309  -14.376 -11.750 1.00 21.48 ? 40  LYS A CD  1 
ATOM   280  C CE  . LYS A 1 40  ? 0.025   -15.098 -11.881 1.00 22.29 ? 40  LYS A CE  1 
ATOM   281  N NZ  . LYS A 1 40  ? 0.008   -16.048 -13.031 1.00 22.16 ? 40  LYS A NZ  1 
ATOM   282  N N   . LYS A 1 41  ? -5.320  -12.760 -8.356  1.00 17.50 ? 41  LYS A N   1 
ATOM   283  C CA  . LYS A 1 41  ? -6.724  -12.389 -8.211  1.00 18.76 ? 41  LYS A CA  1 
ATOM   284  C C   . LYS A 1 41  ? -6.843  -11.416 -7.047  1.00 17.39 ? 41  LYS A C   1 
ATOM   285  O O   . LYS A 1 41  ? -7.664  -10.498 -7.064  1.00 18.08 ? 41  LYS A O   1 
ATOM   286  C CB  . LYS A 1 41  ? -7.580  -13.626 -7.927  1.00 20.51 ? 41  LYS A CB  1 
ATOM   287  C CG  . LYS A 1 41  ? -7.637  -14.621 -9.072  1.00 25.20 ? 41  LYS A CG  1 
ATOM   288  C CD  . LYS A 1 41  ? -8.288  -14.015 -10.305 1.00 27.67 ? 41  LYS A CD  1 
ATOM   289  C CE  . LYS A 1 41  ? -9.729  -13.597 -10.040 1.00 30.41 ? 41  LYS A CE  1 
ATOM   290  N NZ  . LYS A 1 41  ? -10.414 -13.134 -11.282 1.00 31.36 ? 41  LYS A NZ  1 
ATOM   291  N N   . VAL A 1 42  ? -6.015  -11.636 -6.033  1.00 16.66 ? 42  VAL A N   1 
ATOM   292  C CA  . VAL A 1 42  ? -6.023  -10.780 -4.857  1.00 15.50 ? 42  VAL A CA  1 
ATOM   293  C C   . VAL A 1 42  ? -5.624  -9.345  -5.204  1.00 14.85 ? 42  VAL A C   1 
ATOM   294  O O   . VAL A 1 42  ? -6.346  -8.405  -4.871  1.00 14.24 ? 42  VAL A O   1 
ATOM   295  C CB  . VAL A 1 42  ? -5.076  -11.328 -3.764  1.00 14.92 ? 42  VAL A CB  1 
ATOM   296  C CG1 . VAL A 1 42  ? -4.952  -10.318 -2.625  1.00 16.46 ? 42  VAL A CG1 1 
ATOM   297  C CG2 . VAL A 1 42  ? -5.611  -12.653 -3.229  1.00 16.86 ? 42  VAL A CG2 1 
ATOM   298  N N   . ILE A 1 43  ? -4.493  -9.161  -5.885  1.00 14.36 ? 43  ILE A N   1 
ATOM   299  C CA  . ILE A 1 43  ? -4.081  -7.798  -6.215  1.00 15.08 ? 43  ILE A CA  1 
ATOM   300  C C   . ILE A 1 43  ? -5.070  -7.158  -7.181  1.00 14.76 ? 43  ILE A C   1 
ATOM   301  O O   . ILE A 1 43  ? -5.285  -5.943  -7.155  1.00 13.40 ? 43  ILE A O   1 
ATOM   302  C CB  . ILE A 1 43  ? -2.645  -7.734  -6.805  1.00 15.56 ? 43  ILE A CB  1 
ATOM   303  C CG1 . ILE A 1 43  ? -2.178  -6.275  -6.835  1.00 16.88 ? 43  ILE A CG1 1 
ATOM   304  C CG2 . ILE A 1 43  ? -2.610  -8.319  -8.210  1.00 15.90 ? 43  ILE A CG2 1 
ATOM   305  C CD1 . ILE A 1 43  ? -0.718  -6.091  -7.214  1.00 17.67 ? 43  ILE A CD1 1 
ATOM   306  N N   . GLU A 1 44  ? -5.677  -7.976  -8.034  1.00 15.60 ? 44  GLU A N   1 
ATOM   307  C CA  . GLU A 1 44  ? -6.665  -7.468  -8.976  1.00 15.20 ? 44  GLU A CA  1 
ATOM   308  C C   . GLU A 1 44  ? -7.813  -6.866  -8.170  1.00 14.98 ? 44  GLU A C   1 
ATOM   309  O O   . GLU A 1 44  ? -8.293  -5.771  -8.470  1.00 15.50 ? 44  GLU A O   1 
ATOM   310  C CB  . GLU A 1 44  ? -7.187  -8.608  -9.854  1.00 16.22 ? 44  GLU A CB  1 
ATOM   311  C CG  . GLU A 1 44  ? -8.157  -8.174  -10.941 1.00 20.67 ? 44  GLU A CG  1 
ATOM   312  C CD  . GLU A 1 44  ? -8.638  -9.346  -11.784 1.00 21.82 ? 44  GLU A CD  1 
ATOM   313  O OE1 . GLU A 1 44  ? -9.319  -10.237 -11.240 1.00 27.51 ? 44  GLU A OE1 1 
ATOM   314  O OE2 . GLU A 1 44  ? -8.329  -9.377  -12.991 1.00 26.71 ? 44  GLU A OE2 1 
ATOM   315  N N   . ARG A 1 45  ? -8.243  -7.580  -7.135  1.00 14.40 ? 45  ARG A N   1 
ATOM   316  C CA  . ARG A 1 45  ? -9.329  -7.102  -6.292  1.00 16.51 ? 45  ARG A CA  1 
ATOM   317  C C   . ARG A 1 45  ? -8.946  -5.833  -5.536  1.00 16.02 ? 45  ARG A C   1 
ATOM   318  O O   . ARG A 1 45  ? -9.752  -4.906  -5.417  1.00 16.25 ? 45  ARG A O   1 
ATOM   319  C CB  . ARG A 1 45  ? -9.754  -8.181  -5.295  1.00 17.03 ? 45  ARG A CB  1 
ATOM   320  C CG  . ARG A 1 45  ? -10.362 -9.422  -5.937  1.00 25.67 ? 45  ARG A CG  1 
ATOM   321  C CD  . ARG A 1 45  ? -11.298 -10.139 -4.971  1.00 27.23 ? 45  ARG A CD  1 
ATOM   322  N NE  . ARG A 1 45  ? -10.601 -10.732 -3.833  1.00 31.72 ? 45  ARG A NE  1 
ATOM   323  C CZ  . ARG A 1 45  ? -9.895  -11.859 -3.887  1.00 32.51 ? 45  ARG A CZ  1 
ATOM   324  N NH1 . ARG A 1 45  ? -9.789  -12.529 -5.029  1.00 31.81 ? 45  ARG A NH1 1 
ATOM   325  N NH2 . ARG A 1 45  ? -9.295  -12.319 -2.797  1.00 34.16 ? 45  ARG A NH2 1 
ATOM   326  N N   . VAL A 1 46  ? -7.721  -5.789  -5.022  1.00 14.16 ? 46  VAL A N   1 
ATOM   327  C CA  . VAL A 1 46  ? -7.261  -4.619  -4.284  1.00 14.20 ? 46  VAL A CA  1 
ATOM   328  C C   . VAL A 1 46  ? -7.248  -3.407  -5.206  1.00 14.05 ? 46  VAL A C   1 
ATOM   329  O O   . VAL A 1 46  ? -7.627  -2.308  -4.807  1.00 13.51 ? 46  VAL A O   1 
ATOM   330  C CB  . VAL A 1 46  ? -5.843  -4.826  -3.713  1.00 12.92 ? 46  VAL A CB  1 
ATOM   331  C CG1 . VAL A 1 46  ? -5.331  -3.533  -3.094  1.00 14.37 ? 46  VAL A CG1 1 
ATOM   332  C CG2 . VAL A 1 46  ? -5.862  -5.930  -2.667  1.00 16.36 ? 46  VAL A CG2 1 
ATOM   333  N N   . TYR A 1 47  ? -6.807  -3.623  -6.441  1.00 13.88 ? 47  TYR A N   1 
ATOM   334  C CA  . TYR A 1 47  ? -6.735  -2.561  -7.433  1.00 15.58 ? 47  TYR A CA  1 
ATOM   335  C C   . TYR A 1 47  ? -8.121  -2.008  -7.745  1.00 16.69 ? 47  TYR A C   1 
ATOM   336  O O   . TYR A 1 47  ? -8.321  -0.794  -7.786  1.00 15.48 ? 47  TYR A O   1 
ATOM   337  C CB  . TYR A 1 47  ? -6.085  -3.092  -8.714  1.00 17.20 ? 47  TYR A CB  1 
ATOM   338  C CG  . TYR A 1 47  ? -6.085  -2.097  -9.846  1.00 19.57 ? 47  TYR A CG  1 
ATOM   339  C CD1 . TYR A 1 47  ? -5.424  -0.877  -9.728  1.00 19.46 ? 47  TYR A CD1 1 
ATOM   340  C CD2 . TYR A 1 47  ? -6.761  -2.370  -11.034 1.00 23.09 ? 47  TYR A CD2 1 
ATOM   341  C CE1 . TYR A 1 47  ? -5.440  0.050   -10.766 1.00 22.91 ? 47  TYR A CE1 1 
ATOM   342  C CE2 . TYR A 1 47  ? -6.782  -1.453  -12.074 1.00 24.10 ? 47  TYR A CE2 1 
ATOM   343  C CZ  . TYR A 1 47  ? -6.122  -0.246  -11.935 1.00 25.28 ? 47  TYR A CZ  1 
ATOM   344  O OH  . TYR A 1 47  ? -6.129  0.659   -12.969 1.00 26.32 ? 47  TYR A OH  1 
ATOM   345  N N   . GLU A 1 48  ? -9.078  -2.903  -7.958  1.00 17.58 ? 48  GLU A N   1 
ATOM   346  C CA  . GLU A 1 48  ? -10.435 -2.475  -8.258  1.00 18.65 ? 48  GLU A CA  1 
ATOM   347  C C   . GLU A 1 48  ? -11.034 -1.734  -7.064  1.00 16.90 ? 48  GLU A C   1 
ATOM   348  O O   . GLU A 1 48  ? -11.734 -0.741  -7.232  1.00 16.86 ? 48  GLU A O   1 
ATOM   349  C CB  . GLU A 1 48  ? -11.288 -3.685  -8.641  1.00 22.08 ? 48  GLU A CB  1 
ATOM   350  C CG  . GLU A 1 48  ? -10.730 -4.420  -9.852  1.00 28.15 ? 48  GLU A CG  1 
ATOM   351  C CD  . GLU A 1 48  ? -11.679 -5.458  -10.412 1.00 32.11 ? 48  GLU A CD  1 
ATOM   352  O OE1 . GLU A 1 48  ? -12.071 -6.379  -9.662  1.00 35.45 ? 48  GLU A OE1 1 
ATOM   353  O OE2 . GLU A 1 48  ? -12.032 -5.353  -11.605 1.00 34.62 ? 48  GLU A OE2 1 
ATOM   354  N N   . THR A 1 49  ? -10.746 -2.208  -5.857  1.00 16.29 ? 49  THR A N   1 
ATOM   355  C CA  . THR A 1 49  ? -11.246 -1.550  -4.660  1.00 15.81 ? 49  THR A CA  1 
ATOM   356  C C   . THR A 1 49  ? -10.693 -0.125  -4.606  1.00 14.81 ? 49  THR A C   1 
ATOM   357  O O   . THR A 1 49  ? -11.421 0.828   -4.338  1.00 15.81 ? 49  THR A O   1 
ATOM   358  C CB  . THR A 1 49  ? -10.816 -2.306  -3.392  1.00 17.12 ? 49  THR A CB  1 
ATOM   359  O OG1 . THR A 1 49  ? -11.442 -3.595  -3.377  1.00 18.02 ? 49  THR A OG1 1 
ATOM   360  C CG2 . THR A 1 49  ? -11.224 -1.535  -2.145  1.00 20.11 ? 49  THR A CG2 1 
ATOM   361  N N   . ALA A 1 50  ? -9.401  0.019   -4.877  1.00 14.63 ? 50  ALA A N   1 
ATOM   362  C CA  . ALA A 1 50  ? -8.768  1.329   -4.858  1.00 15.53 ? 50  ALA A CA  1 
ATOM   363  C C   . ALA A 1 50  ? -9.410  2.256   -5.890  1.00 16.26 ? 50  ALA A C   1 
ATOM   364  O O   . ALA A 1 50  ? -9.704  3.417   -5.604  1.00 15.91 ? 50  ALA A O   1 
ATOM   365  C CB  . ALA A 1 50  ? -7.280  1.187   -5.138  1.00 15.18 ? 50  ALA A CB  1 
ATOM   366  N N   . LYS A 1 51  ? -9.632  1.741   -7.096  1.00 16.83 ? 51  LYS A N   1 
ATOM   367  C CA  . LYS A 1 51  ? -10.233 2.552   -8.149  1.00 18.42 ? 51  LYS A CA  1 
ATOM   368  C C   . LYS A 1 51  ? -11.635 3.029   -7.795  1.00 19.12 ? 51  LYS A C   1 
ATOM   369  O O   . LYS A 1 51  ? -12.102 4.027   -8.344  1.00 20.25 ? 51  LYS A O   1 
ATOM   370  C CB  . LYS A 1 51  ? -10.272 1.782   -9.471  1.00 20.20 ? 51  LYS A CB  1 
ATOM   371  C CG  . LYS A 1 51  ? -8.965  1.823   -10.254 1.00 22.85 ? 51  LYS A CG  1 
ATOM   372  C CD  . LYS A 1 51  ? -8.873  3.005   -11.235 1.00 28.53 ? 51  LYS A CD  1 
ATOM   373  C CE  . LYS A 1 51  ? -8.835  4.378   -10.559 1.00 27.65 ? 51  LYS A CE  1 
ATOM   374  N NZ  . LYS A 1 51  ? -10.182 4.981   -10.379 1.00 26.55 ? 51  LYS A NZ  1 
ATOM   375  N N   . SER A 1 52  ? -12.309 2.330   -6.886  1.00 17.99 ? 52  SER A N   1 
ATOM   376  C CA  . SER A 1 52  ? -13.660 2.731   -6.499  1.00 18.90 ? 52  SER A CA  1 
ATOM   377  C C   . SER A 1 52  ? -13.616 3.917   -5.542  1.00 19.93 ? 52  SER A C   1 
ATOM   378  O O   . SER A 1 52  ? -14.629 4.573   -5.303  1.00 22.89 ? 52  SER A O   1 
ATOM   379  C CB  . SER A 1 52  ? -14.419 1.565   -5.847  1.00 17.12 ? 52  SER A CB  1 
ATOM   380  O OG  . SER A 1 52  ? -13.961 1.267   -4.536  1.00 16.78 ? 52  SER A OG  1 
ATOM   381  N N   . VAL A 1 53  ? -12.429 4.200   -5.019  1.00 19.03 ? 53  VAL A N   1 
ATOM   382  C CA  . VAL A 1 53  ? -12.242 5.301   -4.080  1.00 18.35 ? 53  VAL A CA  1 
ATOM   383  C C   . VAL A 1 53  ? -11.399 6.469   -4.609  1.00 18.50 ? 53  VAL A C   1 
ATOM   384  O O   . VAL A 1 53  ? -11.677 7.630   -4.291  1.00 19.72 ? 53  VAL A O   1 
ATOM   385  C CB  . VAL A 1 53  ? -11.585 4.792   -2.771  1.00 17.16 ? 53  VAL A CB  1 
ATOM   386  C CG1 . VAL A 1 53  ? -11.213 5.966   -1.870  1.00 18.40 ? 53  VAL A CG1 1 
ATOM   387  C CG2 . VAL A 1 53  ? -12.537 3.854   -2.047  1.00 18.96 ? 53  VAL A CG2 1 
ATOM   388  N N   . PHE A 1 54  ? -10.383 6.172   -5.414  1.00 17.00 ? 54  PHE A N   1 
ATOM   389  C CA  . PHE A 1 54  ? -9.487  7.211   -5.920  1.00 19.69 ? 54  PHE A CA  1 
ATOM   390  C C   . PHE A 1 54  ? -9.560  7.516   -7.413  1.00 20.81 ? 54  PHE A C   1 
ATOM   391  O O   . PHE A 1 54  ? -9.838  6.637   -8.228  1.00 21.18 ? 54  PHE A O   1 
ATOM   392  C CB  . PHE A 1 54  ? -8.051  6.839   -5.559  1.00 17.92 ? 54  PHE A CB  1 
ATOM   393  C CG  . PHE A 1 54  ? -7.843  6.587   -4.090  1.00 17.13 ? 54  PHE A CG  1 
ATOM   394  C CD1 . PHE A 1 54  ? -7.727  7.647   -3.198  1.00 18.01 ? 54  PHE A CD1 1 
ATOM   395  C CD2 . PHE A 1 54  ? -7.789  5.284   -3.598  1.00 14.22 ? 54  PHE A CD2 1 
ATOM   396  C CE1 . PHE A 1 54  ? -7.555  7.416   -1.830  1.00 18.69 ? 54  PHE A CE1 1 
ATOM   397  C CE2 . PHE A 1 54  ? -7.619  5.040   -2.239  1.00 16.50 ? 54  PHE A CE2 1 
ATOM   398  C CZ  . PHE A 1 54  ? -7.502  6.111   -1.351  1.00 17.09 ? 54  PHE A CZ  1 
ATOM   399  N N   . LYS A 1 55  ? -9.282  8.771   -7.758  1.00 22.77 ? 55  LYS A N   1 
ATOM   400  C CA  . LYS A 1 55  ? -9.296  9.224   -9.146  1.00 23.83 ? 55  LYS A CA  1 
ATOM   401  C C   . LYS A 1 55  ? -8.170  8.551   -9.925  1.00 23.50 ? 55  LYS A C   1 
ATOM   402  O O   . LYS A 1 55  ? -8.327  8.213   -11.098 1.00 23.45 ? 55  LYS A O   1 
ATOM   403  C CB  . LYS A 1 55  ? -9.124  10.745  -9.201  1.00 25.68 ? 55  LYS A CB  1 
ATOM   404  C CG  . LYS A 1 55  ? -10.126 11.499  -8.339  1.00 29.44 ? 55  LYS A CG  1 
ATOM   405  C CD  . LYS A 1 55  ? -9.876  13.006  -8.317  1.00 32.47 ? 55  LYS A CD  1 
ATOM   406  C CE  . LYS A 1 55  ? -10.148 13.644  -9.669  1.00 34.93 ? 55  LYS A CE  1 
ATOM   407  N NZ  . LYS A 1 55  ? -10.126 15.133  -9.591  1.00 34.35 ? 55  LYS A NZ  1 
ATOM   408  N N   . GLU A 1 56  ? -7.032  8.360   -9.266  1.00 21.95 ? 56  GLU A N   1 
ATOM   409  C CA  . GLU A 1 56  ? -5.888  7.722   -9.904  1.00 23.11 ? 56  GLU A CA  1 
ATOM   410  C C   . GLU A 1 56  ? -5.295  6.637   -9.014  1.00 21.43 ? 56  GLU A C   1 
ATOM   411  O O   . GLU A 1 56  ? -5.110  6.836   -7.813  1.00 20.42 ? 56  GLU A O   1 
ATOM   412  C CB  . GLU A 1 56  ? -4.817  8.762   -10.234 1.00 26.70 ? 56  GLU A CB  1 
ATOM   413  C CG  . GLU A 1 56  ? -5.325  9.894   -11.114 1.00 31.42 ? 56  GLU A CG  1 
ATOM   414  C CD  . GLU A 1 56  ? -4.210  10.778  -11.631 1.00 35.39 ? 56  GLU A CD  1 
ATOM   415  O OE1 . GLU A 1 56  ? -3.411  11.275  -10.808 1.00 36.75 ? 56  GLU A OE1 1 
ATOM   416  O OE2 . GLU A 1 56  ? -4.140  10.981  -12.864 1.00 38.45 ? 56  GLU A OE2 1 
ATOM   417  N N   . VAL A 1 57  ? -5.013  5.488   -9.617  1.00 18.27 ? 57  VAL A N   1 
ATOM   418  C CA  . VAL A 1 57  ? -4.432  4.355   -8.904  1.00 18.66 ? 57  VAL A CA  1 
ATOM   419  C C   . VAL A 1 57  ? -3.270  3.806   -9.716  1.00 18.89 ? 57  VAL A C   1 
ATOM   420  O O   . VAL A 1 57  ? -3.408  3.544   -10.908 1.00 18.63 ? 57  VAL A O   1 
ATOM   421  C CB  . VAL A 1 57  ? -5.464  3.224   -8.708  1.00 18.62 ? 57  VAL A CB  1 
ATOM   422  C CG1 . VAL A 1 57  ? -4.846  2.089   -7.912  1.00 16.96 ? 57  VAL A CG1 1 
ATOM   423  C CG2 . VAL A 1 57  ? -6.693  3.758   -7.999  1.00 18.79 ? 57  VAL A CG2 1 
ATOM   424  N N   . TYR A 1 58  ? -2.124  3.637   -9.069  1.00 16.76 ? 58  TYR A N   1 
ATOM   425  C CA  . TYR A 1 58  ? -0.950  3.108   -9.744  1.00 16.95 ? 58  TYR A CA  1 
ATOM   426  C C   . TYR A 1 58  ? -0.489  1.832   -9.068  1.00 15.63 ? 58  TYR A C   1 
ATOM   427  O O   . TYR A 1 58  ? -0.708  1.637   -7.872  1.00 16.54 ? 58  TYR A O   1 
ATOM   428  C CB  . TYR A 1 58  ? 0.204   4.111   -9.709  1.00 17.23 ? 58  TYR A CB  1 
ATOM   429  C CG  . TYR A 1 58  ? -0.132  5.468   -10.278 1.00 18.95 ? 58  TYR A CG  1 
ATOM   430  C CD1 . TYR A 1 58  ? -0.667  6.466   -9.469  1.00 21.29 ? 58  TYR A CD1 1 
ATOM   431  C CD2 . TYR A 1 58  ? 0.066   5.746   -11.628 1.00 21.01 ? 58  TYR A CD2 1 
ATOM   432  C CE1 . TYR A 1 58  ? -0.998  7.710   -9.987  1.00 23.09 ? 58  TYR A CE1 1 
ATOM   433  C CE2 . TYR A 1 58  ? -0.266  6.993   -12.161 1.00 23.96 ? 58  TYR A CE2 1 
ATOM   434  C CZ  . TYR A 1 58  ? -0.797  7.967   -11.331 1.00 23.71 ? 58  TYR A CZ  1 
ATOM   435  O OH  . TYR A 1 58  ? -1.138  9.201   -11.836 1.00 23.80 ? 58  TYR A OH  1 
ATOM   436  N N   . ILE A 1 59  ? 0.138   0.962   -9.849  1.00 16.01 ? 59  ILE A N   1 
ATOM   437  C CA  . ILE A 1 59  ? 0.673   -0.282  -9.323  1.00 14.38 ? 59  ILE A CA  1 
ATOM   438  C C   . ILE A 1 59  ? 2.181   -0.091  -9.248  1.00 15.37 ? 59  ILE A C   1 
ATOM   439  O O   . ILE A 1 59  ? 2.810   0.305   -10.229 1.00 17.39 ? 59  ILE A O   1 
ATOM   440  C CB  . ILE A 1 59  ? 0.386   -1.466  -10.266 1.00 17.10 ? 59  ILE A CB  1 
ATOM   441  C CG1 . ILE A 1 59  ? -1.122  -1.639  -10.455 1.00 15.83 ? 59  ILE A CG1 1 
ATOM   442  C CG2 . ILE A 1 59  ? 1.035   -2.725  -9.716  1.00 16.51 ? 59  ILE A CG2 1 
ATOM   443  C CD1 . ILE A 1 59  ? -1.867  -2.068  -9.204  1.00 18.46 ? 59  ILE A CD1 1 
ATOM   444  N N   . VAL A 1 60  ? 2.760   -0.338  -8.080  1.00 13.37 ? 60  VAL A N   1 
ATOM   445  C CA  . VAL A 1 60  ? 4.200   -0.212  -7.932  1.00 14.21 ? 60  VAL A CA  1 
ATOM   446  C C   . VAL A 1 60  ? 4.768   -1.620  -8.059  1.00 14.14 ? 60  VAL A C   1 
ATOM   447  O O   . VAL A 1 60  ? 4.456   -2.497  -7.253  1.00 14.52 ? 60  VAL A O   1 
ATOM   448  C CB  . VAL A 1 60  ? 4.581   0.369   -6.558  1.00 13.37 ? 60  VAL A CB  1 
ATOM   449  C CG1 . VAL A 1 60  ? 6.097   0.349   -6.393  1.00 15.17 ? 60  VAL A CG1 1 
ATOM   450  C CG2 . VAL A 1 60  ? 4.048   1.792   -6.422  1.00 13.14 ? 60  VAL A CG2 1 
ATOM   451  N N   . ALA A 1 61  ? 5.586   -1.843  -9.084  1.00 13.95 ? 61  ALA A N   1 
ATOM   452  C CA  . ALA A 1 61  ? 6.173   -3.161  -9.302  1.00 14.91 ? 61  ALA A CA  1 
ATOM   453  C C   . ALA A 1 61  ? 7.530   -3.063  -9.989  1.00 15.96 ? 61  ALA A C   1 
ATOM   454  O O   . ALA A 1 61  ? 7.846   -2.048  -10.607 1.00 16.88 ? 61  ALA A O   1 
ATOM   455  C CB  . ALA A 1 61  ? 5.233   -4.011  -10.140 1.00 16.19 ? 61  ALA A CB  1 
ATOM   456  N N   . LYS A 1 62  ? 8.325   -4.124  -9.879  1.00 16.35 ? 62  LYS A N   1 
ATOM   457  C CA  . LYS A 1 62  ? 9.654   -4.159  -10.498 1.00 17.28 ? 62  LYS A CA  1 
ATOM   458  C C   . LYS A 1 62  ? 9.594   -4.629  -11.951 1.00 18.38 ? 62  LYS A C   1 
ATOM   459  O O   . LYS A 1 62  ? 10.554  -4.465  -12.710 1.00 18.59 ? 62  LYS A O   1 
ATOM   460  C CB  . LYS A 1 62  ? 10.592  -5.093  -9.714  1.00 15.43 ? 62  LYS A CB  1 
ATOM   461  C CG  . LYS A 1 62  ? 10.850  -4.692  -8.266  1.00 18.91 ? 62  LYS A CG  1 
ATOM   462  C CD  . LYS A 1 62  ? 11.919  -5.573  -7.650  1.00 16.96 ? 62  LYS A CD  1 
ATOM   463  C CE  . LYS A 1 62  ? 12.134  -5.256  -6.176  1.00 17.80 ? 62  LYS A CE  1 
ATOM   464  N NZ  . LYS A 1 62  ? 12.643  -3.870  -5.966  1.00 15.67 ? 62  LYS A NZ  1 
ATOM   465  N N   . ASP A 1 63  ? 8.464   -5.217  -12.337 1.00 19.06 ? 63  ASP A N   1 
ATOM   466  C CA  . ASP A 1 63  ? 8.289   -5.729  -13.695 1.00 22.16 ? 63  ASP A CA  1 
ATOM   467  C C   . ASP A 1 63  ? 6.934   -5.296  -14.254 1.00 22.48 ? 63  ASP A C   1 
ATOM   468  O O   . ASP A 1 63  ? 5.888   -5.741  -13.781 1.00 21.05 ? 63  ASP A O   1 
ATOM   469  C CB  . ASP A 1 63  ? 8.383   -7.256  -13.682 1.00 23.45 ? 63  ASP A CB  1 
ATOM   470  C CG  . ASP A 1 63  ? 8.540   -7.846  -15.069 1.00 25.97 ? 63  ASP A CG  1 
ATOM   471  O OD1 . ASP A 1 63  ? 7.783   -7.455  -15.976 1.00 24.71 ? 63  ASP A OD1 1 
ATOM   472  O OD2 . ASP A 1 63  ? 9.420   -8.712  -15.250 1.00 29.19 ? 63  ASP A OD2 1 
ATOM   473  N N   . ARG A 1 64  ? 6.954   -4.436  -15.265 1.00 22.77 ? 64  ARG A N   1 
ATOM   474  C CA  . ARG A 1 64  ? 5.719   -3.941  -15.863 1.00 25.54 ? 64  ARG A CA  1 
ATOM   475  C C   . ARG A 1 64  ? 4.888   -5.015  -16.573 1.00 26.53 ? 64  ARG A C   1 
ATOM   476  O O   . ARG A 1 64  ? 3.678   -5.104  -16.365 1.00 26.58 ? 64  ARG A O   1 
ATOM   477  C CB  . ARG A 1 64  ? 6.029   -2.793  -16.832 1.00 27.77 ? 64  ARG A CB  1 
ATOM   478  C CG  . ARG A 1 64  ? 4.798   -2.204  -17.502 1.00 30.60 ? 64  ARG A CG  1 
ATOM   479  C CD  . ARG A 1 64  ? 5.092   -0.894  -18.223 1.00 32.64 ? 64  ARG A CD  1 
ATOM   480  N NE  . ARG A 1 64  ? 5.284   0.225   -17.300 1.00 33.70 ? 64  ARG A NE  1 
ATOM   481  C CZ  . ARG A 1 64  ? 6.455   0.815   -17.066 1.00 34.62 ? 64  ARG A CZ  1 
ATOM   482  N NH1 . ARG A 1 64  ? 7.549   0.397   -17.687 1.00 35.00 ? 64  ARG A NH1 1 
ATOM   483  N NH2 . ARG A 1 64  ? 6.529   1.829   -16.215 1.00 34.41 ? 64  ARG A NH2 1 
ATOM   484  N N   . GLU A 1 65  ? 5.522   -5.834  -17.405 1.00 26.94 ? 65  GLU A N   1 
ATOM   485  C CA  . GLU A 1 65  ? 4.780   -6.872  -18.122 1.00 27.32 ? 65  GLU A CA  1 
ATOM   486  C C   . GLU A 1 65  ? 4.160   -7.912  -17.194 1.00 26.31 ? 65  GLU A C   1 
ATOM   487  O O   . GLU A 1 65  ? 3.147   -8.528  -17.526 1.00 25.83 ? 65  GLU A O   1 
ATOM   488  C CB  . GLU A 1 65  ? 5.683   -7.560  -19.150 1.00 30.19 ? 65  GLU A CB  1 
ATOM   489  C CG  . GLU A 1 65  ? 5.856   -6.760  -20.429 1.00 34.80 ? 65  GLU A CG  1 
ATOM   490  C CD  . GLU A 1 65  ? 4.529   -6.499  -21.125 1.00 37.19 ? 65  GLU A CD  1 
ATOM   491  O OE1 . GLU A 1 65  ? 3.823   -7.479  -21.442 1.00 39.27 ? 65  GLU A OE1 1 
ATOM   492  O OE2 . GLU A 1 65  ? 4.196   -5.316  -21.355 1.00 39.29 ? 65  GLU A OE2 1 
ATOM   493  N N   . LYS A 1 66  ? 4.770   -8.098  -16.030 1.00 23.21 ? 66  LYS A N   1 
ATOM   494  C CA  . LYS A 1 66  ? 4.285   -9.055  -15.048 1.00 23.41 ? 66  LYS A CA  1 
ATOM   495  C C   . LYS A 1 66  ? 2.892   -8.668  -14.556 1.00 22.40 ? 66  LYS A C   1 
ATOM   496  O O   . LYS A 1 66  ? 2.143   -9.515  -14.074 1.00 21.71 ? 66  LYS A O   1 
ATOM   497  C CB  . LYS A 1 66  ? 5.263   -9.117  -13.869 1.00 23.18 ? 66  LYS A CB  1 
ATOM   498  C CG  . LYS A 1 66  ? 4.857   -10.046 -12.735 1.00 27.09 ? 66  LYS A CG  1 
ATOM   499  C CD  . LYS A 1 66  ? 5.971   -10.133 -11.700 1.00 26.42 ? 66  LYS A CD  1 
ATOM   500  C CE  . LYS A 1 66  ? 5.654   -11.127 -10.594 1.00 25.44 ? 66  LYS A CE  1 
ATOM   501  N NZ  . LYS A 1 66  ? 4.513   -10.699 -9.745  1.00 25.84 ? 66  LYS A NZ  1 
ATOM   502  N N   . PHE A 1 67  ? 2.545   -7.389  -14.689 1.00 21.65 ? 67  PHE A N   1 
ATOM   503  C CA  . PHE A 1 67  ? 1.243   -6.903  -14.242 1.00 19.38 ? 67  PHE A CA  1 
ATOM   504  C C   . PHE A 1 67  ? 0.396   -6.280  -15.342 1.00 19.23 ? 67  PHE A C   1 
ATOM   505  O O   . PHE A 1 67  ? -0.514  -5.493  -15.072 1.00 19.82 ? 67  PHE A O   1 
ATOM   506  C CB  . PHE A 1 67  ? 1.435   -5.914  -13.089 1.00 19.10 ? 67  PHE A CB  1 
ATOM   507  C CG  . PHE A 1 67  ? 1.982   -6.554  -11.857 1.00 18.42 ? 67  PHE A CG  1 
ATOM   508  C CD1 . PHE A 1 67  ? 1.147   -7.264  -11.001 1.00 17.69 ? 67  PHE A CD1 1 
ATOM   509  C CD2 . PHE A 1 67  ? 3.347   -6.526  -11.596 1.00 16.92 ? 67  PHE A CD2 1 
ATOM   510  C CE1 . PHE A 1 67  ? 1.662   -7.944  -9.905  1.00 16.73 ? 67  PHE A CE1 1 
ATOM   511  C CE2 . PHE A 1 67  ? 3.875   -7.204  -10.500 1.00 16.66 ? 67  PHE A CE2 1 
ATOM   512  C CZ  . PHE A 1 67  ? 3.032   -7.916  -9.653  1.00 16.79 ? 67  PHE A CZ  1 
ATOM   513  N N   . SER A 1 68  ? 0.690   -6.641  -16.586 1.00 20.38 ? 68  SER A N   1 
ATOM   514  C CA  . SER A 1 68  ? -0.071  -6.121  -17.710 1.00 20.64 ? 68  SER A CA  1 
ATOM   515  C C   . SER A 1 68  ? -1.516  -6.592  -17.602 1.00 20.18 ? 68  SER A C   1 
ATOM   516  O O   . SER A 1 68  ? -2.428  -5.928  -18.091 1.00 21.19 ? 68  SER A O   1 
ATOM   517  C CB  . SER A 1 68  ? 0.525   -6.612  -19.031 1.00 22.79 ? 68  SER A CB  1 
ATOM   518  O OG  . SER A 1 68  ? 1.876   -6.214  -19.162 1.00 27.16 ? 68  SER A OG  1 
ATOM   519  N N   . PHE A 1 69  ? -1.717  -7.737  -16.954 1.00 21.03 ? 69  PHE A N   1 
ATOM   520  C CA  . PHE A 1 69  ? -3.054  -8.304  -16.804 1.00 20.10 ? 69  PHE A CA  1 
ATOM   521  C C   . PHE A 1 69  ? -4.003  -7.431  -15.988 1.00 20.96 ? 69  PHE A C   1 
ATOM   522  O O   . PHE A 1 69  ? -5.212  -7.652  -15.997 1.00 20.80 ? 69  PHE A O   1 
ATOM   523  C CB  . PHE A 1 69  ? -2.969  -9.709  -16.190 1.00 20.79 ? 69  PHE A CB  1 
ATOM   524  C CG  . PHE A 1 69  ? -2.643  -9.724  -14.719 1.00 20.81 ? 69  PHE A CG  1 
ATOM   525  C CD1 . PHE A 1 69  ? -3.658  -9.667  -13.768 1.00 20.34 ? 69  PHE A CD1 1 
ATOM   526  C CD2 . PHE A 1 69  ? -1.321  -9.808  -14.285 1.00 20.27 ? 69  PHE A CD2 1 
ATOM   527  C CE1 . PHE A 1 69  ? -3.365  -9.694  -12.405 1.00 20.02 ? 69  PHE A CE1 1 
ATOM   528  C CE2 . PHE A 1 69  ? -1.014  -9.834  -12.923 1.00 19.10 ? 69  PHE A CE2 1 
ATOM   529  C CZ  . PHE A 1 69  ? -2.041  -9.779  -11.980 1.00 19.77 ? 69  PHE A CZ  1 
ATOM   530  N N   . LEU A 1 70  ? -3.459  -6.441  -15.284 1.00 20.68 ? 70  LEU A N   1 
ATOM   531  C CA  . LEU A 1 70  ? -4.282  -5.547  -14.475 1.00 21.08 ? 70  LEU A CA  1 
ATOM   532  C C   . LEU A 1 70  ? -4.837  -4.380  -15.285 1.00 20.85 ? 70  LEU A C   1 
ATOM   533  O O   . LEU A 1 70  ? -5.713  -3.657  -14.812 1.00 22.49 ? 70  LEU A O   1 
ATOM   534  C CB  . LEU A 1 70  ? -3.474  -5.004  -13.290 1.00 21.05 ? 70  LEU A CB  1 
ATOM   535  C CG  . LEU A 1 70  ? -3.111  -6.011  -12.198 1.00 21.23 ? 70  LEU A CG  1 
ATOM   536  C CD1 . LEU A 1 70  ? -2.243  -5.328  -11.149 1.00 20.56 ? 70  LEU A CD1 1 
ATOM   537  C CD2 . LEU A 1 70  ? -4.380  -6.559  -11.558 1.00 20.36 ? 70  LEU A CD2 1 
ATOM   538  N N   . ASN A 1 71  ? -4.331  -4.202  -16.503 1.00 22.41 ? 71  ASN A N   1 
ATOM   539  C CA  . ASN A 1 71  ? -4.785  -3.113  -17.367 1.00 23.15 ? 71  ASN A CA  1 
ATOM   540  C C   . ASN A 1 71  ? -4.640  -1.804  -16.601 1.00 24.09 ? 71  ASN A C   1 
ATOM   541  O O   . ASN A 1 71  ? -5.499  -0.921  -16.683 1.00 24.49 ? 71  ASN A O   1 
ATOM   542  C CB  . ASN A 1 71  ? -6.254  -3.315  -17.744 1.00 24.56 ? 71  ASN A CB  1 
ATOM   543  C CG  . ASN A 1 71  ? -6.736  -2.312  -18.776 1.00 25.77 ? 71  ASN A CG  1 
ATOM   544  O OD1 . ASN A 1 71  ? -7.933  -2.035  -18.879 1.00 28.52 ? 71  ASN A OD1 1 
ATOM   545  N ND2 . ASN A 1 71  ? -5.809  -1.774  -19.555 1.00 23.68 ? 71  ASN A ND2 1 
ATOM   546  N N   . ALA A 1 72  ? -3.543  -1.686  -15.858 1.00 23.32 ? 72  ALA A N   1 
ATOM   547  C CA  . ALA A 1 72  ? -3.302  -0.501  -15.045 1.00 22.73 ? 72  ALA A CA  1 
ATOM   548  C C   . ALA A 1 72  ? -1.931  0.130   -15.240 1.00 21.12 ? 72  ALA A C   1 
ATOM   549  O O   . ALA A 1 72  ? -0.979  -0.525  -15.664 1.00 21.70 ? 72  ALA A O   1 
ATOM   550  C CB  . ALA A 1 72  ? -3.484  -0.853  -13.580 1.00 23.60 ? 72  ALA A CB  1 
ATOM   551  N N   . PRO A 1 73  ? -1.816  1.427   -14.920 1.00 21.03 ? 73  PRO A N   1 
ATOM   552  C CA  . PRO A 1 73  ? -0.542  2.134   -15.058 1.00 20.37 ? 73  PRO A CA  1 
ATOM   553  C C   . PRO A 1 73  ? 0.427   1.653   -13.979 1.00 20.96 ? 73  PRO A C   1 
ATOM   554  O O   . PRO A 1 73  ? 0.071   1.593   -12.801 1.00 20.53 ? 73  PRO A O   1 
ATOM   555  C CB  . PRO A 1 73  ? -0.939  3.597   -14.886 1.00 20.85 ? 73  PRO A CB  1 
ATOM   556  C CG  . PRO A 1 73  ? -2.090  3.522   -13.943 1.00 20.39 ? 73  PRO A CG  1 
ATOM   557  C CD  . PRO A 1 73  ? -2.879  2.340   -14.464 1.00 21.62 ? 73  PRO A CD  1 
ATOM   558  N N   . VAL A 1 74  ? 1.643   1.310   -14.390 1.00 18.81 ? 74  VAL A N   1 
ATOM   559  C CA  . VAL A 1 74  ? 2.662   0.819   -13.471 1.00 18.62 ? 74  VAL A CA  1 
ATOM   560  C C   . VAL A 1 74  ? 3.769   1.827   -13.210 1.00 18.85 ? 74  VAL A C   1 
ATOM   561  O O   . VAL A 1 74  ? 4.330   2.403   -14.144 1.00 22.09 ? 74  VAL A O   1 
ATOM   562  C CB  . VAL A 1 74  ? 3.336   -0.463  -14.020 1.00 17.95 ? 74  VAL A CB  1 
ATOM   563  C CG1 . VAL A 1 74  ? 4.436   -0.923  -13.068 1.00 18.46 ? 74  VAL A CG1 1 
ATOM   564  C CG2 . VAL A 1 74  ? 2.305   -1.559  -14.218 1.00 21.76 ? 74  VAL A CG2 1 
ATOM   565  N N   . VAL A 1 75  ? 4.075   2.050   -11.936 1.00 18.41 ? 75  VAL A N   1 
ATOM   566  C CA  . VAL A 1 75  ? 5.161   2.943   -11.568 1.00 18.01 ? 75  VAL A CA  1 
ATOM   567  C C   . VAL A 1 75  ? 6.288   1.969   -11.252 1.00 19.73 ? 75  VAL A C   1 
ATOM   568  O O   . VAL A 1 75  ? 6.177   1.147   -10.345 1.00 18.63 ? 75  VAL A O   1 
ATOM   569  C CB  . VAL A 1 75  ? 4.813   3.805   -10.337 1.00 18.15 ? 75  VAL A CB  1 
ATOM   570  C CG1 . VAL A 1 75  ? 6.027   4.617   -9.917  1.00 17.45 ? 75  VAL A CG1 1 
ATOM   571  C CG2 . VAL A 1 75  ? 3.657   4.743   -10.680 1.00 18.28 ? 75  VAL A CG2 1 
ATOM   572  N N   . LEU A 1 76  ? 7.360   2.051   -12.029 1.00 19.24 ? 76  LEU A N   1 
ATOM   573  C CA  . LEU A 1 76  ? 8.485   1.138   -11.893 1.00 18.66 ? 76  LEU A CA  1 
ATOM   574  C C   . LEU A 1 76  ? 9.417   1.287   -10.697 1.00 16.70 ? 76  LEU A C   1 
ATOM   575  O O   . LEU A 1 76  ? 9.979   2.353   -10.449 1.00 17.68 ? 76  LEU A O   1 
ATOM   576  C CB  . LEU A 1 76  ? 9.325   1.182   -13.174 1.00 21.13 ? 76  LEU A CB  1 
ATOM   577  C CG  . LEU A 1 76  ? 10.395  0.105   -13.335 1.00 23.52 ? 76  LEU A CG  1 
ATOM   578  C CD1 . LEU A 1 76  ? 9.717   -1.237  -13.528 1.00 22.20 ? 76  LEU A CD1 1 
ATOM   579  C CD2 . LEU A 1 76  ? 11.285  0.424   -14.523 1.00 22.12 ? 76  LEU A CD2 1 
ATOM   580  N N   . ASP A 1 77  ? 9.571   0.186   -9.967  1.00 16.56 ? 77  ASP A N   1 
ATOM   581  C CA  . ASP A 1 77  ? 10.471  0.092   -8.825  1.00 17.42 ? 77  ASP A CA  1 
ATOM   582  C C   . ASP A 1 77  ? 11.747  -0.411  -9.507  1.00 18.13 ? 77  ASP A C   1 
ATOM   583  O O   . ASP A 1 77  ? 11.827  -1.574  -9.911  1.00 16.44 ? 77  ASP A O   1 
ATOM   584  C CB  . ASP A 1 77  ? 9.926   -0.947  -7.840  1.00 17.52 ? 77  ASP A CB  1 
ATOM   585  C CG  . ASP A 1 77  ? 10.933  -1.346  -6.774  1.00 19.58 ? 77  ASP A CG  1 
ATOM   586  O OD1 . ASP A 1 77  ? 12.123  -0.991  -6.896  1.00 17.21 ? 77  ASP A OD1 1 
ATOM   587  O OD2 . ASP A 1 77  ? 10.523  -2.039  -5.817  1.00 17.02 ? 77  ASP A OD2 1 
ATOM   588  N N   . GLU A 1 78  ? 12.730  0.474   -9.643  1.00 19.84 ? 78  GLU A N   1 
ATOM   589  C CA  . GLU A 1 78  ? 13.973  0.150   -10.336 1.00 19.57 ? 78  GLU A CA  1 
ATOM   590  C C   . GLU A 1 78  ? 15.065  -0.521  -9.504  1.00 18.49 ? 78  GLU A C   1 
ATOM   591  O O   . GLU A 1 78  ? 16.132  -0.847  -10.020 1.00 17.86 ? 78  GLU A O   1 
ATOM   592  C CB  . GLU A 1 78  ? 14.523  1.423   -10.986 1.00 21.63 ? 78  GLU A CB  1 
ATOM   593  C CG  . GLU A 1 78  ? 13.455  2.204   -11.747 1.00 24.94 ? 78  GLU A CG  1 
ATOM   594  C CD  . GLU A 1 78  ? 13.959  3.513   -12.321 1.00 26.80 ? 78  GLU A CD  1 
ATOM   595  O OE1 . GLU A 1 78  ? 14.636  3.484   -13.372 1.00 29.24 ? 78  GLU A OE1 1 
ATOM   596  O OE2 . GLU A 1 78  ? 13.681  4.571   -11.718 1.00 28.70 ? 78  GLU A OE2 1 
ATOM   597  N N   . PHE A 1 79  ? 14.803  -0.729  -8.222  1.00 18.19 ? 79  PHE A N   1 
ATOM   598  C CA  . PHE A 1 79  ? 15.774  -1.367  -7.342  1.00 19.09 ? 79  PHE A CA  1 
ATOM   599  C C   . PHE A 1 79  ? 15.758  -2.881  -7.498  1.00 19.93 ? 79  PHE A C   1 
ATOM   600  O O   . PHE A 1 79  ? 14.730  -3.470  -7.835  1.00 19.24 ? 79  PHE A O   1 
ATOM   601  C CB  . PHE A 1 79  ? 15.474  -1.015  -5.887  1.00 17.91 ? 79  PHE A CB  1 
ATOM   602  C CG  . PHE A 1 79  ? 15.701  0.428   -5.556  1.00 16.84 ? 79  PHE A CG  1 
ATOM   603  C CD1 . PHE A 1 79  ? 14.718  1.378   -5.818  1.00 18.71 ? 79  PHE A CD1 1 
ATOM   604  C CD2 . PHE A 1 79  ? 16.903  0.844   -4.990  1.00 19.03 ? 79  PHE A CD2 1 
ATOM   605  C CE1 . PHE A 1 79  ? 14.923  2.722   -5.521  1.00 19.96 ? 79  PHE A CE1 1 
ATOM   606  C CE2 . PHE A 1 79  ? 17.120  2.179   -4.689  1.00 19.37 ? 79  PHE A CE2 1 
ATOM   607  C CZ  . PHE A 1 79  ? 16.127  3.124   -4.955  1.00 20.70 ? 79  PHE A CZ  1 
ATOM   608  N N   . GLU A 1 80  ? 16.905  -3.502  -7.244  1.00 21.66 ? 80  GLU A N   1 
ATOM   609  C CA  . GLU A 1 80  ? 17.036  -4.953  -7.328  1.00 23.33 ? 80  GLU A CA  1 
ATOM   610  C C   . GLU A 1 80  ? 16.483  -5.588  -6.052  1.00 22.46 ? 80  GLU A C   1 
ATOM   611  O O   . GLU A 1 80  ? 15.784  -6.604  -6.099  1.00 21.70 ? 80  GLU A O   1 
ATOM   612  C CB  . GLU A 1 80  ? 18.510  -5.343  -7.491  1.00 25.65 ? 80  GLU A CB  1 
ATOM   613  C CG  . GLU A 1 80  ? 19.180  -4.788  -8.739  1.00 32.04 ? 80  GLU A CG  1 
ATOM   614  C CD  . GLU A 1 80  ? 18.609  -5.367  -10.021 1.00 35.08 ? 80  GLU A CD  1 
ATOM   615  O OE1 . GLU A 1 80  ? 18.624  -6.606  -10.174 1.00 39.12 ? 80  GLU A OE1 1 
ATOM   616  O OE2 . GLU A 1 80  ? 18.150  -4.582  -10.880 1.00 39.53 ? 80  GLU A OE2 1 
ATOM   617  N N   . GLU A 1 81  ? 16.801  -4.986  -4.910  1.00 22.99 ? 81  GLU A N   1 
ATOM   618  C CA  . GLU A 1 81  ? 16.330  -5.494  -3.628  1.00 23.16 ? 81  GLU A CA  1 
ATOM   619  C C   . GLU A 1 81  ? 14.826  -5.343  -3.482  1.00 23.31 ? 81  GLU A C   1 
ATOM   620  O O   . GLU A 1 81  ? 14.252  -4.332  -3.881  1.00 22.32 ? 81  GLU A O   1 
ATOM   621  C CB  . GLU A 1 81  ? 17.006  -4.757  -2.474  1.00 25.75 ? 81  GLU A CB  1 
ATOM   622  C CG  . GLU A 1 81  ? 18.429  -5.185  -2.187  1.00 27.67 ? 81  GLU A CG  1 
ATOM   623  C CD  . GLU A 1 81  ? 19.043  -4.359  -1.082  1.00 29.58 ? 81  GLU A CD  1 
ATOM   624  O OE1 . GLU A 1 81  ? 19.188  -3.136  -1.281  1.00 26.42 ? 81  GLU A OE1 1 
ATOM   625  O OE2 . GLU A 1 81  ? 19.372  -4.923  -0.016  1.00 29.58 ? 81  GLU A OE2 1 
ATOM   626  N N   . SER A 1 82  ? 14.194  -6.353  -2.896  1.00 21.69 ? 82  SER A N   1 
ATOM   627  C CA  . SER A 1 82  ? 12.757  -6.327  -2.686  1.00 23.22 ? 82  SER A CA  1 
ATOM   628  C C   . SER A 1 82  ? 12.455  -6.042  -1.218  1.00 22.25 ? 82  SER A C   1 
ATOM   629  O O   . SER A 1 82  ? 12.527  -6.934  -0.373  1.00 25.51 ? 82  SER A O   1 
ATOM   630  C CB  . SER A 1 82  ? 12.140  -7.664  -3.096  1.00 25.23 ? 82  SER A CB  1 
ATOM   631  O OG  . SER A 1 82  ? 10.742  -7.674  -2.868  1.00 30.07 ? 82  SER A OG  1 
ATOM   632  N N   . ALA A 1 83  ? 12.122  -4.790  -0.924  1.00 19.01 ? 83  ALA A N   1 
ATOM   633  C CA  . ALA A 1 83  ? 11.804  -4.371  0.436   1.00 15.69 ? 83  ALA A CA  1 
ATOM   634  C C   . ALA A 1 83  ? 10.617  -3.419  0.381   1.00 15.62 ? 83  ALA A C   1 
ATOM   635  O O   . ALA A 1 83  ? 10.508  -2.600  -0.532  1.00 14.74 ? 83  ALA A O   1 
ATOM   636  C CB  . ALA A 1 83  ? 13.006  -3.682  1.070   1.00 14.00 ? 83  ALA A CB  1 
ATOM   637  N N   . SER A 1 84  ? 9.725   -3.529  1.356   1.00 14.30 ? 84  SER A N   1 
ATOM   638  C CA  . SER A 1 84  ? 8.543   -2.676  1.383   1.00 13.25 ? 84  SER A CA  1 
ATOM   639  C C   . SER A 1 84  ? 8.890   -1.196  1.408   1.00 13.41 ? 84  SER A C   1 
ATOM   640  O O   . SER A 1 84  ? 8.201   -0.382  0.790   1.00 12.55 ? 84  SER A O   1 
ATOM   641  C CB  . SER A 1 84  ? 7.673   -3.025  2.590   1.00 14.04 ? 84  SER A CB  1 
ATOM   642  O OG  . SER A 1 84  ? 7.196   -4.353  2.480   1.00 13.55 ? 84  SER A OG  1 
ATOM   643  N N   . ILE A 1 85  ? 9.963   -0.845  2.113   1.00 12.41 ? 85  ILE A N   1 
ATOM   644  C CA  . ILE A 1 85  ? 10.353  0.558   2.208   1.00 12.65 ? 85  ILE A CA  1 
ATOM   645  C C   . ILE A 1 85  ? 10.755  1.107   0.843   1.00 13.87 ? 85  ILE A C   1 
ATOM   646  O O   . ILE A 1 85  ? 10.614  2.299   0.581   1.00 13.02 ? 85  ILE A O   1 
ATOM   647  C CB  . ILE A 1 85  ? 11.501  0.759   3.239   1.00 12.80 ? 85  ILE A CB  1 
ATOM   648  C CG1 . ILE A 1 85  ? 11.665  2.252   3.544   1.00 14.09 ? 85  ILE A CG1 1 
ATOM   649  C CG2 . ILE A 1 85  ? 12.796  0.183   2.709   1.00 13.36 ? 85  ILE A CG2 1 
ATOM   650  C CD1 . ILE A 1 85  ? 12.650  2.553   4.665   1.00 14.94 ? 85  ILE A CD1 1 
ATOM   651  N N   . ILE A 1 86  ? 11.242  0.233   -0.034  1.00 14.67 ? 86  ILE A N   1 
ATOM   652  C CA  . ILE A 1 86  ? 11.636  0.650   -1.378  1.00 16.19 ? 86  ILE A CA  1 
ATOM   653  C C   . ILE A 1 86  ? 10.391  0.898   -2.231  1.00 16.34 ? 86  ILE A C   1 
ATOM   654  O O   . ILE A 1 86  ? 10.383  1.776   -3.094  1.00 16.64 ? 86  ILE A O   1 
ATOM   655  C CB  . ILE A 1 86  ? 12.547  -0.407  -2.037  1.00 16.11 ? 86  ILE A CB  1 
ATOM   656  C CG1 . ILE A 1 86  ? 13.907  -0.398  -1.325  1.00 16.06 ? 86  ILE A CG1 1 
ATOM   657  C CG2 . ILE A 1 86  ? 12.697  -0.120  -3.529  1.00 17.31 ? 86  ILE A CG2 1 
ATOM   658  C CD1 . ILE A 1 86  ? 14.920  -1.386  -1.868  1.00 18.01 ? 86  ILE A CD1 1 
ATOM   659  N N   . GLY A 1 87  ? 9.331   0.134   -1.980  1.00 15.69 ? 87  GLY A N   1 
ATOM   660  C CA  . GLY A 1 87  ? 8.099   0.343   -2.724  1.00 15.96 ? 87  GLY A CA  1 
ATOM   661  C C   . GLY A 1 87  ? 7.486   1.667   -2.285  1.00 15.31 ? 87  GLY A C   1 
ATOM   662  O O   . GLY A 1 87  ? 6.912   2.409   -3.090  1.00 14.89 ? 87  GLY A O   1 
ATOM   663  N N   . LEU A 1 88  ? 7.613   1.958   -0.993  1.00 15.56 ? 88  LEU A N   1 
ATOM   664  C CA  . LEU A 1 88  ? 7.097   3.193   -0.416  1.00 15.27 ? 88  LEU A CA  1 
ATOM   665  C C   . LEU A 1 88  ? 7.850   4.376   -1.011  1.00 13.74 ? 88  LEU A C   1 
ATOM   666  O O   . LEU A 1 88  ? 7.253   5.372   -1.401  1.00 14.56 ? 88  LEU A O   1 
ATOM   667  C CB  . LEU A 1 88  ? 7.272   3.168   1.105   1.00 17.90 ? 88  LEU A CB  1 
ATOM   668  C CG  . LEU A 1 88  ? 6.711   4.344   1.908   1.00 19.06 ? 88  LEU A CG  1 
ATOM   669  C CD1 . LEU A 1 88  ? 5.208   4.429   1.693   1.00 21.26 ? 88  LEU A CD1 1 
ATOM   670  C CD2 . LEU A 1 88  ? 7.018   4.155   3.389   1.00 21.59 ? 88  LEU A CD2 1 
ATOM   671  N N   . TYR A 1 89  ? 9.172   4.256   -1.079  1.00 15.12 ? 89  TYR A N   1 
ATOM   672  C CA  . TYR A 1 89  ? 10.009  5.306   -1.645  1.00 14.23 ? 89  TYR A CA  1 
ATOM   673  C C   . TYR A 1 89  ? 9.578   5.569   -3.087  1.00 15.49 ? 89  TYR A C   1 
ATOM   674  O O   . TYR A 1 89  ? 9.392   6.715   -3.498  1.00 17.47 ? 89  TYR A O   1 
ATOM   675  C CB  . TYR A 1 89  ? 11.476  4.871   -1.611  1.00 16.25 ? 89  TYR A CB  1 
ATOM   676  C CG  . TYR A 1 89  ? 12.397  5.700   -2.480  1.00 16.43 ? 89  TYR A CG  1 
ATOM   677  C CD1 . TYR A 1 89  ? 12.782  6.983   -2.097  1.00 19.81 ? 89  TYR A CD1 1 
ATOM   678  C CD2 . TYR A 1 89  ? 12.864  5.207   -3.699  1.00 20.27 ? 89  TYR A CD2 1 
ATOM   679  C CE1 . TYR A 1 89  ? 13.610  7.754   -2.908  1.00 22.40 ? 89  TYR A CE1 1 
ATOM   680  C CE2 . TYR A 1 89  ? 13.689  5.974   -4.521  1.00 23.63 ? 89  TYR A CE2 1 
ATOM   681  C CZ  . TYR A 1 89  ? 14.056  7.244   -4.115  1.00 22.42 ? 89  TYR A CZ  1 
ATOM   682  O OH  . TYR A 1 89  ? 14.862  8.012   -4.921  1.00 28.29 ? 89  TYR A OH  1 
ATOM   683  N N   . THR A 1 90  ? 9.410   4.493   -3.848  1.00 15.25 ? 90  THR A N   1 
ATOM   684  C CA  . THR A 1 90  ? 9.011   4.607   -5.245  1.00 14.93 ? 90  THR A CA  1 
ATOM   685  C C   . THR A 1 90  ? 7.672   5.316   -5.391  1.00 14.28 ? 90  THR A C   1 
ATOM   686  O O   . THR A 1 90  ? 7.492   6.133   -6.289  1.00 14.31 ? 90  THR A O   1 
ATOM   687  C CB  . THR A 1 90  ? 8.929   3.221   -5.901  1.00 15.09 ? 90  THR A CB  1 
ATOM   688  O OG1 . THR A 1 90  ? 10.217  2.595   -5.828  1.00 14.55 ? 90  THR A OG1 1 
ATOM   689  C CG2 . THR A 1 90  ? 8.510   3.339   -7.365  1.00 18.00 ? 90  THR A CG2 1 
ATOM   690  N N   . ALA A 1 91  ? 6.732   5.007   -4.501  1.00 12.97 ? 91  ALA A N   1 
ATOM   691  C CA  . ALA A 1 91  ? 5.416   5.627   -4.546  1.00 14.02 ? 91  ALA A CA  1 
ATOM   692  C C   . ALA A 1 91  ? 5.496   7.127   -4.261  1.00 15.91 ? 91  ALA A C   1 
ATOM   693  O O   . ALA A 1 91  ? 4.932   7.938   -4.997  1.00 15.28 ? 91  ALA A O   1 
ATOM   694  C CB  . ALA A 1 91  ? 4.495   4.958   -3.525  1.00 13.98 ? 91  ALA A CB  1 
ATOM   695  N N   . LEU A 1 92  ? 6.203   7.490   -3.194  1.00 16.91 ? 92  LEU A N   1 
ATOM   696  C CA  . LEU A 1 92  ? 6.318   8.891   -2.803  1.00 18.42 ? 92  LEU A CA  1 
ATOM   697  C C   . LEU A 1 92  ? 7.114   9.736   -3.788  1.00 18.87 ? 92  LEU A C   1 
ATOM   698  O O   . LEU A 1 92  ? 6.851   10.929  -3.947  1.00 18.11 ? 92  LEU A O   1 
ATOM   699  C CB  . LEU A 1 92  ? 6.913   8.990   -1.403  1.00 19.98 ? 92  LEU A CB  1 
ATOM   700  C CG  . LEU A 1 92  ? 5.993   8.400   -0.332  1.00 20.22 ? 92  LEU A CG  1 
ATOM   701  C CD1 . LEU A 1 92  ? 6.669   8.459   1.018   1.00 20.39 ? 92  LEU A CD1 1 
ATOM   702  C CD2 . LEU A 1 92  ? 4.672   9.163   -0.308  1.00 21.41 ? 92  LEU A CD2 1 
ATOM   703  N N   . LYS A 1 93  ? 8.079   9.115   -4.455  1.00 19.18 ? 93  LYS A N   1 
ATOM   704  C CA  . LYS A 1 93  ? 8.887   9.813   -5.448  1.00 20.96 ? 93  LYS A CA  1 
ATOM   705  C C   . LYS A 1 93  ? 7.985   10.203  -6.625  1.00 21.43 ? 93  LYS A C   1 
ATOM   706  O O   . LYS A 1 93  ? 8.113   11.289  -7.196  1.00 20.56 ? 93  LYS A O   1 
ATOM   707  C CB  . LYS A 1 93  ? 10.010  8.887   -5.920  1.00 22.35 ? 93  LYS A CB  1 
ATOM   708  C CG  . LYS A 1 93  ? 10.911  9.432   -7.012  1.00 25.02 ? 93  LYS A CG  1 
ATOM   709  C CD  . LYS A 1 93  ? 11.942  8.373   -7.384  1.00 27.05 ? 93  LYS A CD  1 
ATOM   710  C CE  . LYS A 1 93  ? 12.844  8.817   -8.517  1.00 27.00 ? 93  LYS A CE  1 
ATOM   711  N NZ  . LYS A 1 93  ? 13.843  7.759   -8.825  1.00 28.85 ? 93  LYS A NZ  1 
ATOM   712  N N   . HIS A 1 94  ? 7.058   9.312   -6.965  1.00 19.56 ? 94  HIS A N   1 
ATOM   713  C CA  . HIS A 1 94  ? 6.135   9.529   -8.072  1.00 18.44 ? 94  HIS A CA  1 
ATOM   714  C C   . HIS A 1 94  ? 4.972   10.446  -7.706  1.00 17.92 ? 94  HIS A C   1 
ATOM   715  O O   . HIS A 1 94  ? 4.438   11.140  -8.564  1.00 19.42 ? 94  HIS A O   1 
ATOM   716  C CB  . HIS A 1 94  ? 5.575   8.183   -8.549  1.00 17.02 ? 94  HIS A CB  1 
ATOM   717  C CG  . HIS A 1 94  ? 4.610   8.293   -9.687  1.00 18.89 ? 94  HIS A CG  1 
ATOM   718  N ND1 . HIS A 1 94  ? 5.012   8.409   -11.000 1.00 20.45 ? 94  HIS A ND1 1 
ATOM   719  C CD2 . HIS A 1 94  ? 3.255   8.302   -9.708  1.00 16.15 ? 94  HIS A CD2 1 
ATOM   720  C CE1 . HIS A 1 94  ? 3.949   8.480   -11.781 1.00 18.99 ? 94  HIS A CE1 1 
ATOM   721  N NE2 . HIS A 1 94  ? 2.870   8.417   -11.021 1.00 21.58 ? 94  HIS A NE2 1 
ATOM   722  N N   . ALA A 1 95  ? 4.583   10.438  -6.433  1.00 18.29 ? 95  ALA A N   1 
ATOM   723  C CA  . ALA A 1 95  ? 3.455   11.238  -5.948  1.00 18.58 ? 95  ALA A CA  1 
ATOM   724  C C   . ALA A 1 95  ? 3.344   12.628  -6.571  1.00 20.65 ? 95  ALA A C   1 
ATOM   725  O O   . ALA A 1 95  ? 4.324   13.365  -6.637  1.00 20.53 ? 95  ALA A O   1 
ATOM   726  C CB  . ALA A 1 95  ? 3.527   11.357  -4.433  1.00 18.86 ? 95  ALA A CB  1 
ATOM   727  N N   . LYS A 1 96  ? 2.140   12.975  -7.023  1.00 22.96 ? 96  LYS A N   1 
ATOM   728  C CA  . LYS A 1 96  ? 1.885   14.279  -7.630  1.00 24.81 ? 96  LYS A CA  1 
ATOM   729  C C   . LYS A 1 96  ? 1.128   15.187  -6.664  1.00 24.53 ? 96  LYS A C   1 
ATOM   730  O O   . LYS A 1 96  ? 0.927   16.371  -6.940  1.00 26.82 ? 96  LYS A O   1 
ATOM   731  C CB  . LYS A 1 96  ? 1.078   14.119  -8.921  1.00 25.57 ? 96  LYS A CB  1 
ATOM   732  C CG  . LYS A 1 96  ? 1.662   13.118  -9.909  1.00 30.27 ? 96  LYS A CG  1 
ATOM   733  C CD  . LYS A 1 96  ? 3.126   13.398  -10.219 1.00 33.80 ? 96  LYS A CD  1 
ATOM   734  C CE  . LYS A 1 96  ? 3.689   12.353  -11.175 1.00 34.90 ? 96  LYS A CE  1 
ATOM   735  N NZ  . LYS A 1 96  ? 5.173   12.428  -11.277 1.00 36.15 ? 96  LYS A NZ  1 
ATOM   736  N N   . GLU A 1 97  ? 0.697   14.622  -5.539  1.00 23.21 ? 97  GLU A N   1 
ATOM   737  C CA  . GLU A 1 97  ? -0.017  15.382  -4.518  1.00 23.23 ? 97  GLU A CA  1 
ATOM   738  C C   . GLU A 1 97  ? 0.757   15.235  -3.207  1.00 22.68 ? 97  GLU A C   1 
ATOM   739  O O   . GLU A 1 97  ? 1.588   14.340  -3.076  1.00 21.56 ? 97  GLU A O   1 
ATOM   740  C CB  . GLU A 1 97  ? -1.448  14.861  -4.351  1.00 23.99 ? 97  GLU A CB  1 
ATOM   741  C CG  . GLU A 1 97  ? -2.304  14.948  -5.612  1.00 28.35 ? 97  GLU A CG  1 
ATOM   742  C CD  . GLU A 1 97  ? -3.779  14.715  -5.333  1.00 30.81 ? 97  GLU A CD  1 
ATOM   743  O OE1 . GLU A 1 97  ? -4.111  13.710  -4.672  1.00 28.82 ? 97  GLU A OE1 1 
ATOM   744  O OE2 . GLU A 1 97  ? -4.612  15.534  -5.777  1.00 32.36 ? 97  GLU A OE2 1 
ATOM   745  N N   . GLU A 1 98  ? 0.479   16.108  -2.243  1.00 22.58 ? 98  GLU A N   1 
ATOM   746  C CA  . GLU A 1 98  ? 1.183   16.089  -0.960  1.00 23.55 ? 98  GLU A CA  1 
ATOM   747  C C   . GLU A 1 98  ? 0.948   14.850  -0.100  1.00 21.47 ? 98  GLU A C   1 
ATOM   748  O O   . GLU A 1 98  ? 1.838   14.422  0.638   1.00 21.79 ? 98  GLU A O   1 
ATOM   749  C CB  . GLU A 1 98  ? 0.827   17.338  -0.149  1.00 27.25 ? 98  GLU A CB  1 
ATOM   750  C CG  . GLU A 1 98  ? 1.502   17.402  1.212   1.00 32.94 ? 98  GLU A CG  1 
ATOM   751  C CD  . GLU A 1 98  ? 3.014   17.310  1.116   1.00 36.18 ? 98  GLU A CD  1 
ATOM   752  O OE1 . GLU A 1 98  ? 3.622   18.172  0.447   1.00 38.81 ? 98  GLU A OE1 1 
ATOM   753  O OE2 . GLU A 1 98  ? 3.594   16.375  1.709   1.00 36.46 ? 98  GLU A OE2 1 
ATOM   754  N N   . ASN A 1 99  ? -0.250  14.286  -0.181  1.00 18.79 ? 99  ASN A N   1 
ATOM   755  C CA  . ASN A 1 99  ? -0.582  13.096  0.590   1.00 17.18 ? 99  ASN A CA  1 
ATOM   756  C C   . ASN A 1 99  ? -1.169  12.051  -0.349  1.00 17.96 ? 99  ASN A C   1 
ATOM   757  O O   . ASN A 1 99  ? -2.059  12.355  -1.142  1.00 17.49 ? 99  ASN A O   1 
ATOM   758  C CB  . ASN A 1 99  ? -1.592  13.444  1.686   1.00 18.08 ? 99  ASN A CB  1 
ATOM   759  C CG  . ASN A 1 99  ? -1.069  14.489  2.645   1.00 21.50 ? 99  ASN A CG  1 
ATOM   760  O OD1 . ASN A 1 99  ? -0.060  14.281  3.318   1.00 20.43 ? 99  ASN A OD1 1 
ATOM   761  N ND2 . ASN A 1 99  ? -1.753  15.628  2.713   1.00 23.04 ? 99  ASN A ND2 1 
ATOM   762  N N   . VAL A 1 100 ? -0.661  10.825  -0.270  1.00 16.17 ? 100 VAL A N   1 
ATOM   763  C CA  . VAL A 1 100 ? -1.156  9.761   -1.129  1.00 14.98 ? 100 VAL A CA  1 
ATOM   764  C C   . VAL A 1 100 ? -1.455  8.511   -0.318  1.00 14.81 ? 100 VAL A C   1 
ATOM   765  O O   . VAL A 1 100 ? -0.879  8.296   0.752   1.00 13.89 ? 100 VAL A O   1 
ATOM   766  C CB  . VAL A 1 100 ? -0.133  9.409   -2.242  1.00 15.71 ? 100 VAL A CB  1 
ATOM   767  C CG1 . VAL A 1 100 ? 0.166   10.647  -3.086  1.00 16.14 ? 100 VAL A CG1 1 
ATOM   768  C CG2 . VAL A 1 100 ? 1.142   8.850   -1.628  1.00 15.90 ? 100 VAL A CG2 1 
ATOM   769  N N   . PHE A 1 101 ? -2.378  7.695   -0.818  1.00 13.23 ? 101 PHE A N   1 
ATOM   770  C CA  . PHE A 1 101 ? -2.716  6.468   -0.122  1.00 12.88 ? 101 PHE A CA  1 
ATOM   771  C C   . PHE A 1 101 ? -1.778  5.357   -0.577  1.00 13.92 ? 101 PHE A C   1 
ATOM   772  O O   . PHE A 1 101 ? -1.328  5.334   -1.729  1.00 14.63 ? 101 PHE A O   1 
ATOM   773  C CB  . PHE A 1 101 ? -4.166  6.058   -0.391  1.00 12.92 ? 101 PHE A CB  1 
ATOM   774  C CG  . PHE A 1 101 ? -4.758  5.227   0.707   1.00 12.38 ? 101 PHE A CG  1 
ATOM   775  C CD1 . PHE A 1 101 ? -4.583  3.850   0.729   1.00 15.36 ? 101 PHE A CD1 1 
ATOM   776  C CD2 . PHE A 1 101 ? -5.431  5.834   1.764   1.00 14.39 ? 101 PHE A CD2 1 
ATOM   777  C CE1 . PHE A 1 101 ? -5.064  3.085   1.792   1.00 14.25 ? 101 PHE A CE1 1 
ATOM   778  C CE2 . PHE A 1 101 ? -5.916  5.078   2.832   1.00 16.33 ? 101 PHE A CE2 1 
ATOM   779  C CZ  . PHE A 1 101 ? -5.729  3.698   2.844   1.00 12.91 ? 101 PHE A CZ  1 
ATOM   780  N N   . VAL A 1 102 ? -1.468  4.452   0.346   1.00 13.43 ? 102 VAL A N   1 
ATOM   781  C CA  . VAL A 1 102 ? -0.597  3.317   0.070   1.00 13.15 ? 102 VAL A CA  1 
ATOM   782  C C   . VAL A 1 102 ? -1.379  2.085   0.490   1.00 13.89 ? 102 VAL A C   1 
ATOM   783  O O   . VAL A 1 102 ? -1.921  2.026   1.597   1.00 12.36 ? 102 VAL A O   1 
ATOM   784  C CB  . VAL A 1 102 ? 0.716   3.409   0.869   1.00 12.65 ? 102 VAL A CB  1 
ATOM   785  C CG1 . VAL A 1 102 ? 1.536   2.137   0.677   1.00 14.56 ? 102 VAL A CG1 1 
ATOM   786  C CG2 . VAL A 1 102 ? 1.517   4.618   0.404   1.00 14.74 ? 102 VAL A CG2 1 
ATOM   787  N N   . LEU A 1 103 ? -1.433  1.100   -0.397  1.00 12.34 ? 103 LEU A N   1 
ATOM   788  C CA  . LEU A 1 103 ? -2.205  -0.102  -0.143  1.00 14.85 ? 103 LEU A CA  1 
ATOM   789  C C   . LEU A 1 103 ? -1.451  -1.332  -0.634  1.00 13.96 ? 103 LEU A C   1 
ATOM   790  O O   . LEU A 1 103 ? -1.125  -1.434  -1.814  1.00 15.45 ? 103 LEU A O   1 
ATOM   791  C CB  . LEU A 1 103 ? -3.548  0.036   -0.873  1.00 17.50 ? 103 LEU A CB  1 
ATOM   792  C CG  . LEU A 1 103 ? -4.719  -0.913  -0.644  1.00 20.21 ? 103 LEU A CG  1 
ATOM   793  C CD1 . LEU A 1 103 ? -5.120  -0.915  0.826   1.00 16.81 ? 103 LEU A CD1 1 
ATOM   794  C CD2 . LEU A 1 103 ? -5.895  -0.451  -1.507  1.00 18.51 ? 103 LEU A CD2 1 
ATOM   795  N N   . SER A 1 104 ? -1.163  -2.259  0.276   1.00 13.06 ? 104 SER A N   1 
ATOM   796  C CA  . SER A 1 104 ? -0.461  -3.485  -0.091  1.00 13.62 ? 104 SER A CA  1 
ATOM   797  C C   . SER A 1 104 ? -1.342  -4.304  -1.036  1.00 13.91 ? 104 SER A C   1 
ATOM   798  O O   . SER A 1 104 ? -2.560  -4.373  -0.862  1.00 13.57 ? 104 SER A O   1 
ATOM   799  C CB  . SER A 1 104 ? -0.142  -4.299  1.166   1.00 16.33 ? 104 SER A CB  1 
ATOM   800  O OG  . SER A 1 104 ? 0.603   -5.455  0.837   1.00 17.22 ? 104 SER A OG  1 
ATOM   801  N N   . GLY A 1 105 ? -0.726  -4.924  -2.038  1.00 14.20 ? 105 GLY A N   1 
ATOM   802  C CA  . GLY A 1 105 ? -1.495  -5.714  -2.985  1.00 15.79 ? 105 GLY A CA  1 
ATOM   803  C C   . GLY A 1 105 ? -1.804  -7.143  -2.569  1.00 16.86 ? 105 GLY A C   1 
ATOM   804  O O   . GLY A 1 105 ? -2.304  -7.921  -3.383  1.00 17.00 ? 105 GLY A O   1 
ATOM   805  N N   . ASP A 1 106 ? -1.533  -7.494  -1.315  1.00 15.05 ? 106 ASP A N   1 
ATOM   806  C CA  . ASP A 1 106 ? -1.778  -8.855  -0.833  1.00 15.20 ? 106 ASP A CA  1 
ATOM   807  C C   . ASP A 1 106 ? -2.871  -8.973  0.234   1.00 15.90 ? 106 ASP A C   1 
ATOM   808  O O   . ASP A 1 106 ? -2.827  -9.864  1.084   1.00 19.36 ? 106 ASP A O   1 
ATOM   809  C CB  . ASP A 1 106 ? -0.472  -9.445  -0.294  1.00 19.13 ? 106 ASP A CB  1 
ATOM   810  C CG  . ASP A 1 106 ? 0.038   -8.710  0.927   1.00 23.20 ? 106 ASP A CG  1 
ATOM   811  O OD1 . ASP A 1 106 ? -0.582  -7.693  1.306   1.00 22.08 ? 106 ASP A OD1 1 
ATOM   812  O OD2 . ASP A 1 106 ? 1.058   -9.145  1.504   1.00 26.97 ? 106 ASP A OD2 1 
ATOM   813  N N   . LEU A 1 107 ? -3.860  -8.089  0.177   1.00 13.71 ? 107 LEU A N   1 
ATOM   814  C CA  . LEU A 1 107 ? -4.960  -8.090  1.142   1.00 14.37 ? 107 LEU A CA  1 
ATOM   815  C C   . LEU A 1 107 ? -6.239  -8.573  0.458   1.00 14.30 ? 107 LEU A C   1 
ATOM   816  O O   . LEU A 1 107 ? -7.013  -7.782  -0.078  1.00 15.92 ? 107 LEU A O   1 
ATOM   817  C CB  . LEU A 1 107 ? -5.132  -6.680  1.702   1.00 17.09 ? 107 LEU A CB  1 
ATOM   818  C CG  . LEU A 1 107 ? -3.859  -6.214  2.422   1.00 17.60 ? 107 LEU A CG  1 
ATOM   819  C CD1 . LEU A 1 107 ? -3.916  -4.717  2.690   1.00 17.55 ? 107 LEU A CD1 1 
ATOM   820  C CD2 . LEU A 1 107 ? -3.689  -6.992  3.720   1.00 21.07 ? 107 LEU A CD2 1 
ATOM   821  N N   . PRO A 1 108 ? -6.482  -9.894  0.500   1.00 13.63 ? 108 PRO A N   1 
ATOM   822  C CA  . PRO A 1 108 ? -7.636  -10.563 -0.104  1.00 15.86 ? 108 PRO A CA  1 
ATOM   823  C C   . PRO A 1 108 ? -9.029  -10.150 0.346   1.00 16.35 ? 108 PRO A C   1 
ATOM   824  O O   . PRO A 1 108 ? -10.001 -10.376 -0.375  1.00 19.98 ? 108 PRO A O   1 
ATOM   825  C CB  . PRO A 1 108 ? -7.353  -12.037 0.171   1.00 14.82 ? 108 PRO A CB  1 
ATOM   826  C CG  . PRO A 1 108 ? -6.688  -11.994 1.505   1.00 16.51 ? 108 PRO A CG  1 
ATOM   827  C CD  . PRO A 1 108 ? -5.727  -10.827 1.357   1.00 14.01 ? 108 PRO A CD  1 
ATOM   828  N N   . LEU A 1 109 ? -9.135  -9.546  1.525   1.00 14.21 ? 109 LEU A N   1 
ATOM   829  C CA  . LEU A 1 109 ? -10.439 -9.146  2.042   1.00 14.93 ? 109 LEU A CA  1 
ATOM   830  C C   . LEU A 1 109 ? -10.665 -7.638  2.152   1.00 15.41 ? 109 LEU A C   1 
ATOM   831  O O   . LEU A 1 109 ? -11.666 -7.200  2.724   1.00 14.52 ? 109 LEU A O   1 
ATOM   832  C CB  . LEU A 1 109 ? -10.662 -9.804  3.404   1.00 14.80 ? 109 LEU A CB  1 
ATOM   833  C CG  . LEU A 1 109 ? -10.719 -11.331 3.328   1.00 17.21 ? 109 LEU A CG  1 
ATOM   834  C CD1 . LEU A 1 109 ? -10.713 -11.923 4.724   1.00 21.30 ? 109 LEU A CD1 1 
ATOM   835  C CD2 . LEU A 1 109 ? -11.966 -11.755 2.565   1.00 21.66 ? 109 LEU A CD2 1 
ATOM   836  N N   . MET A 1 110 ? -9.757  -6.847  1.592   1.00 16.08 ? 110 MET A N   1 
ATOM   837  C CA  . MET A 1 110 ? -9.895  -5.393  1.654   1.00 15.54 ? 110 MET A CA  1 
ATOM   838  C C   . MET A 1 110 ? -11.226 -4.912  1.084   1.00 16.42 ? 110 MET A C   1 
ATOM   839  O O   . MET A 1 110 ? -11.730 -5.441  0.090   1.00 16.17 ? 110 MET A O   1 
ATOM   840  C CB  . MET A 1 110 ? -8.733  -4.710  0.915   1.00 16.00 ? 110 MET A CB  1 
ATOM   841  C CG  . MET A 1 110 ? -8.734  -3.176  0.966   1.00 13.59 ? 110 MET A CG  1 
ATOM   842  S SD  . MET A 1 110 ? -8.741  -2.430  2.643   1.00 8.77  ? 110 MET A SD  1 
ATOM   843  C CE  . MET A 1 110 ? -7.281  -3.186  3.368   1.00 15.51 ? 110 MET A CE  1 
ATOM   844  N N   . LYS A 1 111 ? -11.802 -3.921  1.752   1.00 16.48 ? 111 LYS A N   1 
ATOM   845  C CA  . LYS A 1 111 ? -13.065 -3.326  1.339   1.00 18.63 ? 111 LYS A CA  1 
ATOM   846  C C   . LYS A 1 111 ? -12.886 -1.822  1.318   1.00 17.59 ? 111 LYS A C   1 
ATOM   847  O O   . LYS A 1 111 ? -12.093 -1.271  2.075   1.00 15.98 ? 111 LYS A O   1 
ATOM   848  C CB  . LYS A 1 111 ? -14.189 -3.682  2.312   1.00 22.56 ? 111 LYS A CB  1 
ATOM   849  C CG  . LYS A 1 111 ? -14.803 -5.046  2.086   1.00 28.65 ? 111 LYS A CG  1 
ATOM   850  C CD  . LYS A 1 111 ? -16.176 -5.132  2.736   1.00 33.35 ? 111 LYS A CD  1 
ATOM   851  C CE  . LYS A 1 111 ? -16.910 -6.392  2.292   1.00 35.77 ? 111 LYS A CE  1 
ATOM   852  N NZ  . LYS A 1 111 ? -18.316 -6.436  2.784   1.00 36.88 ? 111 LYS A NZ  1 
ATOM   853  N N   . LYS A 1 112 ? -13.631 -1.158  0.449   1.00 15.18 ? 112 LYS A N   1 
ATOM   854  C CA  . LYS A 1 112 ? -13.530 0.283   0.332   1.00 14.88 ? 112 LYS A CA  1 
ATOM   855  C C   . LYS A 1 112 ? -13.801 0.999   1.650   1.00 14.61 ? 112 LYS A C   1 
ATOM   856  O O   . LYS A 1 112 ? -13.170 2.012   1.941   1.00 15.40 ? 112 LYS A O   1 
ATOM   857  C CB  . LYS A 1 112 ? -14.502 0.779   -0.736  1.00 17.51 ? 112 LYS A CB  1 
ATOM   858  C CG  . LYS A 1 112 ? -15.964 0.548   -0.395  1.00 22.24 ? 112 LYS A CG  1 
ATOM   859  C CD  . LYS A 1 112 ? -16.871 0.942   -1.550  1.00 24.71 ? 112 LYS A CD  1 
ATOM   860  C CE  . LYS A 1 112 ? -16.672 2.393   -1.935  1.00 25.42 ? 112 LYS A CE  1 
ATOM   861  N NZ  . LYS A 1 112 ? -17.639 2.827   -2.986  1.00 30.79 ? 112 LYS A NZ  1 
ATOM   862  N N   . GLU A 1 113 ? -14.732 0.485   2.449   1.00 14.36 ? 113 GLU A N   1 
ATOM   863  C CA  . GLU A 1 113 ? -15.046 1.135   3.722   1.00 14.48 ? 113 GLU A CA  1 
ATOM   864  C C   . GLU A 1 113 ? -13.826 1.267   4.625   1.00 14.19 ? 113 GLU A C   1 
ATOM   865  O O   . GLU A 1 113 ? -13.701 2.236   5.372   1.00 14.02 ? 113 GLU A O   1 
ATOM   866  C CB  . GLU A 1 113 ? -16.150 0.381   4.468   1.00 16.26 ? 113 GLU A CB  1 
ATOM   867  C CG  . GLU A 1 113 ? -17.492 0.386   3.759   1.00 19.53 ? 113 GLU A CG  1 
ATOM   868  C CD  . GLU A 1 113 ? -17.738 -0.883  2.966   1.00 23.59 ? 113 GLU A CD  1 
ATOM   869  O OE1 . GLU A 1 113 ? -16.858 -1.276  2.176   1.00 18.96 ? 113 GLU A OE1 1 
ATOM   870  O OE2 . GLU A 1 113 ? -18.820 -1.487  3.135   1.00 28.93 ? 113 GLU A OE2 1 
ATOM   871  N N   . THR A 1 114 ? -12.926 0.295   4.556   1.00 13.29 ? 114 THR A N   1 
ATOM   872  C CA  . THR A 1 114 ? -11.725 0.339   5.378   1.00 13.37 ? 114 THR A CA  1 
ATOM   873  C C   . THR A 1 114 ? -10.842 1.483   4.904   1.00 14.25 ? 114 THR A C   1 
ATOM   874  O O   . THR A 1 114 ? -10.298 2.240   5.711   1.00 13.88 ? 114 THR A O   1 
ATOM   875  C CB  . THR A 1 114 ? -10.961 -0.984  5.293   1.00 15.18 ? 114 THR A CB  1 
ATOM   876  O OG1 . THR A 1 114 ? -11.815 -2.042  5.742   1.00 15.47 ? 114 THR A OG1 1 
ATOM   877  C CG2 . THR A 1 114 ? -9.710  -0.937  6.154   1.00 13.36 ? 114 THR A CG2 1 
ATOM   878  N N   . VAL A 1 115 ? -10.717 1.622   3.588   1.00 12.44 ? 115 VAL A N   1 
ATOM   879  C CA  . VAL A 1 115 ? -9.913  2.691   3.022   1.00 14.27 ? 115 VAL A CA  1 
ATOM   880  C C   . VAL A 1 115 ? -10.522 4.042   3.388   1.00 12.97 ? 115 VAL A C   1 
ATOM   881  O O   . VAL A 1 115 ? -9.816  4.966   3.799   1.00 12.24 ? 115 VAL A O   1 
ATOM   882  C CB  . VAL A 1 115 ? -9.840  2.572   1.493   1.00 15.48 ? 115 VAL A CB  1 
ATOM   883  C CG1 . VAL A 1 115 ? -9.105  3.768   0.907   1.00 16.18 ? 115 VAL A CG1 1 
ATOM   884  C CG2 . VAL A 1 115 ? -9.137  1.280   1.118   1.00 18.68 ? 115 VAL A CG2 1 
ATOM   885  N N   . LEU A 1 116 ? -11.841 4.146   3.251   1.00 12.47 ? 116 LEU A N   1 
ATOM   886  C CA  . LEU A 1 116 ? -12.535 5.389   3.553   1.00 11.71 ? 116 LEU A CA  1 
ATOM   887  C C   . LEU A 1 116 ? -12.436 5.780   5.027   1.00 12.22 ? 116 LEU A C   1 
ATOM   888  O O   . LEU A 1 116 ? -12.337 6.964   5.345   1.00 12.05 ? 116 LEU A O   1 
ATOM   889  C CB  . LEU A 1 116 ? -13.999 5.283   3.126   1.00 12.24 ? 116 LEU A CB  1 
ATOM   890  C CG  . LEU A 1 116 ? -14.202 5.148   1.615   1.00 12.04 ? 116 LEU A CG  1 
ATOM   891  C CD1 . LEU A 1 116 ? -15.677 5.009   1.332   1.00 12.09 ? 116 LEU A CD1 1 
ATOM   892  C CD2 . LEU A 1 116 ? -13.625 6.360   0.886   1.00 15.95 ? 116 LEU A CD2 1 
ATOM   893  N N   . TYR A 1 117 ? -12.455 4.799   5.927   1.00 12.29 ? 117 TYR A N   1 
ATOM   894  C CA  . TYR A 1 117 ? -12.352 5.109   7.351   1.00 12.53 ? 117 TYR A CA  1 
ATOM   895  C C   . TYR A 1 117 ? -10.974 5.692   7.635   1.00 12.88 ? 117 TYR A C   1 
ATOM   896  O O   . TYR A 1 117 ? -10.834 6.624   8.434   1.00 12.94 ? 117 TYR A O   1 
ATOM   897  C CB  . TYR A 1 117 ? -12.563 3.863   8.219   1.00 11.61 ? 117 TYR A CB  1 
ATOM   898  C CG  . TYR A 1 117 ? -12.680 4.180   9.699   1.00 11.82 ? 117 TYR A CG  1 
ATOM   899  C CD1 . TYR A 1 117 ? -13.822 4.795   10.211  1.00 13.10 ? 117 TYR A CD1 1 
ATOM   900  C CD2 . TYR A 1 117 ? -11.642 3.878   10.582  1.00 14.04 ? 117 TYR A CD2 1 
ATOM   901  C CE1 . TYR A 1 117 ? -13.930 5.102   11.568  1.00 14.74 ? 117 TYR A CE1 1 
ATOM   902  C CE2 . TYR A 1 117 ? -11.739 4.181   11.943  1.00 14.61 ? 117 TYR A CE2 1 
ATOM   903  C CZ  . TYR A 1 117 ? -12.885 4.794   12.424  1.00 15.78 ? 117 TYR A CZ  1 
ATOM   904  O OH  . TYR A 1 117 ? -12.985 5.120   13.755  1.00 17.41 ? 117 TYR A OH  1 
ATOM   905  N N   . VAL A 1 118 ? -9.954  5.153   6.972   1.00 12.82 ? 118 VAL A N   1 
ATOM   906  C CA  . VAL A 1 118 ? -8.605  5.666   7.169   1.00 12.65 ? 118 VAL A CA  1 
ATOM   907  C C   . VAL A 1 118 ? -8.528  7.090   6.635   1.00 12.51 ? 118 VAL A C   1 
ATOM   908  O O   . VAL A 1 118 ? -7.989  7.974   7.298   1.00 12.67 ? 118 VAL A O   1 
ATOM   909  C CB  . VAL A 1 118 ? -7.547  4.777   6.481   1.00 10.98 ? 118 VAL A CB  1 
ATOM   910  C CG1 . VAL A 1 118 ? -6.167  5.438   6.570   1.00 13.39 ? 118 VAL A CG1 1 
ATOM   911  C CG2 . VAL A 1 118 ? -7.500  3.428   7.173   1.00 13.49 ? 118 VAL A CG2 1 
ATOM   912  N N   . LEU A 1 119 ? -9.094  7.320   5.452   1.00 11.42 ? 119 LEU A N   1 
ATOM   913  C CA  . LEU A 1 119 ? -9.084  8.658   4.869   1.00 10.97 ? 119 LEU A CA  1 
ATOM   914  C C   . LEU A 1 119 ? -9.768  9.671   5.781   1.00 12.03 ? 119 LEU A C   1 
ATOM   915  O O   . LEU A 1 119 ? -9.288  10.795  5.946   1.00 13.62 ? 119 LEU A O   1 
ATOM   916  C CB  . LEU A 1 119 ? -9.793  8.673   3.510   1.00 12.82 ? 119 LEU A CB  1 
ATOM   917  C CG  . LEU A 1 119 ? -9.080  7.992   2.340   1.00 11.83 ? 119 LEU A CG  1 
ATOM   918  C CD1 . LEU A 1 119 ? -9.941  8.082   1.090   1.00 15.38 ? 119 LEU A CD1 1 
ATOM   919  C CD2 . LEU A 1 119 ? -7.744  8.665   2.107   1.00 14.60 ? 119 LEU A CD2 1 
ATOM   920  N N   . GLU A 1 120 ? -10.901 9.278   6.352   1.00 12.51 ? 120 GLU A N   1 
ATOM   921  C CA  . GLU A 1 120 ? -11.651 10.167  7.233   1.00 12.67 ? 120 GLU A CA  1 
ATOM   922  C C   . GLU A 1 120 ? -10.836 10.550  8.463   1.00 13.69 ? 120 GLU A C   1 
ATOM   923  O O   . GLU A 1 120 ? -10.942 11.668  8.961   1.00 12.86 ? 120 GLU A O   1 
ATOM   924  C CB  . GLU A 1 120 ? -12.961 9.497   7.671   1.00 13.56 ? 120 GLU A CB  1 
ATOM   925  C CG  . GLU A 1 120 ? -13.828 10.357  8.590   1.00 15.84 ? 120 GLU A CG  1 
ATOM   926  C CD  . GLU A 1 120 ? -15.099 9.649   9.046   1.00 16.37 ? 120 GLU A CD  1 
ATOM   927  O OE1 . GLU A 1 120 ? -15.778 9.031   8.198   1.00 13.34 ? 120 GLU A OE1 1 
ATOM   928  O OE2 . GLU A 1 120 ? -15.429 9.726   10.252  1.00 18.82 ? 120 GLU A OE2 1 
ATOM   929  N N   . ASN A 1 121 ? -10.016 9.617   8.937   1.00 13.08 ? 121 ASN A N   1 
ATOM   930  C CA  . ASN A 1 121 ? -9.201  9.838   10.128  1.00 12.72 ? 121 ASN A CA  1 
ATOM   931  C C   . ASN A 1 121 ? -7.745  10.202  9.859   1.00 13.70 ? 121 ASN A C   1 
ATOM   932  O O   . ASN A 1 121 ? -6.908  10.137  10.763  1.00 15.26 ? 121 ASN A O   1 
ATOM   933  C CB  . ASN A 1 121 ? -9.257  8.590   11.009  1.00 13.93 ? 121 ASN A CB  1 
ATOM   934  C CG  . ASN A 1 121 ? -10.602 8.416   11.663  1.00 16.39 ? 121 ASN A CG  1 
ATOM   935  O OD1 . ASN A 1 121 ? -10.910 9.084   12.649  1.00 19.28 ? 121 ASN A OD1 1 
ATOM   936  N ND2 . ASN A 1 121 ? -11.426 7.531   11.111  1.00 17.98 ? 121 ASN A ND2 1 
ATOM   937  N N   . PHE A 1 122 ? -7.441  10.611  8.633   1.00 14.39 ? 122 PHE A N   1 
ATOM   938  C CA  . PHE A 1 122 ? -6.070  10.968  8.297   1.00 15.25 ? 122 PHE A CA  1 
ATOM   939  C C   . PHE A 1 122 ? -5.542  12.198  9.035   1.00 16.00 ? 122 PHE A C   1 
ATOM   940  O O   . PHE A 1 122 ? -6.240  13.199  9.190   1.00 17.06 ? 122 PHE A O   1 
ATOM   941  C CB  . PHE A 1 122 ? -5.928  11.201  6.789   1.00 16.03 ? 122 PHE A CB  1 
ATOM   942  C CG  . PHE A 1 122 ? -4.618  11.825  6.397   1.00 15.83 ? 122 PHE A CG  1 
ATOM   943  C CD1 . PHE A 1 122 ? -3.412  11.215  6.738   1.00 16.00 ? 122 PHE A CD1 1 
ATOM   944  C CD2 . PHE A 1 122 ? -4.583  13.037  5.713   1.00 17.48 ? 122 PHE A CD2 1 
ATOM   945  C CE1 . PHE A 1 122 ? -2.188  11.807  6.407   1.00 17.83 ? 122 PHE A CE1 1 
ATOM   946  C CE2 . PHE A 1 122 ? -3.368  13.633  5.379   1.00 17.56 ? 122 PHE A CE2 1 
ATOM   947  C CZ  . PHE A 1 122 ? -2.168  13.016  5.727   1.00 16.34 ? 122 PHE A CZ  1 
ATOM   948  N N   . LYS A 1 123 ? -4.295  12.093  9.484   1.00 17.18 ? 123 LYS A N   1 
ATOM   949  C CA  . LYS A 1 123 ? -3.577  13.163  10.172  1.00 19.37 ? 123 LYS A CA  1 
ATOM   950  C C   . LYS A 1 123 ? -2.105  13.050  9.772   1.00 18.57 ? 123 LYS A C   1 
ATOM   951  O O   . LYS A 1 123 ? -1.551  11.951  9.721   1.00 18.06 ? 123 LYS A O   1 
ATOM   952  C CB  . LYS A 1 123 ? -3.714  13.021  11.692  1.00 19.27 ? 123 LYS A CB  1 
ATOM   953  C CG  . LYS A 1 123 ? -5.089  13.406  12.207  1.00 24.73 ? 123 LYS A CG  1 
ATOM   954  C CD  . LYS A 1 123 ? -5.253  13.088  13.688  1.00 29.20 ? 123 LYS A CD  1 
ATOM   955  C CE  . LYS A 1 123 ? -6.568  13.646  14.227  1.00 30.48 ? 123 LYS A CE  1 
ATOM   956  N NZ  . LYS A 1 123 ? -6.544  15.136  14.207  1.00 34.70 ? 123 LYS A NZ  1 
ATOM   957  N N   . GLU A 1 124 ? -1.477  14.184  9.484   1.00 19.30 ? 124 GLU A N   1 
ATOM   958  C CA  . GLU A 1 124 ? -0.072  14.211  9.092   1.00 19.72 ? 124 GLU A CA  1 
ATOM   959  C C   . GLU A 1 124 ? 0.836   13.723  10.224  1.00 18.66 ? 124 GLU A C   1 
ATOM   960  O O   . GLU A 1 124 ? 0.479   13.820  11.395  1.00 16.92 ? 124 GLU A O   1 
ATOM   961  C CB  . GLU A 1 124 ? 0.318   15.632  8.684   1.00 22.69 ? 124 GLU A CB  1 
ATOM   962  C CG  . GLU A 1 124 ? -0.386  16.120  7.423   1.00 27.96 ? 124 GLU A CG  1 
ATOM   963  C CD  . GLU A 1 124 ? -0.051  17.561  7.085   1.00 32.47 ? 124 GLU A CD  1 
ATOM   964  O OE1 . GLU A 1 124 ? 1.149   17.876  6.946   1.00 36.09 ? 124 GLU A OE1 1 
ATOM   965  O OE2 . GLU A 1 124 ? -0.986  18.378  6.960   1.00 37.65 ? 124 GLU A OE2 1 
ATOM   966  N N   . PRO A 1 125 ? 2.028   13.193  9.888   1.00 19.10 ? 125 PRO A N   1 
ATOM   967  C CA  . PRO A 1 125 ? 2.552   13.031  8.532   1.00 17.63 ? 125 PRO A CA  1 
ATOM   968  C C   . PRO A 1 125 ? 2.173   11.694  7.903   1.00 17.77 ? 125 PRO A C   1 
ATOM   969  O O   . PRO A 1 125 ? 2.287   11.519  6.693   1.00 15.66 ? 125 PRO A O   1 
ATOM   970  C CB  . PRO A 1 125 ? 4.058   13.155  8.737   1.00 19.97 ? 125 PRO A CB  1 
ATOM   971  C CG  . PRO A 1 125 ? 4.250   12.449  10.029  1.00 19.70 ? 125 PRO A CG  1 
ATOM   972  C CD  . PRO A 1 125 ? 3.092   12.951  10.882  1.00 19.06 ? 125 PRO A CD  1 
ATOM   973  N N   . VAL A 1 126 ? 1.735   10.761  8.741   1.00 16.65 ? 126 VAL A N   1 
ATOM   974  C CA  . VAL A 1 126 ? 1.336   9.426   8.298   1.00 16.14 ? 126 VAL A CA  1 
ATOM   975  C C   . VAL A 1 126 ? 0.224   8.890   9.187   1.00 14.85 ? 126 VAL A C   1 
ATOM   976  O O   . VAL A 1 126 ? 0.235   9.096   10.397  1.00 13.04 ? 126 VAL A O   1 
ATOM   977  C CB  . VAL A 1 126 ? 2.504   8.424   8.395   1.00 17.57 ? 126 VAL A CB  1 
ATOM   978  C CG1 . VAL A 1 126 ? 2.060   7.060   7.871   1.00 16.30 ? 126 VAL A CG1 1 
ATOM   979  C CG2 . VAL A 1 126 ? 3.698   8.936   7.638   1.00 17.96 ? 126 VAL A CG2 1 
ATOM   980  N N   . SER A 1 127 ? -0.737  8.205   8.579   1.00 13.96 ? 127 SER A N   1 
ATOM   981  C CA  . SER A 1 127 ? -1.829  7.584   9.318   1.00 13.25 ? 127 SER A CA  1 
ATOM   982  C C   . SER A 1 127 ? -1.959  6.190   8.737   1.00 14.04 ? 127 SER A C   1 
ATOM   983  O O   . SER A 1 127 ? -2.206  6.029   7.541   1.00 14.46 ? 127 SER A O   1 
ATOM   984  C CB  . SER A 1 127 ? -3.139  8.355   9.135   1.00 16.55 ? 127 SER A CB  1 
ATOM   985  O OG  . SER A 1 127 ? -3.111  9.565   9.875   1.00 17.35 ? 127 SER A OG  1 
ATOM   986  N N   . VAL A 1 128 ? -1.765  5.184   9.577   1.00 12.96 ? 128 VAL A N   1 
ATOM   987  C CA  . VAL A 1 128 ? -1.850  3.810   9.118   1.00 14.18 ? 128 VAL A CA  1 
ATOM   988  C C   . VAL A 1 128 ? -2.840  3.010   9.937   1.00 15.42 ? 128 VAL A C   1 
ATOM   989  O O   . VAL A 1 128 ? -3.071  3.290   11.117  1.00 14.15 ? 128 VAL A O   1 
ATOM   990  C CB  . VAL A 1 128 ? -0.479  3.113   9.178   1.00 15.07 ? 128 VAL A CB  1 
ATOM   991  C CG1 . VAL A 1 128 ? 0.401   3.588   8.029   1.00 16.01 ? 128 VAL A CG1 1 
ATOM   992  C CG2 . VAL A 1 128 ? 0.187   3.407   10.506  1.00 16.56 ? 128 VAL A CG2 1 
ATOM   993  N N   . ALA A 1 129 ? -3.421  2.006   9.293   1.00 14.97 ? 129 ALA A N   1 
ATOM   994  C CA  . ALA A 1 129 ? -4.401  1.136   9.926   1.00 15.05 ? 129 ALA A CA  1 
ATOM   995  C C   . ALA A 1 129 ? -3.792  0.307   11.051  1.00 14.82 ? 129 ALA A C   1 
ATOM   996  O O   . ALA A 1 129 ? -2.667  -0.170  10.945  1.00 14.42 ? 129 ALA A O   1 
ATOM   997  C CB  . ALA A 1 129 ? -5.019  0.214   8.873   1.00 12.61 ? 129 ALA A CB  1 
ATOM   998  N N   . LYS A 1 130 ? -4.554  0.134   12.126  1.00 14.04 ? 130 LYS A N   1 
ATOM   999  C CA  . LYS A 1 130 ? -4.095  -0.635  13.271  1.00 15.13 ? 130 LYS A CA  1 
ATOM   1000 C C   . LYS A 1 130 ? -5.154  -1.588  13.808  1.00 15.65 ? 130 LYS A C   1 
ATOM   1001 O O   . LYS A 1 130 ? -6.233  -1.171  14.228  1.00 14.41 ? 130 LYS A O   1 
ATOM   1002 C CB  . LYS A 1 130 ? -3.647  0.315   14.395  1.00 13.87 ? 130 LYS A CB  1 
ATOM   1003 C CG  . LYS A 1 130 ? -3.224  -0.371  15.690  1.00 18.06 ? 130 LYS A CG  1 
ATOM   1004 C CD  . LYS A 1 130 ? -1.965  -1.199  15.505  1.00 17.29 ? 130 LYS A CD  1 
ATOM   1005 C CE  . LYS A 1 130 ? -1.540  -1.871  16.804  1.00 21.14 ? 130 LYS A CE  1 
ATOM   1006 N NZ  . LYS A 1 130 ? -1.207  -0.889  17.875  1.00 20.76 ? 130 LYS A NZ  1 
ATOM   1007 N N   . THR A 1 131 ? -4.843  -2.880  13.754  1.00 18.79 ? 131 THR A N   1 
ATOM   1008 C CA  . THR A 1 131 ? -5.713  -3.916  14.296  1.00 20.27 ? 131 THR A CA  1 
ATOM   1009 C C   . THR A 1 131 ? -4.809  -4.451  15.393  1.00 21.63 ? 131 THR A C   1 
ATOM   1010 O O   . THR A 1 131 ? -4.285  -3.670  16.183  1.00 22.19 ? 131 THR A O   1 
ATOM   1011 C CB  . THR A 1 131 ? -5.998  -5.037  13.276  1.00 21.06 ? 131 THR A CB  1 
ATOM   1012 O OG1 . THR A 1 131 ? -4.767  -5.634  12.856  1.00 20.13 ? 131 THR A OG1 1 
ATOM   1013 C CG2 . THR A 1 131 ? -6.736  -4.491  12.068  1.00 19.67 ? 131 THR A CG2 1 
ATOM   1014 N N   . GLU A 1 132 ? -4.614  -5.765  15.446  1.00 24.24 ? 132 GLU A N   1 
ATOM   1015 C CA  . GLU A 1 132 ? -3.714  -6.335  16.437  1.00 25.98 ? 132 GLU A CA  1 
ATOM   1016 C C   . GLU A 1 132 ? -2.317  -6.009  15.928  1.00 25.35 ? 132 GLU A C   1 
ATOM   1017 O O   . GLU A 1 132 ? -1.371  -5.875  16.698  1.00 26.41 ? 132 GLU A O   1 
ATOM   1018 C CB  . GLU A 1 132 ? -3.890  -7.852  16.515  1.00 29.19 ? 132 GLU A CB  1 
ATOM   1019 C CG  . GLU A 1 132 ? -5.197  -8.288  17.143  1.00 34.46 ? 132 GLU A CG  1 
ATOM   1020 C CD  . GLU A 1 132 ? -5.293  -7.876  18.595  1.00 36.69 ? 132 GLU A CD  1 
ATOM   1021 O OE1 . GLU A 1 132 ? -4.384  -8.247  19.370  1.00 39.49 ? 132 GLU A OE1 1 
ATOM   1022 O OE2 . GLU A 1 132 ? -6.266  -7.182  18.960  1.00 39.88 ? 132 GLU A OE2 1 
ATOM   1023 N N   . LYS A 1 133 ? -2.221  -5.869  14.611  1.00 23.85 ? 133 LYS A N   1 
ATOM   1024 C CA  . LYS A 1 133 ? -0.972  -5.563  13.928  1.00 21.22 ? 133 LYS A CA  1 
ATOM   1025 C C   . LYS A 1 133 ? -0.976  -4.150  13.356  1.00 18.43 ? 133 LYS A C   1 
ATOM   1026 O O   . LYS A 1 133 ? -2.032  -3.600  13.046  1.00 16.75 ? 133 LYS A O   1 
ATOM   1027 C CB  . LYS A 1 133 ? -0.766  -6.559  12.782  1.00 23.05 ? 133 LYS A CB  1 
ATOM   1028 C CG  . LYS A 1 133 ? 0.277   -6.139  11.756  1.00 24.84 ? 133 LYS A CG  1 
ATOM   1029 C CD  . LYS A 1 133 ? 0.395   -7.159  10.633  1.00 24.93 ? 133 LYS A CD  1 
ATOM   1030 C CE  . LYS A 1 133 ? 1.416   -6.710  9.605   1.00 26.61 ? 133 LYS A CE  1 
ATOM   1031 N NZ  . LYS A 1 133 ? 1.698   -7.771  8.604   1.00 28.31 ? 133 LYS A NZ  1 
ATOM   1032 N N   . LEU A 1 134 ? 0.211   -3.563  13.223  1.00 17.77 ? 134 LEU A N   1 
ATOM   1033 C CA  . LEU A 1 134 ? 0.321   -2.232  12.638  1.00 15.14 ? 134 LEU A CA  1 
ATOM   1034 C C   . LEU A 1 134 ? 0.451   -2.453  11.131  1.00 15.97 ? 134 LEU A C   1 
ATOM   1035 O O   . LEU A 1 134 ? 1.414   -3.067  10.666  1.00 17.09 ? 134 LEU A O   1 
ATOM   1036 C CB  . LEU A 1 134 ? 1.564   -1.509  13.160  1.00 16.54 ? 134 LEU A CB  1 
ATOM   1037 C CG  . LEU A 1 134 ? 1.765   -0.100  12.593  1.00 15.60 ? 134 LEU A CG  1 
ATOM   1038 C CD1 . LEU A 1 134 ? 0.648   0.811   13.092  1.00 16.41 ? 134 LEU A CD1 1 
ATOM   1039 C CD2 . LEU A 1 134 ? 3.127   0.442   13.006  1.00 17.88 ? 134 LEU A CD2 1 
ATOM   1040 N N   . HIS A 1 135 ? -0.522  -1.972  10.369  1.00 12.88 ? 135 HIS A N   1 
ATOM   1041 C CA  . HIS A 1 135 ? -0.474  -2.146  8.931   1.00 13.58 ? 135 HIS A CA  1 
ATOM   1042 C C   . HIS A 1 135 ? 0.230   -0.991  8.251   1.00 14.13 ? 135 HIS A C   1 
ATOM   1043 O O   . HIS A 1 135 ? -0.399  -0.047  7.780   1.00 14.56 ? 135 HIS A O   1 
ATOM   1044 C CB  . HIS A 1 135 ? -1.887  -2.332  8.396   1.00 14.20 ? 135 HIS A CB  1 
ATOM   1045 C CG  . HIS A 1 135 ? -2.579  -3.512  8.995   1.00 15.28 ? 135 HIS A CG  1 
ATOM   1046 N ND1 . HIS A 1 135 ? -3.317  -3.435  10.156  1.00 18.22 ? 135 HIS A ND1 1 
ATOM   1047 C CD2 . HIS A 1 135 ? -2.548  -4.820  8.654   1.00 14.92 ? 135 HIS A CD2 1 
ATOM   1048 C CE1 . HIS A 1 135 ? -3.709  -4.646  10.505  1.00 17.08 ? 135 HIS A CE1 1 
ATOM   1049 N NE2 . HIS A 1 135 ? -3.254  -5.505  9.611   1.00 16.62 ? 135 HIS A NE2 1 
ATOM   1050 N N   . THR A 1 136 ? 1.555   -1.093  8.207   1.00 13.40 ? 136 THR A N   1 
ATOM   1051 C CA  . THR A 1 136 ? 2.409   -0.074  7.620   1.00 13.09 ? 136 THR A CA  1 
ATOM   1052 C C   . THR A 1 136 ? 2.103   0.227   6.167   1.00 10.98 ? 136 THR A C   1 
ATOM   1053 O O   . THR A 1 136 ? 2.401   1.319   5.680   1.00 12.38 ? 136 THR A O   1 
ATOM   1054 C CB  . THR A 1 136 ? 3.883   -0.483  7.701   1.00 12.54 ? 136 THR A CB  1 
ATOM   1055 O OG1 . THR A 1 136 ? 4.064   -1.724  7.012   1.00 14.49 ? 136 THR A OG1 1 
ATOM   1056 C CG2 . THR A 1 136 ? 4.315   -0.637  9.147   1.00 13.46 ? 136 THR A CG2 1 
ATOM   1057 N N   . LEU A 1 137 ? 1.505   -0.736  5.474   1.00 10.65 ? 137 LEU A N   1 
ATOM   1058 C CA  . LEU A 1 137 ? 1.187   -0.540  4.065   1.00 11.24 ? 137 LEU A CA  1 
ATOM   1059 C C   . LEU A 1 137 ? -0.291  -0.327  3.759   1.00 12.81 ? 137 LEU A C   1 
ATOM   1060 O O   . LEU A 1 137 ? -0.757  -0.649  2.664   1.00 13.78 ? 137 LEU A O   1 
ATOM   1061 C CB  . LEU A 1 137 ? 1.734   -1.705  3.236   1.00 13.52 ? 137 LEU A CB  1 
ATOM   1062 C CG  . LEU A 1 137 ? 3.240   -1.950  3.421   1.00 13.97 ? 137 LEU A CG  1 
ATOM   1063 C CD1 . LEU A 1 137 ? 3.693   -3.122  2.549   1.00 18.36 ? 137 LEU A CD1 1 
ATOM   1064 C CD2 . LEU A 1 137 ? 4.014   -0.691  3.057   1.00 17.60 ? 137 LEU A CD2 1 
ATOM   1065 N N   . VAL A 1 138 ? -1.025  0.191   4.743   1.00 10.83 ? 138 VAL A N   1 
ATOM   1066 C CA  . VAL A 1 138 ? -2.436  0.528   4.577   1.00 12.53 ? 138 VAL A CA  1 
ATOM   1067 C C   . VAL A 1 138 ? -2.609  1.877   5.264   1.00 11.96 ? 138 VAL A C   1 
ATOM   1068 O O   . VAL A 1 138 ? -2.859  1.961   6.470   1.00 14.17 ? 138 VAL A O   1 
ATOM   1069 C CB  . VAL A 1 138 ? -3.396  -0.502  5.223   1.00 10.80 ? 138 VAL A CB  1 
ATOM   1070 C CG1 . VAL A 1 138 ? -4.841  -0.030  5.064   1.00 14.89 ? 138 VAL A CG1 1 
ATOM   1071 C CG2 . VAL A 1 138 ? -3.230  -1.870  4.560   1.00 11.43 ? 138 VAL A CG2 1 
ATOM   1072 N N   . GLY A 1 139 ? -2.436  2.944   4.497   1.00 12.68 ? 139 GLY A N   1 
ATOM   1073 C CA  . GLY A 1 139 ? -2.572  4.260   5.083   1.00 11.94 ? 139 GLY A CA  1 
ATOM   1074 C C   . GLY A 1 139 ? -2.229  5.390   4.142   1.00 14.40 ? 139 GLY A C   1 
ATOM   1075 O O   . GLY A 1 139 ? -2.005  5.190   2.948   1.00 15.16 ? 139 GLY A O   1 
ATOM   1076 N N   . VAL A 1 140 ? -2.188  6.595   4.700   1.00 12.94 ? 140 VAL A N   1 
ATOM   1077 C CA  . VAL A 1 140 ? -1.867  7.783   3.934   1.00 13.26 ? 140 VAL A CA  1 
ATOM   1078 C C   . VAL A 1 140 ? -0.491  8.253   4.359   1.00 13.66 ? 140 VAL A C   1 
ATOM   1079 O O   . VAL A 1 140 ? -0.219  8.399   5.553   1.00 14.08 ? 140 VAL A O   1 
ATOM   1080 C CB  . VAL A 1 140 ? -2.891  8.908   4.187   1.00 12.34 ? 140 VAL A CB  1 
ATOM   1081 C CG1 . VAL A 1 140 ? -2.526  10.151  3.372   1.00 13.69 ? 140 VAL A CG1 1 
ATOM   1082 C CG2 . VAL A 1 140 ? -4.282  8.424   3.800   1.00 13.68 ? 140 VAL A CG2 1 
ATOM   1083 N N   . TYR A 1 141 ? 0.369   8.468   3.369   1.00 12.46 ? 141 TYR A N   1 
ATOM   1084 C CA  . TYR A 1 141 ? 1.737   8.930   3.590   1.00 12.47 ? 141 TYR A CA  1 
ATOM   1085 C C   . TYR A 1 141 ? 1.952   10.276  2.924   1.00 14.58 ? 141 TYR A C   1 
ATOM   1086 O O   . TYR A 1 141 ? 1.427   10.528  1.838   1.00 14.02 ? 141 TYR A O   1 
ATOM   1087 C CB  . TYR A 1 141 ? 2.751   7.948   3.000   1.00 13.60 ? 141 TYR A CB  1 
ATOM   1088 C CG  . TYR A 1 141 ? 3.017   6.733   3.853   1.00 13.98 ? 141 TYR A CG  1 
ATOM   1089 C CD1 . TYR A 1 141 ? 2.102   5.679   3.919   1.00 13.83 ? 141 TYR A CD1 1 
ATOM   1090 C CD2 . TYR A 1 141 ? 4.184   6.644   4.608   1.00 11.63 ? 141 TYR A CD2 1 
ATOM   1091 C CE1 . TYR A 1 141 ? 2.347   4.560   4.724   1.00 13.30 ? 141 TYR A CE1 1 
ATOM   1092 C CE2 . TYR A 1 141 ? 4.437   5.538   5.414   1.00 13.69 ? 141 TYR A CE2 1 
ATOM   1093 C CZ  . TYR A 1 141 ? 3.520   4.504   5.469   1.00 12.81 ? 141 TYR A CZ  1 
ATOM   1094 O OH  . TYR A 1 141 ? 3.783   3.436   6.293   1.00 14.39 ? 141 TYR A OH  1 
ATOM   1095 N N   . SER A 1 142 ? 2.744   11.125  3.573   1.00 17.27 ? 142 SER A N   1 
ATOM   1096 C CA  . SER A 1 142 ? 3.063   12.452  3.059   1.00 18.63 ? 142 SER A CA  1 
ATOM   1097 C C   . SER A 1 142 ? 4.326   12.434  2.206   1.00 18.90 ? 142 SER A C   1 
ATOM   1098 O O   . SER A 1 142 ? 5.320   11.802  2.557   1.00 19.95 ? 142 SER A O   1 
ATOM   1099 C CB  . SER A 1 142 ? 3.261   13.434  4.216   1.00 19.82 ? 142 SER A CB  1 
ATOM   1100 O OG  . SER A 1 142 ? 3.754   14.675  3.744   1.00 22.95 ? 142 SER A OG  1 
ATOM   1101 N N   . LYS A 1 143 ? 4.289   13.143  1.084   1.00 20.65 ? 143 LYS A N   1 
ATOM   1102 C CA  . LYS A 1 143 ? 5.439   13.205  0.195   1.00 22.23 ? 143 LYS A CA  1 
ATOM   1103 C C   . LYS A 1 143 ? 6.614   13.875  0.908   1.00 21.02 ? 143 LYS A C   1 
ATOM   1104 O O   . LYS A 1 143 ? 7.773   13.660  0.553   1.00 22.27 ? 143 LYS A O   1 
ATOM   1105 C CB  . LYS A 1 143 ? 5.080   13.991  -1.069  1.00 22.82 ? 143 LYS A CB  1 
ATOM   1106 C CG  . LYS A 1 143 ? 6.117   13.899  -2.168  1.00 23.01 ? 143 LYS A CG  1 
ATOM   1107 C CD  . LYS A 1 143 ? 5.719   14.736  -3.369  1.00 23.55 ? 143 LYS A CD  1 
ATOM   1108 C CE  . LYS A 1 143 ? 6.787   14.683  -4.448  1.00 22.49 ? 143 LYS A CE  1 
ATOM   1109 N NZ  . LYS A 1 143 ? 6.941   13.317  -5.018  1.00 21.51 ? 143 LYS A NZ  1 
ATOM   1110 N N   . LYS A 1 144 ? 6.305   14.680  1.919   1.00 22.44 ? 144 LYS A N   1 
ATOM   1111 C CA  . LYS A 1 144 ? 7.330   15.388  2.680   1.00 24.06 ? 144 LYS A CA  1 
ATOM   1112 C C   . LYS A 1 144 ? 8.266   14.436  3.409   1.00 22.58 ? 144 LYS A C   1 
ATOM   1113 O O   . LYS A 1 144 ? 9.311   14.842  3.910   1.00 22.36 ? 144 LYS A O   1 
ATOM   1114 C CB  . LYS A 1 144 ? 6.677   16.348  3.680   1.00 27.42 ? 144 LYS A CB  1 
ATOM   1115 C CG  . LYS A 1 144 ? 5.937   17.505  3.020   1.00 31.28 ? 144 LYS A CG  1 
ATOM   1116 C CD  . LYS A 1 144 ? 5.327   18.460  4.039   1.00 33.65 ? 144 LYS A CD  1 
ATOM   1117 C CE  . LYS A 1 144 ? 4.608   19.610  3.348   1.00 36.04 ? 144 LYS A CE  1 
ATOM   1118 N NZ  . LYS A 1 144 ? 4.045   20.596  4.312   1.00 38.93 ? 144 LYS A NZ  1 
ATOM   1119 N N   . LEU A 1 145 ? 7.889   13.163  3.458   1.00 20.59 ? 145 LEU A N   1 
ATOM   1120 C CA  . LEU A 1 145 ? 8.698   12.147  4.122   1.00 21.50 ? 145 LEU A CA  1 
ATOM   1121 C C   . LEU A 1 145 ? 9.790   11.600  3.203   1.00 22.19 ? 145 LEU A C   1 
ATOM   1122 O O   . LEU A 1 145 ? 10.685  10.883  3.648   1.00 21.96 ? 145 LEU A O   1 
ATOM   1123 C CB  . LEU A 1 145 ? 7.805   10.992  4.563   1.00 23.02 ? 145 LEU A CB  1 
ATOM   1124 C CG  . LEU A 1 145 ? 6.663   11.339  5.509   1.00 24.31 ? 145 LEU A CG  1 
ATOM   1125 C CD1 . LEU A 1 145 ? 5.741   10.150  5.617   1.00 25.73 ? 145 LEU A CD1 1 
ATOM   1126 C CD2 . LEU A 1 145 ? 7.212   11.731  6.870   1.00 27.37 ? 145 LEU A CD2 1 
ATOM   1127 N N   . LEU A 1 146 ? 9.711   11.941  1.921   1.00 22.84 ? 146 LEU A N   1 
ATOM   1128 C CA  . LEU A 1 146 ? 10.678  11.453  0.944   1.00 23.43 ? 146 LEU A CA  1 
ATOM   1129 C C   . LEU A 1 146 ? 12.141  11.613  1.361   1.00 24.66 ? 146 LEU A C   1 
ATOM   1130 O O   . LEU A 1 146 ? 12.917  10.664  1.271   1.00 23.68 ? 146 LEU A O   1 
ATOM   1131 C CB  . LEU A 1 146 ? 10.443  12.132  -0.408  1.00 25.18 ? 146 LEU A CB  1 
ATOM   1132 C CG  . LEU A 1 146 ? 11.156  11.507  -1.605  1.00 26.81 ? 146 LEU A CG  1 
ATOM   1133 C CD1 . LEU A 1 146 ? 10.871  10.010  -1.671  1.00 25.74 ? 146 LEU A CD1 1 
ATOM   1134 C CD2 . LEU A 1 146 ? 10.686  12.194  -2.872  1.00 26.49 ? 146 LEU A CD2 1 
ATOM   1135 N N   . GLU A 1 147 ? 12.518  12.802  1.818   1.00 24.27 ? 147 GLU A N   1 
ATOM   1136 C CA  . GLU A 1 147 ? 13.897  13.046  2.235   1.00 25.80 ? 147 GLU A CA  1 
ATOM   1137 C C   . GLU A 1 147 ? 14.358  12.089  3.335   1.00 24.12 ? 147 GLU A C   1 
ATOM   1138 O O   . GLU A 1 147 ? 15.461  11.541  3.275   1.00 20.79 ? 147 GLU A O   1 
ATOM   1139 C CB  . GLU A 1 147 ? 14.058  14.487  2.724   1.00 28.62 ? 147 GLU A CB  1 
ATOM   1140 C CG  . GLU A 1 147 ? 15.421  14.775  3.338   1.00 34.57 ? 147 GLU A CG  1 
ATOM   1141 C CD  . GLU A 1 147 ? 15.594  16.231  3.730   1.00 37.05 ? 147 GLU A CD  1 
ATOM   1142 O OE1 . GLU A 1 147 ? 14.796  16.732  4.551   1.00 38.82 ? 147 GLU A OE1 1 
ATOM   1143 O OE2 . GLU A 1 147 ? 16.533  16.876  3.217   1.00 40.13 ? 147 GLU A OE2 1 
ATOM   1144 N N   . LYS A 1 148 ? 13.510  11.900  4.342   1.00 22.95 ? 148 LYS A N   1 
ATOM   1145 C CA  . LYS A 1 148 ? 13.826  11.021  5.463   1.00 22.69 ? 148 LYS A CA  1 
ATOM   1146 C C   . LYS A 1 148 ? 13.884  9.552   5.057   1.00 22.01 ? 148 LYS A C   1 
ATOM   1147 O O   . LYS A 1 148 ? 14.763  8.815   5.500   1.00 20.13 ? 148 LYS A O   1 
ATOM   1148 C CB  . LYS A 1 148 ? 12.793  11.196  6.579   1.00 24.30 ? 148 LYS A CB  1 
ATOM   1149 C CG  . LYS A 1 148 ? 12.944  12.492  7.369   1.00 30.07 ? 148 LYS A CG  1 
ATOM   1150 C CD  . LYS A 1 148 ? 13.680  12.269  8.690   1.00 32.99 ? 148 LYS A CD  1 
ATOM   1151 C CE  . LYS A 1 148 ? 15.072  11.694  8.487   1.00 34.50 ? 148 LYS A CE  1 
ATOM   1152 N NZ  . LYS A 1 148 ? 15.773  11.502  9.787   1.00 38.20 ? 148 LYS A NZ  1 
ATOM   1153 N N   . ILE A 1 149 ? 12.942  9.129   4.223   1.00 21.26 ? 149 ILE A N   1 
ATOM   1154 C CA  . ILE A 1 149 ? 12.911  7.743   3.774   1.00 22.33 ? 149 ILE A CA  1 
ATOM   1155 C C   . ILE A 1 149 ? 14.173  7.460   2.971   1.00 22.37 ? 149 ILE A C   1 
ATOM   1156 O O   . ILE A 1 149 ? 14.826  6.433   3.151   1.00 22.38 ? 149 ILE A O   1 
ATOM   1157 C CB  . ILE A 1 149 ? 11.676  7.473   2.888   1.00 21.90 ? 149 ILE A CB  1 
ATOM   1158 C CG1 . ILE A 1 149 ? 10.399  7.649   3.711   1.00 22.53 ? 149 ILE A CG1 1 
ATOM   1159 C CG2 . ILE A 1 149 ? 11.750  6.069   2.302   1.00 22.58 ? 149 ILE A CG2 1 
ATOM   1160 C CD1 . ILE A 1 149 ? 9.127   7.399   2.939   1.00 23.03 ? 149 ILE A CD1 1 
ATOM   1161 N N   . GLU A 1 150 ? 14.519  8.393   2.096   1.00 24.23 ? 150 GLU A N   1 
ATOM   1162 C CA  . GLU A 1 150 ? 15.698  8.247   1.261   1.00 24.63 ? 150 GLU A CA  1 
ATOM   1163 C C   . GLU A 1 150 ? 16.954  8.173   2.121   1.00 24.48 ? 150 GLU A C   1 
ATOM   1164 O O   . GLU A 1 150 ? 17.879  7.413   1.831   1.00 24.28 ? 150 GLU A O   1 
ATOM   1165 C CB  . GLU A 1 150 ? 15.792  9.427   0.299   1.00 26.65 ? 150 GLU A CB  1 
ATOM   1166 C CG  . GLU A 1 150 ? 16.753  9.200   -0.834  1.00 30.63 ? 150 GLU A CG  1 
ATOM   1167 C CD  . GLU A 1 150 ? 16.865  10.404  -1.731  1.00 32.28 ? 150 GLU A CD  1 
ATOM   1168 O OE1 . GLU A 1 150 ? 15.844  10.801  -2.335  1.00 31.89 ? 150 GLU A OE1 1 
ATOM   1169 O OE2 . GLU A 1 150 ? 17.977  10.953  -1.825  1.00 34.26 ? 150 GLU A OE2 1 
ATOM   1170 N N   . GLU A 1 151 ? 16.977  8.970   3.184   1.00 24.12 ? 151 GLU A N   1 
ATOM   1171 C CA  . GLU A 1 151 ? 18.107  9.006   4.100   1.00 23.69 ? 151 GLU A CA  1 
ATOM   1172 C C   . GLU A 1 151 ? 18.315  7.661   4.794   1.00 22.98 ? 151 GLU A C   1 
ATOM   1173 O O   . GLU A 1 151 ? 19.431  7.142   4.849   1.00 20.69 ? 151 GLU A O   1 
ATOM   1174 C CB  . GLU A 1 151 ? 17.875  10.097  5.144   1.00 28.33 ? 151 GLU A CB  1 
ATOM   1175 C CG  . GLU A 1 151 ? 18.990  10.270  6.153   1.00 32.47 ? 151 GLU A CG  1 
ATOM   1176 C CD  . GLU A 1 151 ? 18.699  11.401  7.117   1.00 35.95 ? 151 GLU A CD  1 
ATOM   1177 O OE1 . GLU A 1 151 ? 18.444  12.527  6.642   1.00 38.57 ? 151 GLU A OE1 1 
ATOM   1178 O OE2 . GLU A 1 151 ? 18.722  11.169  8.344   1.00 38.34 ? 151 GLU A OE2 1 
ATOM   1179 N N   . ARG A 1 152 ? 17.236  7.095   5.327   1.00 19.78 ? 152 ARG A N   1 
ATOM   1180 C CA  . ARG A 1 152 ? 17.329  5.814   6.018   1.00 19.25 ? 152 ARG A CA  1 
ATOM   1181 C C   . ARG A 1 152 ? 17.693  4.668   5.069   1.00 18.97 ? 152 ARG A C   1 
ATOM   1182 O O   . ARG A 1 152 ? 18.503  3.810   5.415   1.00 17.11 ? 152 ARG A O   1 
ATOM   1183 C CB  . ARG A 1 152 ? 16.014  5.513   6.744   1.00 18.48 ? 152 ARG A CB  1 
ATOM   1184 C CG  . ARG A 1 152 ? 15.636  6.552   7.799   1.00 18.02 ? 152 ARG A CG  1 
ATOM   1185 C CD  . ARG A 1 152 ? 14.514  6.047   8.697   1.00 20.34 ? 152 ARG A CD  1 
ATOM   1186 N NE  . ARG A 1 152 ? 14.989  5.022   9.624   1.00 20.99 ? 152 ARG A NE  1 
ATOM   1187 C CZ  . ARG A 1 152 ? 15.626  5.283   10.760  1.00 22.63 ? 152 ARG A CZ  1 
ATOM   1188 N NH1 . ARG A 1 152 ? 15.861  6.540   11.118  1.00 25.12 ? 152 ARG A NH1 1 
ATOM   1189 N NH2 . ARG A 1 152 ? 16.035  4.292   11.536  1.00 24.54 ? 152 ARG A NH2 1 
ATOM   1190 N N   . ILE A 1 153 ? 17.101  4.648   3.878   1.00 18.44 ? 153 ILE A N   1 
ATOM   1191 C CA  . ILE A 1 153 ? 17.414  3.590   2.921   1.00 17.83 ? 153 ILE A CA  1 
ATOM   1192 C C   . ILE A 1 153 ? 18.893  3.708   2.556   1.00 19.86 ? 153 ILE A C   1 
ATOM   1193 O O   . ILE A 1 153 ? 19.618  2.714   2.500   1.00 19.74 ? 153 ILE A O   1 
ATOM   1194 C CB  . ILE A 1 153 ? 16.552  3.704   1.642   1.00 19.06 ? 153 ILE A CB  1 
ATOM   1195 C CG1 . ILE A 1 153 ? 15.075  3.485   1.995   1.00 18.90 ? 153 ILE A CG1 1 
ATOM   1196 C CG2 . ILE A 1 153 ? 17.000  2.673   0.612   1.00 18.89 ? 153 ILE A CG2 1 
ATOM   1197 C CD1 . ILE A 1 153 ? 14.135  3.534   0.811   1.00 18.30 ? 153 ILE A CD1 1 
ATOM   1198 N N   . LYS A 1 154 ? 19.338  4.938   2.325   1.00 19.46 ? 154 LYS A N   1 
ATOM   1199 C CA  . LYS A 1 154 ? 20.731  5.196   1.981   1.00 22.35 ? 154 LYS A CA  1 
ATOM   1200 C C   . LYS A 1 154 ? 21.642  4.670   3.090   1.00 21.16 ? 154 LYS A C   1 
ATOM   1201 O O   . LYS A 1 154 ? 22.713  4.120   2.817   1.00 21.59 ? 154 LYS A O   1 
ATOM   1202 C CB  . LYS A 1 154 ? 20.942  6.704   1.779   1.00 22.01 ? 154 LYS A CB  1 
ATOM   1203 C CG  . LYS A 1 154 ? 22.321  7.101   1.262   1.00 28.11 ? 154 LYS A CG  1 
ATOM   1204 C CD  . LYS A 1 154 ? 23.367  7.084   2.363   1.00 32.66 ? 154 LYS A CD  1 
ATOM   1205 C CE  . LYS A 1 154 ? 23.097  8.170   3.391   1.00 35.13 ? 154 LYS A CE  1 
ATOM   1206 N NZ  . LYS A 1 154 ? 23.113  9.523   2.768   1.00 36.74 ? 154 LYS A NZ  1 
ATOM   1207 N N   . LYS A 1 155 ? 21.212  4.825   4.339   1.00 22.72 ? 155 LYS A N   1 
ATOM   1208 C CA  . LYS A 1 155 ? 22.004  4.360   5.473   1.00 23.39 ? 155 LYS A CA  1 
ATOM   1209 C C   . LYS A 1 155 ? 21.828  2.867   5.727   1.00 22.51 ? 155 LYS A C   1 
ATOM   1210 O O   . LYS A 1 155 ? 22.415  2.314   6.659   1.00 23.28 ? 155 LYS A O   1 
ATOM   1211 C CB  . LYS A 1 155 ? 21.653  5.155   6.731   1.00 24.19 ? 155 LYS A CB  1 
ATOM   1212 C CG  . LYS A 1 155 ? 22.109  6.610   6.679   1.00 28.29 ? 155 LYS A CG  1 
ATOM   1213 C CD  . LYS A 1 155 ? 21.687  7.363   7.927   1.00 31.44 ? 155 LYS A CD  1 
ATOM   1214 C CE  . LYS A 1 155 ? 22.139  8.814   7.888   1.00 33.95 ? 155 LYS A CE  1 
ATOM   1215 N NZ  . LYS A 1 155 ? 21.698  9.548   9.109   1.00 36.26 ? 155 LYS A NZ  1 
ATOM   1216 N N   . GLY A 1 156 ? 21.004  2.225   4.905   1.00 23.04 ? 156 GLY A N   1 
ATOM   1217 C CA  . GLY A 1 156 ? 20.804  0.790   5.021   1.00 20.52 ? 156 GLY A CA  1 
ATOM   1218 C C   . GLY A 1 156 ? 19.731  0.265   5.957   1.00 19.07 ? 156 GLY A C   1 
ATOM   1219 O O   . GLY A 1 156 ? 19.592  -0.950  6.102   1.00 18.07 ? 156 GLY A O   1 
ATOM   1220 N N   . ASP A 1 157 ? 18.979  1.155   6.594   1.00 16.23 ? 157 ASP A N   1 
ATOM   1221 C CA  . ASP A 1 157 ? 17.919  0.736   7.513   1.00 13.98 ? 157 ASP A CA  1 
ATOM   1222 C C   . ASP A 1 157 ? 16.613  0.674   6.728   1.00 14.91 ? 157 ASP A C   1 
ATOM   1223 O O   . ASP A 1 157 ? 15.995  1.702   6.454   1.00 12.64 ? 157 ASP A O   1 
ATOM   1224 C CB  . ASP A 1 157 ? 17.791  1.739   8.664   1.00 15.68 ? 157 ASP A CB  1 
ATOM   1225 C CG  . ASP A 1 157 ? 16.910  1.230   9.801   1.00 14.57 ? 157 ASP A CG  1 
ATOM   1226 O OD1 . ASP A 1 157 ? 16.196  0.215   9.621   1.00 16.33 ? 157 ASP A OD1 1 
ATOM   1227 O OD2 . ASP A 1 157 ? 16.929  1.861   10.879  1.00 16.76 ? 157 ASP A OD2 1 
ATOM   1228 N N   . TYR A 1 158 ? 16.203  -0.539  6.370   1.00 14.01 ? 158 TYR A N   1 
ATOM   1229 C CA  . TYR A 1 158 ? 14.986  -0.750  5.591   1.00 14.21 ? 158 TYR A CA  1 
ATOM   1230 C C   . TYR A 1 158 ? 13.740  -0.961  6.441   1.00 13.42 ? 158 TYR A C   1 
ATOM   1231 O O   . TYR A 1 158 ? 12.660  -1.214  5.908   1.00 13.90 ? 158 TYR A O   1 
ATOM   1232 C CB  . TYR A 1 158 ? 15.161  -1.968  4.681   1.00 13.78 ? 158 TYR A CB  1 
ATOM   1233 C CG  . TYR A 1 158 ? 16.125  -1.785  3.524   1.00 13.36 ? 158 TYR A CG  1 
ATOM   1234 C CD1 . TYR A 1 158 ? 17.050  -0.738  3.502   1.00 14.01 ? 158 TYR A CD1 1 
ATOM   1235 C CD2 . TYR A 1 158 ? 16.122  -2.687  2.459   1.00 15.49 ? 158 TYR A CD2 1 
ATOM   1236 C CE1 . TYR A 1 158 ? 17.952  -0.599  2.439   1.00 17.16 ? 158 TYR A CE1 1 
ATOM   1237 C CE2 . TYR A 1 158 ? 17.014  -2.560  1.404   1.00 16.38 ? 158 TYR A CE2 1 
ATOM   1238 C CZ  . TYR A 1 158 ? 17.925  -1.516  1.399   1.00 16.27 ? 158 TYR A CZ  1 
ATOM   1239 O OH  . TYR A 1 158 ? 18.818  -1.405  0.360   1.00 17.82 ? 158 TYR A OH  1 
ATOM   1240 N N   . ARG A 1 159 ? 13.877  -0.870  7.760   1.00 13.77 ? 159 ARG A N   1 
ATOM   1241 C CA  . ARG A 1 159 ? 12.726  -1.080  8.629   1.00 14.39 ? 159 ARG A CA  1 
ATOM   1242 C C   . ARG A 1 159 ? 11.724  0.064   8.561   1.00 14.20 ? 159 ARG A C   1 
ATOM   1243 O O   . ARG A 1 159 ? 12.058  1.204   8.881   1.00 14.61 ? 159 ARG A O   1 
ATOM   1244 C CB  . ARG A 1 159 ? 13.186  -1.245  10.074  1.00 15.62 ? 159 ARG A CB  1 
ATOM   1245 C CG  . ARG A 1 159 ? 14.138  -2.400  10.295  1.00 15.69 ? 159 ARG A CG  1 
ATOM   1246 C CD  . ARG A 1 159 ? 14.661  -2.363  11.718  1.00 18.47 ? 159 ARG A CD  1 
ATOM   1247 N NE  . ARG A 1 159 ? 15.479  -1.174  11.947  1.00 16.64 ? 159 ARG A NE  1 
ATOM   1248 C CZ  . ARG A 1 159 ? 15.873  -0.760  13.148  1.00 17.48 ? 159 ARG A CZ  1 
ATOM   1249 N NH1 . ARG A 1 159 ? 15.516  -1.437  14.234  1.00 17.88 ? 159 ARG A NH1 1 
ATOM   1250 N NH2 . ARG A 1 159 ? 16.639  0.320   13.262  1.00 15.41 ? 159 ARG A NH2 1 
ATOM   1251 N N   . ILE A 1 160 ? 10.496  -0.228  8.142   1.00 14.39 ? 160 ILE A N   1 
ATOM   1252 C CA  . ILE A 1 160 ? 9.482   0.819   8.090   1.00 13.72 ? 160 ILE A CA  1 
ATOM   1253 C C   . ILE A 1 160 ? 9.080   1.171   9.522   1.00 12.38 ? 160 ILE A C   1 
ATOM   1254 O O   . ILE A 1 160 ? 8.647   2.293   9.795   1.00 13.89 ? 160 ILE A O   1 
ATOM   1255 C CB  . ILE A 1 160 ? 8.248   0.381   7.273   1.00 14.86 ? 160 ILE A CB  1 
ATOM   1256 C CG1 . ILE A 1 160 ? 8.651   0.201   5.803   1.00 15.35 ? 160 ILE A CG1 1 
ATOM   1257 C CG2 . ILE A 1 160 ? 7.151   1.439   7.367   1.00 13.70 ? 160 ILE A CG2 1 
ATOM   1258 C CD1 . ILE A 1 160 ? 7.522   -0.295  4.906   1.00 16.37 ? 160 ILE A CD1 1 
ATOM   1259 N N   . TRP A 1 161 ? 9.223   0.218   10.438  1.00 13.55 ? 161 TRP A N   1 
ATOM   1260 C CA  . TRP A 1 161 ? 8.904   0.483   11.844  1.00 14.08 ? 161 TRP A CA  1 
ATOM   1261 C C   . TRP A 1 161 ? 9.825   1.580   12.359  1.00 14.07 ? 161 TRP A C   1 
ATOM   1262 O O   . TRP A 1 161 ? 9.390   2.488   13.059  1.00 12.25 ? 161 TRP A O   1 
ATOM   1263 C CB  . TRP A 1 161 ? 9.104   -0.757  12.719  1.00 14.77 ? 161 TRP A CB  1 
ATOM   1264 C CG  . TRP A 1 161 ? 8.014   -1.779  12.642  1.00 13.95 ? 161 TRP A CG  1 
ATOM   1265 C CD1 . TRP A 1 161 ? 6.792   -1.646  12.044  1.00 14.85 ? 161 TRP A CD1 1 
ATOM   1266 C CD2 . TRP A 1 161 ? 8.047   -3.096  13.201  1.00 15.44 ? 161 TRP A CD2 1 
ATOM   1267 N NE1 . TRP A 1 161 ? 6.063   -2.804  12.197  1.00 13.69 ? 161 TRP A NE1 1 
ATOM   1268 C CE2 . TRP A 1 161 ? 6.809   -3.709  12.905  1.00 14.98 ? 161 TRP A CE2 1 
ATOM   1269 C CE3 . TRP A 1 161 ? 9.004   -3.821  13.927  1.00 15.50 ? 161 TRP A CE3 1 
ATOM   1270 C CZ2 . TRP A 1 161 ? 6.500   -5.013  13.309  1.00 15.24 ? 161 TRP A CZ2 1 
ATOM   1271 C CZ3 . TRP A 1 161 ? 8.697   -5.118  14.327  1.00 16.10 ? 161 TRP A CZ3 1 
ATOM   1272 C CH2 . TRP A 1 161 ? 7.456   -5.698  14.018  1.00 16.05 ? 161 TRP A CH2 1 
ATOM   1273 N N   . ALA A 1 162 ? 11.105  1.490   12.009  1.00 12.89 ? 162 ALA A N   1 
ATOM   1274 C CA  . ALA A 1 162 ? 12.084  2.484   12.443  1.00 14.02 ? 162 ALA A CA  1 
ATOM   1275 C C   . ALA A 1 162 ? 11.801  3.816   11.767  1.00 14.68 ? 162 ALA A C   1 
ATOM   1276 O O   . ALA A 1 162 ? 11.924  4.877   12.379  1.00 16.61 ? 162 ALA A O   1 
ATOM   1277 C CB  . ALA A 1 162 ? 13.499  2.008   12.108  1.00 13.25 ? 162 ALA A CB  1 
ATOM   1278 N N   . LEU A 1 163 ? 11.429  3.757   10.496  1.00 13.47 ? 163 LEU A N   1 
ATOM   1279 C CA  . LEU A 1 163 ? 11.108  4.965   9.747   1.00 14.05 ? 163 LEU A CA  1 
ATOM   1280 C C   . LEU A 1 163 ? 9.955   5.697   10.424  1.00 13.63 ? 163 LEU A C   1 
ATOM   1281 O O   . LEU A 1 163 ? 10.031  6.902   10.666  1.00 14.87 ? 163 LEU A O   1 
ATOM   1282 C CB  . LEU A 1 163 ? 10.700  4.617   8.314   1.00 13.40 ? 163 LEU A CB  1 
ATOM   1283 C CG  . LEU A 1 163 ? 10.079  5.758   7.499   1.00 13.56 ? 163 LEU A CG  1 
ATOM   1284 C CD1 . LEU A 1 163 ? 11.143  6.815   7.169   1.00 13.93 ? 163 LEU A CD1 1 
ATOM   1285 C CD2 . LEU A 1 163 ? 9.481   5.198   6.209   1.00 16.45 ? 163 LEU A CD2 1 
ATOM   1286 N N   . LEU A 1 164 ? 8.893   4.957   10.730  1.00 15.11 ? 164 LEU A N   1 
ATOM   1287 C CA  . LEU A 1 164 ? 7.716   5.541   11.353  1.00 12.82 ? 164 LEU A CA  1 
ATOM   1288 C C   . LEU A 1 164 ? 7.988   6.109   12.743  1.00 12.94 ? 164 LEU A C   1 
ATOM   1289 O O   . LEU A 1 164 ? 7.432   7.143   13.105  1.00 14.04 ? 164 LEU A O   1 
ATOM   1290 C CB  . LEU A 1 164 ? 6.579   4.518   11.390  1.00 12.82 ? 164 LEU A CB  1 
ATOM   1291 C CG  . LEU A 1 164 ? 5.993   4.175   10.012  1.00 13.51 ? 164 LEU A CG  1 
ATOM   1292 C CD1 . LEU A 1 164 ? 4.846   3.194   10.188  1.00 15.26 ? 164 LEU A CD1 1 
ATOM   1293 C CD2 . LEU A 1 164 ? 5.498   5.431   9.318   1.00 15.32 ? 164 LEU A CD2 1 
ATOM   1294 N N   . LYS A 1 165 ? 8.836   5.448   13.526  1.00 14.13 ? 165 LYS A N   1 
ATOM   1295 C CA  . LYS A 1 165 ? 9.162   5.975   14.847  1.00 16.48 ? 165 LYS A CA  1 
ATOM   1296 C C   . LYS A 1 165 ? 9.945   7.276   14.676  1.00 16.51 ? 165 LYS A C   1 
ATOM   1297 O O   . LYS A 1 165 ? 9.791   8.219   15.451  1.00 18.92 ? 165 LYS A O   1 
ATOM   1298 C CB  . LYS A 1 165 ? 9.999   4.970   15.640  1.00 16.23 ? 165 LYS A CB  1 
ATOM   1299 C CG  . LYS A 1 165 ? 9.191   3.808   16.171  1.00 19.95 ? 165 LYS A CG  1 
ATOM   1300 C CD  . LYS A 1 165 ? 10.008  2.971   17.134  1.00 22.33 ? 165 LYS A CD  1 
ATOM   1301 C CE  . LYS A 1 165 ? 9.106   2.082   17.970  1.00 26.87 ? 165 LYS A CE  1 
ATOM   1302 N NZ  . LYS A 1 165 ? 9.880   1.311   18.984  1.00 29.46 ? 165 LYS A NZ  1 
ATOM   1303 N N   . ASP A 1 166 ? 10.769  7.327   13.637  1.00 15.35 ? 166 ASP A N   1 
ATOM   1304 C CA  . ASP A 1 166 ? 11.581  8.504   13.362  1.00 17.02 ? 166 ASP A CA  1 
ATOM   1305 C C   . ASP A 1 166 ? 10.720  9.705   12.976  1.00 18.74 ? 166 ASP A C   1 
ATOM   1306 O O   . ASP A 1 166 ? 10.770  10.751  13.623  1.00 19.04 ? 166 ASP A O   1 
ATOM   1307 C CB  . ASP A 1 166 ? 12.568  8.188   12.229  1.00 18.99 ? 166 ASP A CB  1 
ATOM   1308 C CG  . ASP A 1 166 ? 13.575  9.297   11.996  1.00 24.28 ? 166 ASP A CG  1 
ATOM   1309 O OD1 . ASP A 1 166 ? 13.502  10.337  12.684  1.00 24.85 ? 166 ASP A OD1 1 
ATOM   1310 O OD2 . ASP A 1 166 ? 14.447  9.123   11.114  1.00 25.45 ? 166 ASP A OD2 1 
ATOM   1311 N N   . VAL A 1 167 ? 9.911   9.540   11.934  1.00 16.85 ? 167 VAL A N   1 
ATOM   1312 C CA  . VAL A 1 167 ? 9.071   10.624  11.437  1.00 17.92 ? 167 VAL A CA  1 
ATOM   1313 C C   . VAL A 1 167 ? 7.785   10.867  12.219  1.00 17.66 ? 167 VAL A C   1 
ATOM   1314 O O   . VAL A 1 167 ? 7.209   11.957  12.146  1.00 17.78 ? 167 VAL A O   1 
ATOM   1315 C CB  . VAL A 1 167 ? 8.705   10.392  9.955   1.00 19.89 ? 167 VAL A CB  1 
ATOM   1316 C CG1 . VAL A 1 167 ? 9.972   10.221  9.134   1.00 21.01 ? 167 VAL A CG1 1 
ATOM   1317 C CG2 . VAL A 1 167 ? 7.818   9.165   9.821   1.00 19.31 ? 167 VAL A CG2 1 
ATOM   1318 N N   . GLY A 1 168 ? 7.346   9.860   12.966  1.00 15.84 ? 168 GLY A N   1 
ATOM   1319 C CA  . GLY A 1 168 ? 6.118   9.977   13.730  1.00 15.79 ? 168 GLY A CA  1 
ATOM   1320 C C   . GLY A 1 168 ? 4.954   9.454   12.906  1.00 16.26 ? 168 GLY A C   1 
ATOM   1321 O O   . GLY A 1 168 ? 4.964   9.553   11.679  1.00 17.19 ? 168 GLY A O   1 
ATOM   1322 N N   . TYR A 1 169 ? 3.949   8.892   13.563  1.00 14.57 ? 169 TYR A N   1 
ATOM   1323 C CA  . TYR A 1 169 ? 2.803   8.364   12.838  1.00 13.21 ? 169 TYR A CA  1 
ATOM   1324 C C   . TYR A 1 169 ? 1.569   8.270   13.709  1.00 13.15 ? 169 TYR A C   1 
ATOM   1325 O O   . TYR A 1 169 ? 1.652   8.252   14.943  1.00 15.28 ? 169 TYR A O   1 
ATOM   1326 C CB  . TYR A 1 169 ? 3.136   6.989   12.249  1.00 14.99 ? 169 TYR A CB  1 
ATOM   1327 C CG  . TYR A 1 169 ? 3.351   5.900   13.276  1.00 15.54 ? 169 TYR A CG  1 
ATOM   1328 C CD1 . TYR A 1 169 ? 4.590   5.738   13.895  1.00 16.22 ? 169 TYR A CD1 1 
ATOM   1329 C CD2 . TYR A 1 169 ? 2.324   5.013   13.614  1.00 15.73 ? 169 TYR A CD2 1 
ATOM   1330 C CE1 . TYR A 1 169 ? 4.808   4.718   14.820  1.00 15.75 ? 169 TYR A CE1 1 
ATOM   1331 C CE2 . TYR A 1 169 ? 2.534   3.992   14.535  1.00 15.94 ? 169 TYR A CE2 1 
ATOM   1332 C CZ  . TYR A 1 169 ? 3.774   3.848   15.130  1.00 16.73 ? 169 TYR A CZ  1 
ATOM   1333 O OH  . TYR A 1 169 ? 3.993   2.827   16.027  1.00 17.18 ? 169 TYR A OH  1 
ATOM   1334 N N   . ASN A 1 170 ? 0.416   8.221   13.053  1.00 13.94 ? 170 ASN A N   1 
ATOM   1335 C CA  . ASN A 1 170 ? -0.856  8.129   13.744  1.00 14.22 ? 170 ASN A CA  1 
ATOM   1336 C C   . ASN A 1 170 ? -1.523  6.793   13.452  1.00 15.20 ? 170 ASN A C   1 
ATOM   1337 O O   . ASN A 1 170 ? -1.590  6.369   12.298  1.00 16.98 ? 170 ASN A O   1 
ATOM   1338 C CB  . ASN A 1 170 ? -1.772  9.262   13.284  1.00 15.67 ? 170 ASN A CB  1 
ATOM   1339 C CG  . ASN A 1 170 ? -1.174  10.626  13.546  1.00 16.70 ? 170 ASN A CG  1 
ATOM   1340 O OD1 . ASN A 1 170 ? -1.090  11.066  14.690  1.00 18.06 ? 170 ASN A OD1 1 
ATOM   1341 N ND2 . ASN A 1 170 ? -0.738  11.298  12.487  1.00 19.35 ? 170 ASN A ND2 1 
ATOM   1342 N N   . GLU A 1 171 ? -2.006  6.127   14.497  1.00 14.66 ? 171 GLU A N   1 
ATOM   1343 C CA  . GLU A 1 171 ? -2.692  4.854   14.324  1.00 15.85 ? 171 GLU A CA  1 
ATOM   1344 C C   . GLU A 1 171 ? -4.176  5.105   14.131  1.00 14.85 ? 171 GLU A C   1 
ATOM   1345 O O   . GLU A 1 171 ? -4.777  5.922   14.834  1.00 16.75 ? 171 GLU A O   1 
ATOM   1346 C CB  . GLU A 1 171 ? -2.565  3.960   15.559  1.00 17.40 ? 171 GLU A CB  1 
ATOM   1347 C CG  . GLU A 1 171 ? -1.205  3.377   15.857  1.00 19.17 ? 171 GLU A CG  1 
ATOM   1348 C CD  . GLU A 1 171 ? -1.289  2.349   16.978  1.00 19.87 ? 171 GLU A CD  1 
ATOM   1349 O OE1 . GLU A 1 171 ? -2.215  2.453   17.821  1.00 22.32 ? 171 GLU A OE1 1 
ATOM   1350 O OE2 . GLU A 1 171 ? -0.434  1.443   17.027  1.00 21.95 ? 171 GLU A OE2 1 
ATOM   1351 N N   . VAL A 1 172 ? -4.770  4.404   13.178  1.00 14.52 ? 172 VAL A N   1 
ATOM   1352 C CA  . VAL A 1 172 ? -6.201  4.518   12.965  1.00 15.07 ? 172 VAL A CA  1 
ATOM   1353 C C   . VAL A 1 172 ? -6.726  3.171   13.435  1.00 14.74 ? 172 VAL A C   1 
ATOM   1354 O O   . VAL A 1 172 ? -6.532  2.160   12.767  1.00 12.67 ? 172 VAL A O   1 
ATOM   1355 C CB  . VAL A 1 172 ? -6.545  4.735   11.476  1.00 13.39 ? 172 VAL A CB  1 
ATOM   1356 C CG1 . VAL A 1 172 ? -8.055  4.786   11.298  1.00 13.00 ? 172 VAL A CG1 1 
ATOM   1357 C CG2 . VAL A 1 172 ? -5.923  6.025   10.978  1.00 15.06 ? 172 VAL A CG2 1 
ATOM   1358 N N   . GLU A 1 173 ? -7.333  3.152   14.619  1.00 14.87 ? 173 GLU A N   1 
ATOM   1359 C CA  . GLU A 1 173 ? -7.872  1.915   15.174  1.00 16.23 ? 173 GLU A CA  1 
ATOM   1360 C C   . GLU A 1 173 ? -9.017  1.458   14.286  1.00 17.23 ? 173 GLU A C   1 
ATOM   1361 O O   . GLU A 1 173 ? -10.041 2.135   14.180  1.00 15.92 ? 173 GLU A O   1 
ATOM   1362 C CB  . GLU A 1 173 ? -8.383  2.143   16.597  1.00 18.41 ? 173 GLU A CB  1 
ATOM   1363 C CG  . GLU A 1 173 ? -8.906  0.884   17.268  1.00 23.73 ? 173 GLU A CG  1 
ATOM   1364 C CD  . GLU A 1 173 ? -9.490  1.160   18.641  1.00 27.71 ? 173 GLU A CD  1 
ATOM   1365 O OE1 . GLU A 1 173 ? -8.748  1.657   19.511  1.00 29.12 ? 173 GLU A OE1 1 
ATOM   1366 O OE2 . GLU A 1 173 ? -10.692 0.882   18.847  1.00 31.73 ? 173 GLU A OE2 1 
ATOM   1367 N N   . ILE A 1 174 ? -8.837  0.315   13.635  1.00 16.06 ? 174 ILE A N   1 
ATOM   1368 C CA  . ILE A 1 174 ? -9.859  -0.201  12.738  1.00 15.58 ? 174 ILE A CA  1 
ATOM   1369 C C   . ILE A 1 174 ? -11.052 -0.746  13.498  1.00 15.69 ? 174 ILE A C   1 
ATOM   1370 O O   . ILE A 1 174 ? -10.897 -1.542  14.426  1.00 14.32 ? 174 ILE A O   1 
ATOM   1371 C CB  . ILE A 1 174 ? -9.286  -1.305  11.823  1.00 15.27 ? 174 ILE A CB  1 
ATOM   1372 C CG1 . ILE A 1 174 ? -8.182  -0.713  10.942  1.00 17.33 ? 174 ILE A CG1 1 
ATOM   1373 C CG2 . ILE A 1 174 ? -10.388 -1.911  10.968  1.00 15.05 ? 174 ILE A CG2 1 
ATOM   1374 C CD1 . ILE A 1 174 ? -8.631  0.474   10.095  1.00 14.14 ? 174 ILE A CD1 1 
ATOM   1375 N N   . PRO A 1 175 ? -12.265 -0.303  13.123  1.00 16.44 ? 175 PRO A N   1 
ATOM   1376 C CA  . PRO A 1 175 ? -13.487 -0.766  13.779  1.00 16.74 ? 175 PRO A CA  1 
ATOM   1377 C C   . PRO A 1 175 ? -13.552 -2.283  13.732  1.00 16.69 ? 175 PRO A C   1 
ATOM   1378 O O   . PRO A 1 175 ? -13.147 -2.901  12.747  1.00 14.16 ? 175 PRO A O   1 
ATOM   1379 C CB  . PRO A 1 175 ? -14.590 -0.117  12.955  1.00 16.00 ? 175 PRO A CB  1 
ATOM   1380 C CG  . PRO A 1 175 ? -13.978 1.185   12.543  1.00 16.67 ? 175 PRO A CG  1 
ATOM   1381 C CD  . PRO A 1 175 ? -12.562 0.766   12.151  1.00 15.12 ? 175 PRO A CD  1 
ATOM   1382 N N   . GLU A 1 176 ? -14.066 -2.873  14.804  1.00 15.92 ? 176 GLU A N   1 
ATOM   1383 C CA  . GLU A 1 176 ? -14.181 -4.320  14.918  1.00 17.69 ? 176 GLU A CA  1 
ATOM   1384 C C   . GLU A 1 176 ? -14.670 -5.031  13.658  1.00 17.86 ? 176 GLU A C   1 
ATOM   1385 O O   . GLU A 1 176 ? -14.068 -6.017  13.225  1.00 16.85 ? 176 GLU A O   1 
ATOM   1386 C CB  . GLU A 1 176 ? -15.098 -4.671  16.096  1.00 18.90 ? 176 GLU A CB  1 
ATOM   1387 C CG  . GLU A 1 176 ? -15.516 -6.135  16.181  1.00 19.27 ? 176 GLU A CG  1 
ATOM   1388 C CD  . GLU A 1 176 ? -14.347 -7.100  16.245  1.00 21.09 ? 176 GLU A CD  1 
ATOM   1389 O OE1 . GLU A 1 176 ? -13.231 -6.678  16.608  1.00 19.89 ? 176 GLU A OE1 1 
ATOM   1390 O OE2 . GLU A 1 176 ? -14.550 -8.294  15.945  1.00 22.28 ? 176 GLU A OE2 1 
ATOM   1391 N N   . GLU A 1 177 ? -15.743 -4.530  13.055  1.00 16.38 ? 177 GLU A N   1 
ATOM   1392 C CA  . GLU A 1 177 ? -16.289 -5.182  11.876  1.00 17.23 ? 177 GLU A CA  1 
ATOM   1393 C C   . GLU A 1 177 ? -15.497 -5.022  10.585  1.00 16.72 ? 177 GLU A C   1 
ATOM   1394 O O   . GLU A 1 177 ? -15.882 -5.562  9.553   1.00 18.48 ? 177 GLU A O   1 
ATOM   1395 C CB  . GLU A 1 177 ? -17.748 -4.761  11.677  1.00 19.63 ? 177 GLU A CB  1 
ATOM   1396 C CG  . GLU A 1 177 ? -18.649 -5.280  12.800  1.00 21.03 ? 177 GLU A CG  1 
ATOM   1397 C CD  . GLU A 1 177 ? -20.120 -5.294  12.432  1.00 21.28 ? 177 GLU A CD  1 
ATOM   1398 O OE1 . GLU A 1 177 ? -20.448 -5.725  11.307  1.00 22.53 ? 177 GLU A OE1 1 
ATOM   1399 O OE2 . GLU A 1 177 ? -20.948 -4.892  13.275  1.00 23.82 ? 177 GLU A OE2 1 
ATOM   1400 N N   . LEU A 1 178 ? -14.382 -4.299  10.645  1.00 14.39 ? 178 LEU A N   1 
ATOM   1401 C CA  . LEU A 1 178 ? -13.544 -4.106  9.468   1.00 14.52 ? 178 LEU A CA  1 
ATOM   1402 C C   . LEU A 1 178 ? -12.157 -4.699  9.681   1.00 13.81 ? 178 LEU A C   1 
ATOM   1403 O O   . LEU A 1 178 ? -11.325 -4.685  8.780   1.00 14.98 ? 178 LEU A O   1 
ATOM   1404 C CB  . LEU A 1 178 ? -13.403 -2.617  9.134   1.00 14.02 ? 178 LEU A CB  1 
ATOM   1405 C CG  . LEU A 1 178 ? -14.634 -1.909  8.565   1.00 16.08 ? 178 LEU A CG  1 
ATOM   1406 C CD1 . LEU A 1 178 ? -14.288 -0.460  8.259   1.00 16.84 ? 178 LEU A CD1 1 
ATOM   1407 C CD2 . LEU A 1 178 ? -15.101 -2.622  7.306   1.00 16.38 ? 178 LEU A CD2 1 
ATOM   1408 N N   . ARG A 1 179 ? -11.904 -5.232  10.871  1.00 14.03 ? 179 ARG A N   1 
ATOM   1409 C CA  . ARG A 1 179 ? -10.586 -5.791  11.143  1.00 14.19 ? 179 ARG A CA  1 
ATOM   1410 C C   . ARG A 1 179 ? -10.226 -6.956  10.230  1.00 13.67 ? 179 ARG A C   1 
ATOM   1411 O O   . ARG A 1 179 ? -9.070  -7.103  9.834   1.00 13.24 ? 179 ARG A O   1 
ATOM   1412 C CB  . ARG A 1 179 ? -10.488 -6.207  12.611  1.00 16.76 ? 179 ARG A CB  1 
ATOM   1413 C CG  . ARG A 1 179 ? -10.351 -5.013  13.561  1.00 18.30 ? 179 ARG A CG  1 
ATOM   1414 C CD  . ARG A 1 179 ? -10.737 -5.364  14.983  1.00 22.31 ? 179 ARG A CD  1 
ATOM   1415 N NE  . ARG A 1 179 ? -9.923  -6.430  15.560  1.00 27.02 ? 179 ARG A NE  1 
ATOM   1416 C CZ  . ARG A 1 179 ? -8.804  -6.237  16.250  1.00 28.21 ? 179 ARG A CZ  1 
ATOM   1417 N NH1 . ARG A 1 179 ? -8.343  -5.011  16.459  1.00 29.81 ? 179 ARG A NH1 1 
ATOM   1418 N NH2 . ARG A 1 179 ? -8.148  -7.276  16.749  1.00 29.01 ? 179 ARG A NH2 1 
ATOM   1419 N N   . TYR A 1 180 ? -11.213 -7.770  9.874   1.00 15.12 ? 180 TYR A N   1 
ATOM   1420 C CA  . TYR A 1 180 ? -10.949 -8.917  9.011   1.00 14.62 ? 180 TYR A CA  1 
ATOM   1421 C C   . TYR A 1 180 ? -10.512 -8.498  7.607   1.00 15.45 ? 180 TYR A C   1 
ATOM   1422 O O   . TYR A 1 180 ? -9.895  -9.283  6.887   1.00 14.28 ? 180 TYR A O   1 
ATOM   1423 C CB  . TYR A 1 180 ? -12.197 -9.810  8.926   1.00 16.54 ? 180 TYR A CB  1 
ATOM   1424 C CG  . TYR A 1 180 ? -13.245 -9.328  7.949   1.00 16.37 ? 180 TYR A CG  1 
ATOM   1425 C CD1 . TYR A 1 180 ? -14.148 -8.328  8.302   1.00 16.25 ? 180 TYR A CD1 1 
ATOM   1426 C CD2 . TYR A 1 180 ? -13.326 -9.866  6.662   1.00 15.96 ? 180 TYR A CD2 1 
ATOM   1427 C CE1 . TYR A 1 180 ? -15.106 -7.872  7.399   1.00 17.57 ? 180 TYR A CE1 1 
ATOM   1428 C CE2 . TYR A 1 180 ? -14.282 -9.418  5.755   1.00 17.87 ? 180 TYR A CE2 1 
ATOM   1429 C CZ  . TYR A 1 180 ? -15.168 -8.420  6.130   1.00 18.63 ? 180 TYR A CZ  1 
ATOM   1430 O OH  . TYR A 1 180 ? -16.117 -7.969  5.244   1.00 20.62 ? 180 TYR A OH  1 
ATOM   1431 N N   . THR A 1 181 ? -10.813 -7.259  7.226   1.00 14.14 ? 181 THR A N   1 
ATOM   1432 C CA  . THR A 1 181 ? -10.453 -6.784  5.896   1.00 14.35 ? 181 THR A CA  1 
ATOM   1433 C C   . THR A 1 181 ? -8.950  -6.585  5.743   1.00 13.70 ? 181 THR A C   1 
ATOM   1434 O O   . THR A 1 181 ? -8.466  -6.323  4.643   1.00 14.70 ? 181 THR A O   1 
ATOM   1435 C CB  . THR A 1 181 ? -11.160 -5.448  5.552   1.00 15.25 ? 181 THR A CB  1 
ATOM   1436 O OG1 . THR A 1 181 ? -10.647 -4.398  6.380   1.00 14.71 ? 181 THR A OG1 1 
ATOM   1437 C CG2 . THR A 1 181 ? -12.666 -5.575  5.766   1.00 16.20 ? 181 THR A CG2 1 
ATOM   1438 N N   . LEU A 1 182 ? -8.216  -6.722  6.841   1.00 13.33 ? 182 LEU A N   1 
ATOM   1439 C CA  . LEU A 1 182 ? -6.764  -6.542  6.817   1.00 15.41 ? 182 LEU A CA  1 
ATOM   1440 C C   . LEU A 1 182 ? -5.980  -7.849  6.909   1.00 15.86 ? 182 LEU A C   1 
ATOM   1441 O O   . LEU A 1 182 ? -4.753  -7.841  7.023   1.00 17.76 ? 182 LEU A O   1 
ATOM   1442 C CB  . LEU A 1 182 ? -6.349  -5.603  7.958   1.00 17.13 ? 182 LEU A CB  1 
ATOM   1443 C CG  . LEU A 1 182 ? -6.680  -4.134  7.673   1.00 18.86 ? 182 LEU A CG  1 
ATOM   1444 C CD1 . LEU A 1 182 ? -6.954  -3.381  8.957   1.00 22.04 ? 182 LEU A CD1 1 
ATOM   1445 C CD2 . LEU A 1 182 ? -5.526  -3.504  6.910   1.00 18.06 ? 182 LEU A CD2 1 
ATOM   1446 N N   . LEU A 1 183 ? -6.682  -8.975  6.855   1.00 16.67 ? 183 LEU A N   1 
ATOM   1447 C CA  . LEU A 1 183 ? -6.012  -10.270 6.938   1.00 20.63 ? 183 LEU A CA  1 
ATOM   1448 C C   . LEU A 1 183 ? -5.266  -10.591 5.644   1.00 22.96 ? 183 LEU A C   1 
ATOM   1449 O O   . LEU A 1 183 ? -5.552  -10.023 4.590   1.00 22.01 ? 183 LEU A O   1 
ATOM   1450 C CB  . LEU A 1 183 ? -7.035  -11.372 7.229   1.00 22.77 ? 183 LEU A CB  1 
ATOM   1451 C CG  . LEU A 1 183 ? -7.763  -11.306 8.574   1.00 23.64 ? 183 LEU A CG  1 
ATOM   1452 C CD1 . LEU A 1 183 ? -8.859  -12.361 8.623   1.00 25.14 ? 183 LEU A CD1 1 
ATOM   1453 C CD2 . LEU A 1 183 ? -6.767  -11.518 9.700   1.00 24.68 ? 183 LEU A CD2 1 
ATOM   1454 N N   . ASN A 1 184 ? -4.297  -11.496 5.731   1.00 25.26 ? 184 ASN A N   1 
ATOM   1455 C CA  . ASN A 1 184 ? -3.543  -11.907 4.552   1.00 27.58 ? 184 ASN A CA  1 
ATOM   1456 C C   . ASN A 1 184 ? -3.997  -13.314 4.198   1.00 28.69 ? 184 ASN A C   1 
ATOM   1457 O O   . ASN A 1 184 ? -4.786  -13.910 4.925   1.00 27.10 ? 184 ASN A O   1 
ATOM   1458 C CB  . ASN A 1 184 ? -2.037  -11.917 4.835   1.00 30.12 ? 184 ASN A CB  1 
ATOM   1459 C CG  . ASN A 1 184 ? -1.537  -10.607 5.406   1.00 31.03 ? 184 ASN A CG  1 
ATOM   1460 O OD1 . ASN A 1 184 ? -1.757  -10.307 6.579   1.00 34.66 ? 184 ASN A OD1 1 
ATOM   1461 N ND2 . ASN A 1 184 ? -0.869  -9.815  4.575   1.00 30.90 ? 184 ASN A ND2 1 
ATOM   1462 N N   . MET A 1 185 ? -3.512  -13.838 3.077   1.00 30.37 ? 185 MET A N   1 
ATOM   1463 C CA  . MET A 1 185 ? -3.862  -15.193 2.658   1.00 35.19 ? 185 MET A CA  1 
ATOM   1464 C C   . MET A 1 185 ? -2.866  -16.243 3.146   1.00 39.07 ? 185 MET A C   1 
ATOM   1465 O O   . MET A 1 185 ? -1.660  -16.091 2.958   1.00 39.32 ? 185 MET A O   1 
ATOM   1466 C CB  . MET A 1 185 ? -3.814  -15.309 1.130   1.00 33.60 ? 185 MET A CB  1 
ATOM   1467 C CG  . MET A 1 185 ? -5.082  -14.867 0.403   1.00 34.08 ? 185 MET A CG  1 
ATOM   1468 S SD  . MET A 1 185 ? -6.395  -16.125 0.399   1.00 28.71 ? 185 MET A SD  1 
ATOM   1469 C CE  . MET A 1 185 ? -7.485  -15.508 1.653   1.00 29.49 ? 185 MET A CE  1 
ATOM   1470 N N   . ASN A 1 186 ? -3.367  -17.288 3.801   1.00 44.43 ? 186 ASN A N   1 
ATOM   1471 C CA  . ASN A 1 186 ? -2.502  -18.308 4.393   1.00 49.51 ? 186 ASN A CA  1 
ATOM   1472 C C   . ASN A 1 186 ? -3.258  -19.611 4.655   1.00 52.07 ? 186 ASN A C   1 
ATOM   1473 O O   . ASN A 1 186 ? -4.120  -20.004 3.869   1.00 53.17 ? 186 ASN A O   1 
ATOM   1474 C CB  . ASN A 1 186 ? -1.920  -17.770 5.703   1.00 51.40 ? 186 ASN A CB  1 
ATOM   1475 C CG  . ASN A 1 186 ? -2.986  -17.507 6.750   1.00 52.83 ? 186 ASN A CG  1 
ATOM   1476 O OD1 . ASN A 1 186 ? -3.984  -16.836 6.483   1.00 53.71 ? 186 ASN A OD1 1 
ATOM   1477 N ND2 . ASN A 1 186 ? -2.776  -18.032 7.951   1.00 53.64 ? 186 ASN A ND2 1 
ATOM   1478 N N   . THR A 1 187 ? -2.923  -20.272 5.760   1.00 55.25 ? 187 THR A N   1 
ATOM   1479 C CA  . THR A 1 187 ? -3.542  -21.536 6.160   1.00 57.73 ? 187 THR A CA  1 
ATOM   1480 C C   . THR A 1 187 ? -3.639  -23.031 5.877   1.00 58.79 ? 187 THR A C   1 
ATOM   1481 O O   . THR A 1 187 ? -4.431  -23.746 6.493   1.00 59.14 ? 187 THR A O   1 
ATOM   1482 C CB  . THR A 1 187 ? -5.033  -21.355 6.533   1.00 58.13 ? 187 THR A CB  1 
ATOM   1483 O OG1 . THR A 1 187 ? -5.789  -21.022 5.363   1.00 58.22 ? 187 THR A OG1 1 
ATOM   1484 C CG2 . THR A 1 187 ? -5.192  -20.250 7.564   1.00 58.23 ? 187 THR A CG2 1 
ATOM   1485 N N   . LYS A 1 188 ? -2.820  -23.498 4.939   1.00 59.57 ? 188 LYS A N   1 
ATOM   1486 C CA  . LYS A 1 188 ? -2.803  -24.907 4.566   1.00 57.85 ? 188 LYS A CA  1 
ATOM   1487 C C   . LYS A 1 188 ? -4.019  -25.829 4.626   1.00 55.72 ? 188 LYS A C   1 
ATOM   1488 O O   . LYS A 1 188 ? -4.128  -26.717 3.754   1.00 57.55 ? 188 LYS A O   1 
ATOM   1489 C CB  . LYS A 1 188 ? -1.538  -25.708 4.895   1.00 61.61 ? 188 LYS A CB  1 
ATOM   1490 C CG  . LYS A 1 188 ? -0.259  -24.879 4.959   1.00 62.00 ? 188 LYS A CG  1 
ATOM   1491 C CD  . LYS A 1 188 ? -0.043  -24.281 6.345   1.00 61.54 ? 188 LYS A CD  1 
ATOM   1492 C CE  . LYS A 1 188 ? 0.226   -25.374 7.374   1.00 61.19 ? 188 LYS A CE  1 
ATOM   1493 N NZ  . LYS A 1 188 ? 0.451   -24.839 8.747   1.00 59.35 ? 188 LYS A NZ  1 
HETATM 1494 O O   . HOH B 2 .   ? 10.089  -24.504 -3.416  1.00 14.73 ? 202 HOH A O   1 
HETATM 1495 O O   . HOH B 2 .   ? -13.600 -0.477  -9.241  1.00 22.74 ? 203 HOH A O   1 
HETATM 1496 O O   . HOH B 2 .   ? -4.774  -8.290  11.968  1.00 34.74 ? 204 HOH A O   1 
HETATM 1497 O O   . HOH B 2 .   ? -9.863  -3.673  -13.136 1.00 33.05 ? 205 HOH A O   1 
HETATM 1498 O O   . HOH B 2 .   ? 11.257  -2.586  4.079   1.00 15.14 ? 206 HOH A O   1 
HETATM 1499 O O   . HOH B 2 .   ? 2.892   9.124   -14.678 1.00 36.86 ? 207 HOH A O   1 
HETATM 1500 O O   . HOH B 2 .   ? 7.903   -2.906  -6.136  1.00 18.24 ? 208 HOH A O   1 
HETATM 1501 O O   . HOH B 2 .   ? -7.464  -14.407 4.493   1.00 44.53 ? 209 HOH A O   1 
HETATM 1502 O O   . HOH B 2 .   ? 1.858   -6.955  -2.552  1.00 42.25 ? 210 HOH A O   1 
HETATM 1503 O O   . HOH B 2 .   ? -11.449 -2.704  17.335  1.00 22.22 ? 211 HOH A O   1 
HETATM 1504 O O   . HOH B 2 .   ? -14.101 8.777   12.319  1.00 16.02 ? 212 HOH A O   1 
HETATM 1505 O O   . HOH B 2 .   ? -3.175  11.767  -3.420  1.00 18.67 ? 213 HOH A O   1 
HETATM 1506 O O   . HOH B 2 .   ? 6.767   1.121   20.026  1.00 35.10 ? 214 HOH A O   1 
HETATM 1507 O O   . HOH B 2 .   ? 14.229  2.799   8.309   1.00 15.89 ? 215 HOH A O   1 
HETATM 1508 O O   . HOH B 2 .   ? -8.807  -7.994  -2.239  1.00 27.50 ? 216 HOH A O   1 
HETATM 1509 O O   . HOH B 2 .   ? -20.196 -7.878  9.648   1.00 19.51 ? 217 HOH A O   1 
HETATM 1510 O O   . HOH B 2 .   ? -4.932  9.358   12.365  1.00 24.36 ? 218 HOH A O   1 
HETATM 1511 O O   . HOH B 2 .   ? -5.659  3.315   -12.722 1.00 23.20 ? 219 HOH A O   1 
HETATM 1512 O O   . HOH B 2 .   ? 1.851   -11.297 -10.705 1.00 30.25 ? 220 HOH A O   1 
HETATM 1513 O O   . HOH B 2 .   ? -0.341  -8.086  7.137   1.00 42.36 ? 221 HOH A O   1 
HETATM 1514 O O   . HOH B 2 .   ? 12.736  -2.987  -11.982 1.00 28.61 ? 222 HOH A O   1 
HETATM 1515 O O   . HOH B 2 .   ? -15.083 -2.623  -1.730  1.00 18.63 ? 223 HOH A O   1 
HETATM 1516 O O   . HOH B 2 .   ? 12.644  -14.316 -4.559  1.00 45.60 ? 224 HOH A O   1 
HETATM 1517 O O   . HOH B 2 .   ? 9.086   6.757   -8.512  1.00 19.67 ? 225 HOH A O   1 
HETATM 1518 O O   . HOH B 2 .   ? -7.287  -8.567  3.380   1.00 14.51 ? 226 HOH A O   1 
HETATM 1519 O O   . HOH B 2 .   ? -15.191 7.444   6.055   1.00 18.33 ? 227 HOH A O   1 
HETATM 1520 O O   . HOH B 2 .   ? -14.013 -8.246  1.609   1.00 36.10 ? 228 HOH A O   1 
HETATM 1521 O O   . HOH B 2 .   ? -12.178 8.812   -11.295 1.00 50.09 ? 229 HOH A O   1 
HETATM 1522 O O   . HOH B 2 .   ? 17.734  -2.742  7.155   1.00 15.31 ? 230 HOH A O   1 
HETATM 1523 O O   . HOH B 2 .   ? 7.483   -0.070  -20.929 1.00 47.61 ? 231 HOH A O   1 
HETATM 1524 O O   . HOH B 2 .   ? -10.385 -9.218  15.042  1.00 31.30 ? 232 HOH A O   1 
HETATM 1525 O O   . HOH B 2 .   ? 8.727   -18.196 -5.152  1.00 32.99 ? 233 HOH A O   1 
HETATM 1526 O O   . HOH B 2 .   ? 9.380   -3.630  -16.765 1.00 31.98 ? 234 HOH A O   1 
HETATM 1527 O O   . HOH B 2 .   ? 5.677   -4.640  0.089   1.00 24.94 ? 235 HOH A O   1 
HETATM 1528 O O   . HOH B 2 .   ? 18.863  8.671   9.492   1.00 39.49 ? 236 HOH A O   1 
HETATM 1529 O O   . HOH B 2 .   ? -1.845  1.116   20.148  1.00 33.56 ? 237 HOH A O   1 
HETATM 1530 O O   . HOH B 2 .   ? -11.143 4.438   -12.871 1.00 55.48 ? 238 HOH A O   1 
HETATM 1531 O O   . HOH B 2 .   ? -12.373 7.780   14.723  1.00 18.48 ? 239 HOH A O   1 
HETATM 1532 O O   . HOH B 2 .   ? 12.271  2.966   -8.041  1.00 28.12 ? 240 HOH A O   1 
HETATM 1533 O O   . HOH B 2 .   ? 12.394  -8.957  -6.200  1.00 28.71 ? 241 HOH A O   1 
HETATM 1534 O O   . HOH B 2 .   ? 14.034  13.010  12.049  1.00 53.47 ? 242 HOH A O   1 
HETATM 1535 O O   . HOH B 2 .   ? -3.181  16.718  9.642   1.00 34.95 ? 243 HOH A O   1 
HETATM 1536 O O   . HOH B 2 .   ? 10.642  -16.639 -6.311  1.00 42.74 ? 244 HOH A O   1 
HETATM 1537 O O   . HOH B 2 .   ? -1.964  -3.878  -19.623 1.00 35.02 ? 245 HOH A O   1 
HETATM 1538 O O   . HOH B 2 .   ? -8.409  12.526  3.818   1.00 28.20 ? 246 HOH A O   1 
HETATM 1539 O O   . HOH B 2 .   ? -6.351  -4.028  18.851  1.00 39.03 ? 247 HOH A O   1 
HETATM 1540 O O   . HOH B 2 .   ? 2.322   5.630   -14.844 1.00 41.60 ? 248 HOH A O   1 
HETATM 1541 O O   . HOH B 2 .   ? 4.073   -25.866 0.785   1.00 20.75 ? 249 HOH A O   1 
HETATM 1542 O O   . HOH B 2 .   ? -11.685 -8.041  -1.352  1.00 36.04 ? 250 HOH A O   1 
HETATM 1543 O O   . HOH B 2 .   ? 19.116  5.974   9.996   1.00 39.37 ? 251 HOH A O   1 
HETATM 1544 O O   . HOH B 2 .   ? -12.703 11.385  12.997  1.00 20.52 ? 252 HOH A O   1 
HETATM 1545 O O   . HOH B 2 .   ? 20.642  -2.401  3.624   1.00 20.45 ? 253 HOH A O   1 
HETATM 1546 O O   . HOH B 2 .   ? -13.742 15.292  -9.632  1.00 42.41 ? 254 HOH A O   1 
HETATM 1547 O O   . HOH B 2 .   ? 2.464   0.882   -17.130 1.00 45.92 ? 255 HOH A O   1 
HETATM 1548 O O   . HOH B 2 .   ? -11.612 12.245  -2.513  1.00 31.88 ? 256 HOH A O   1 
HETATM 1549 O O   . HOH B 2 .   ? 6.067   2.913   18.118  1.00 27.69 ? 257 HOH A O   1 
HETATM 1550 O O   . HOH B 2 .   ? -3.233  14.972  -1.222  1.00 30.93 ? 258 HOH A O   1 
HETATM 1551 O O   . HOH B 2 .   ? 2.181   10.468  -16.896 1.00 48.72 ? 259 HOH A O   1 
HETATM 1552 O O   . HOH B 2 .   ? 9.574   14.075  -6.033  1.00 27.41 ? 260 HOH A O   1 
HETATM 1553 O O   . HOH B 2 .   ? -8.699  -2.626  15.532  1.00 36.56 ? 261 HOH A O   1 
HETATM 1554 O O   . HOH B 2 .   ? -13.047 12.170  -10.761 1.00 52.36 ? 262 HOH A O   1 
HETATM 1555 O O   . HOH B 2 .   ? -8.917  13.590  9.842   1.00 28.61 ? 263 HOH A O   1 
HETATM 1556 O O   . HOH B 2 .   ? 1.145   -25.432 -5.569  1.00 27.83 ? 264 HOH A O   1 
HETATM 1557 O O   . HOH B 2 .   ? -3.039  -12.452 8.294   1.00 36.92 ? 265 HOH A O   1 
HETATM 1558 O O   . HOH B 2 .   ? 9.359   5.052   -10.839 1.00 24.07 ? 266 HOH A O   1 
HETATM 1559 O O   . HOH B 2 .   ? -20.761 -0.962  5.055   1.00 44.35 ? 267 HOH A O   1 
HETATM 1560 O O   . HOH B 2 .   ? 2.985   -5.370  -0.254  1.00 26.24 ? 268 HOH A O   1 
HETATM 1561 O O   . HOH B 2 .   ? -3.250  18.486  0.210   1.00 51.48 ? 269 HOH A O   1 
HETATM 1562 O O   . HOH B 2 .   ? -9.849  -10.553 -8.815  1.00 23.95 ? 270 HOH A O   1 
HETATM 1563 O O   . HOH B 2 .   ? 3.889   16.599  -6.130  1.00 52.73 ? 271 HOH A O   1 
HETATM 1564 O O   . HOH B 2 .   ? 1.279   -6.287  16.975  1.00 37.27 ? 272 HOH A O   1 
HETATM 1565 O O   . HOH B 2 .   ? -6.703  -1.635  17.119  1.00 43.19 ? 273 HOH A O   1 
HETATM 1566 O O   . HOH B 2 .   ? -22.697 -6.902  13.351  1.00 27.20 ? 274 HOH A O   1 
HETATM 1567 O O   . HOH B 2 .   ? 4.236   -12.917 -0.571  1.00 38.66 ? 275 HOH A O   1 
HETATM 1568 O O   . HOH B 2 .   ? -6.567  -10.061 -16.965 1.00 16.64 ? 276 HOH A O   1 
HETATM 1569 O O   . HOH B 2 .   ? 0.805   -7.581  3.740   1.00 39.96 ? 277 HOH A O   1 
HETATM 1570 O O   . HOH B 2 .   ? -10.145 10.679  -5.467  1.00 30.41 ? 278 HOH A O   1 
HETATM 1571 O O   . HOH B 2 .   ? -15.409 -1.131  -3.884  1.00 23.08 ? 279 HOH A O   1 
HETATM 1572 O O   . HOH B 2 .   ? 14.787  5.295   -8.261  1.00 36.94 ? 280 HOH A O   1 
HETATM 1573 O O   . HOH B 2 .   ? 5.718   -8.348  -7.807  1.00 25.36 ? 281 HOH A O   1 
HETATM 1574 O O   . HOH B 2 .   ? -16.256 18.033  1.461   1.00 30.03 ? 282 HOH A O   1 
HETATM 1575 O O   . HOH B 2 .   ? -17.541 -2.574  0.015   1.00 26.07 ? 283 HOH A O   1 
HETATM 1576 O O   . HOH B 2 .   ? -3.833  -2.482  -20.976 1.00 39.74 ? 284 HOH A O   1 
HETATM 1577 O O   . HOH B 2 .   ? 17.131  9.133   -5.127  1.00 26.38 ? 285 HOH A O   1 
HETATM 1578 O O   . HOH B 2 .   ? -1.957  12.560  -13.055 1.00 41.07 ? 286 HOH A O   1 
HETATM 1579 O O   . HOH B 2 .   ? -3.737  -1.080  19.198  1.00 33.24 ? 287 HOH A O   1 
HETATM 1580 O O   . HOH B 2 .   ? -0.287  14.609  -12.842 1.00 38.43 ? 288 HOH A O   1 
HETATM 1581 O O   . HOH B 2 .   ? -27.803 2.541   3.936   1.00 57.91 ? 289 HOH A O   1 
HETATM 1582 O O   . HOH B 2 .   ? -2.403  -24.381 8.442   1.00 50.39 ? 290 HOH A O   1 
HETATM 1583 O O   . HOH B 2 .   ? -17.845 -5.605  7.895   1.00 32.52 ? 291 HOH A O   1 
HETATM 1584 O O   . HOH B 2 .   ? 8.789   -6.821  0.875   1.00 25.27 ? 292 HOH A O   1 
HETATM 1585 O O   . HOH B 2 .   ? 7.625   5.011   -13.666 1.00 24.90 ? 293 HOH A O   1 
HETATM 1586 O O   . HOH B 2 .   ? -14.686 -3.378  -5.827  1.00 33.98 ? 294 HOH A O   1 
HETATM 1587 O O   . HOH B 2 .   ? 8.940   9.033   -10.553 1.00 24.84 ? 295 HOH A O   1 
HETATM 1588 O O   . HOH B 2 .   ? 21.564  -1.138  1.170   1.00 20.95 ? 296 HOH A O   1 
HETATM 1589 O O   . HOH B 2 .   ? 12.793  -16.871 -7.746  1.00 48.01 ? 297 HOH A O   1 
HETATM 1590 O O   . HOH B 2 .   ? -4.501  -15.974 -11.213 1.00 21.47 ? 298 HOH A O   1 
HETATM 1591 O O   . HOH B 2 .   ? 1.858   -24.110 2.292   1.00 34.98 ? 299 HOH A O   1 
HETATM 1592 O O   . HOH B 2 .   ? -0.649  19.545  1.563   1.00 46.62 ? 300 HOH A O   1 
HETATM 1593 O O   . HOH B 2 .   ? -17.900 -0.299  -5.109  1.00 41.04 ? 301 HOH A O   1 
HETATM 1594 O O   . HOH B 2 .   ? 21.421  -4.021  -2.605  1.00 28.69 ? 302 HOH A O   1 
HETATM 1595 O O   . HOH B 2 .   ? 7.184   -30.134 -6.843  1.00 38.63 ? 303 HOH A O   1 
HETATM 1596 O O   . HOH B 2 .   ? 19.764  -2.160  -6.121  1.00 11.69 ? 304 HOH A O   1 
HETATM 1597 O O   . HOH B 2 .   ? -12.638 16.195  4.830   1.00 29.31 ? 305 HOH A O   1 
HETATM 1598 O O   . HOH B 2 .   ? -1.158  -10.340 -4.322  1.00 20.56 ? 306 HOH A O   1 
HETATM 1599 O O   . HOH B 2 .   ? -14.722 12.209  11.196  1.00 14.79 ? 307 HOH A O   1 
HETATM 1600 O O   . HOH B 2 .   ? 10.763  -3.322  -3.426  1.00 24.64 ? 308 HOH A O   1 
HETATM 1601 O O   . HOH B 2 .   ? -9.133  15.724  4.606   1.00 25.06 ? 309 HOH A O   1 
HETATM 1602 O O   . HOH B 2 .   ? 3.743   -22.670 0.120   1.00 19.83 ? 310 HOH A O   1 
HETATM 1603 O O   . HOH B 2 .   ? -12.770 13.579  9.514   1.00 18.74 ? 311 HOH A O   1 
HETATM 1604 O O   . HOH B 2 .   ? 13.795  4.880   14.618  1.00 30.10 ? 312 HOH A O   1 
HETATM 1605 O O   . HOH B 2 .   ? 8.759   -31.550 -1.399  1.00 47.09 ? 313 HOH A O   1 
HETATM 1606 O O   . HOH B 2 .   ? 0.163   10.663  -7.105  1.00 30.09 ? 314 HOH A O   1 
HETATM 1607 O O   . HOH B 2 .   ? -7.561  -4.979  -13.224 1.00 28.70 ? 315 HOH A O   1 
HETATM 1608 O O   . HOH B 2 .   ? -17.643 -5.869  5.359   1.00 40.60 ? 316 HOH A O   1 
HETATM 1609 O O   . HOH B 2 .   ? -9.796  -15.604 -12.305 1.00 41.31 ? 317 HOH A O   1 
HETATM 1610 O O   . HOH B 2 .   ? -9.900  -5.420  -2.164  1.00 25.08 ? 318 HOH A O   1 
HETATM 1611 O O   . HOH B 2 .   ? -12.718 -5.194  -5.568  1.00 31.03 ? 319 HOH A O   1 
HETATM 1612 O O   . HOH B 2 .   ? 14.467  -4.252  -10.409 1.00 30.29 ? 320 HOH A O   1 
HETATM 1613 O O   . HOH B 2 .   ? 0.634   -8.584  -4.226  1.00 39.40 ? 321 HOH A O   1 
HETATM 1614 O O   . HOH B 2 .   ? -13.423 15.093  7.148   1.00 20.69 ? 322 HOH A O   1 
HETATM 1615 O O   . HOH B 2 .   ? 11.358  -8.997  2.703   1.00 19.13 ? 323 HOH A O   1 
HETATM 1616 O O   . HOH B 2 .   ? 0.884   -13.432 -6.976  1.00 21.26 ? 324 HOH A O   1 
HETATM 1617 O O   . HOH B 2 .   ? 0.863   -10.731 -8.048  1.00 25.99 ? 325 HOH A O   1 
HETATM 1618 O O   . HOH B 2 .   ? 6.313   -20.908 -8.825  1.00 27.91 ? 326 HOH A O   1 
HETATM 1619 O O   . HOH B 2 .   ? 5.039   18.074  -1.559  1.00 33.42 ? 327 HOH A O   1 
HETATM 1620 O O   . HOH B 2 .   ? 13.354  -7.447  2.187   1.00 27.66 ? 328 HOH A O   1 
HETATM 1621 O O   . HOH B 2 .   ? -7.312  -8.372  11.612  1.00 32.54 ? 329 HOH A O   1 
HETATM 1622 O O   . HOH B 2 .   ? 12.455  17.666  5.120   1.00 40.10 ? 330 HOH A O   1 
HETATM 1623 O O   . HOH B 2 .   ? -6.269  -8.194  14.395  1.00 29.60 ? 331 HOH A O   1 
HETATM 1624 O O   . HOH B 2 .   ? -10.321 9.927   -2.591  1.00 36.46 ? 332 HOH A O   1 
HETATM 1625 O O   . HOH B 2 .   ? 17.765  -2.512  -4.238  1.00 38.71 ? 333 HOH A O   1 
HETATM 1626 O O   . HOH B 2 .   ? 3.438   -7.496  1.948   1.00 39.48 ? 334 HOH A O   1 
HETATM 1627 O O   . HOH B 2 .   ? 8.967   16.065  -1.123  1.00 41.06 ? 335 HOH A O   1 
HETATM 1628 O O   . HOH B 2 .   ? 5.480   -17.861 -4.335  1.00 37.07 ? 336 HOH A O   1 
HETATM 1629 O O   . HOH B 2 .   ? 8.079   -17.717 -8.421  1.00 46.15 ? 337 HOH A O   1 
HETATM 1630 O O   . HOH B 2 .   ? 17.858  -2.291  9.774   1.00 28.51 ? 338 HOH A O   1 
HETATM 1631 O O   . HOH B 2 .   ? 0.974   -14.304 3.744   1.00 40.28 ? 339 HOH A O   1 
HETATM 1632 O O   . HOH B 2 .   ? 20.085  -1.101  10.428  1.00 20.95 ? 340 HOH A O   1 
HETATM 1633 O O   . HOH B 2 .   ? 2.728   18.569  -2.417  1.00 50.00 ? 341 HOH A O   1 
HETATM 1634 O O   . HOH B 2 .   ? 4.239   -14.377 -9.068  1.00 61.64 ? 342 HOH A O   1 
HETATM 1635 O O   . HOH B 2 .   ? -5.500  2.047   17.934  1.00 41.90 ? 343 HOH A O   1 
HETATM 1636 O O   . HOH B 2 .   ? 25.483  5.106   3.623   1.00 59.36 ? 344 HOH A O   1 
HETATM 1637 O O   . HOH B 2 .   ? 0.115   -4.263  5.715   1.00 1.09  ? 345 HOH A O   1 
HETATM 1638 O O   . HOH B 2 .   ? 9.775   -9.192  -10.514 1.00 10.76 ? 346 HOH A O   1 
HETATM 1639 O O   . HOH B 2 .   ? 8.947   -27.370 -3.565  1.00 12.58 ? 347 HOH A O   1 
HETATM 1640 O O   . HOH B 2 .   ? 6.972   -3.213  -2.393  1.00 17.92 ? 348 HOH A O   1 
HETATM 1641 O O   . HOH B 2 .   ? -2.090  -13.091 -1.536  1.00 19.29 ? 349 HOH A O   1 
HETATM 1642 O O   . HOH B 2 .   ? 7.485   -7.134  -9.993  1.00 21.55 ? 350 HOH A O   1 
HETATM 1643 O O   . HOH B 2 .   ? 17.166  -0.448  16.954  1.00 24.96 ? 351 HOH A O   1 
HETATM 1644 O O   . HOH B 2 .   ? 5.819   -2.561  -4.349  1.00 24.61 ? 352 HOH A O   1 
HETATM 1645 O O   . HOH B 2 .   ? -10.945 -11.731 11.568  1.00 28.81 ? 353 HOH A O   1 
HETATM 1646 O O   . HOH B 2 .   ? -13.591 -6.555  -7.630  1.00 29.68 ? 354 HOH A O   1 
HETATM 1647 O O   . HOH B 2 .   ? 5.452   -14.378 1.195   1.00 31.59 ? 355 HOH A O   1 
HETATM 1648 O O   . HOH B 2 .   ? -1.024  -11.869 1.705   1.00 31.12 ? 356 HOH A O   1 
HETATM 1649 O O   . HOH B 2 .   ? -15.308 12.179  -1.245  1.00 29.03 ? 357 HOH A O   1 
HETATM 1650 O O   . HOH B 2 .   ? -2.514  -7.196  7.369   1.00 32.35 ? 358 HOH A O   1 
HETATM 1651 O O   . HOH B 2 .   ? -3.750  -3.742  18.504  1.00 33.05 ? 359 HOH A O   1 
HETATM 1652 O O   . HOH B 2 .   ? -7.588  -0.131  -15.112 1.00 30.48 ? 360 HOH A O   1 
HETATM 1653 O O   . HOH B 2 .   ? -17.489 8.121   -8.524  1.00 30.60 ? 361 HOH A O   1 
HETATM 1654 O O   . HOH B 2 .   ? 6.958   -31.483 0.754   1.00 31.52 ? 362 HOH A O   1 
HETATM 1655 O O   . HOH B 2 .   ? -7.483  -7.198  -14.632 1.00 28.43 ? 363 HOH A O   1 
HETATM 1656 O O   . HOH B 2 .   ? -0.988  18.319  -3.052  1.00 28.97 ? 364 HOH A O   1 
HETATM 1657 O O   . HOH B 2 .   ? 1.914   -3.324  -17.380 1.00 28.58 ? 365 HOH A O   1 
HETATM 1658 O O   . HOH B 2 .   ? -12.330 -8.839  -8.035  1.00 31.10 ? 366 HOH A O   1 
HETATM 1659 O O   . HOH B 2 .   ? -9.112  1.603   22.148  1.00 28.12 ? 367 HOH A O   1 
HETATM 1660 O O   . HOH B 2 .   ? -17.251 4.593   -6.112  1.00 28.51 ? 368 HOH A O   1 
HETATM 1661 O O   . HOH B 2 .   ? -14.859 19.876  -1.166  1.00 30.38 ? 369 HOH A O   1 
HETATM 1662 O O   . HOH B 2 .   ? 1.663   -9.314  6.054   1.00 31.12 ? 370 HOH A O   1 
HETATM 1663 O O   . HOH B 2 .   ? -18.746 17.904  2.232   1.00 23.28 ? 371 HOH A O   1 
HETATM 1664 O O   . HOH B 2 .   ? 11.571  14.028  5.117   1.00 22.23 ? 372 HOH A O   1 
HETATM 1665 O O   . HOH B 2 .   ? -2.378  -15.469 -2.067  1.00 24.11 ? 373 HOH A O   1 
HETATM 1666 O O   . HOH B 2 .   ? 14.601  -8.173  -8.194  1.00 22.86 ? 374 HOH A O   1 
HETATM 1667 O O   . HOH B 2 .   ? -3.879  16.006  1.084   1.00 23.12 ? 375 HOH A O   1 
HETATM 1668 O O   . HOH B 2 .   ? 1.587   16.170  4.268   1.00 23.46 ? 376 HOH A O   1 
HETATM 1669 O O   . HOH B 2 .   ? -8.932  -10.238 12.433  1.00 24.18 ? 377 HOH A O   1 
HETATM 1670 O O   . HOH B 2 .   ? -9.782  13.488  6.652   1.00 23.09 ? 378 HOH A O   1 
HETATM 1671 O O   . HOH B 2 .   ? 2.473   -15.734 -2.749  1.00 22.97 ? 379 HOH A O   1 
HETATM 1672 O O   . HOH B 2 .   ? 8.383   -5.673  -18.439 1.00 22.68 ? 380 HOH A O   1 
HETATM 1673 O O   . HOH B 2 .   ? 17.716  12.526  2.090   1.00 24.00 ? 381 HOH A O   1 
HETATM 1674 O O   . HOH B 2 .   ? 6.960   -8.859  4.492   1.00 20.88 ? 382 HOH A O   1 
HETATM 1675 O O   . HOH B 2 .   ? -18.014 11.510  -1.420  1.00 21.51 ? 383 HOH A O   1 
HETATM 1676 O O   . HOH B 2 .   ? 6.844   -29.330 -4.411  1.00 21.19 ? 384 HOH A O   1 
HETATM 1677 O O   . HOH B 2 .   ? 3.476   -14.654 2.795   1.00 21.55 ? 385 HOH A O   1 
HETATM 1678 O O   . HOH B 2 .   ? -16.612 -9.430  2.950   1.00 21.66 ? 386 HOH A O   1 
HETATM 1679 O O   . HOH B 2 .   ? 1.063   -28.456 7.668   1.00 21.51 ? 387 HOH A O   1 
HETATM 1680 O O   . HOH B 2 .   ? -6.428  5.101   16.784  1.00 21.06 ? 388 HOH A O   1 
HETATM 1681 O O   . HOH B 2 .   ? -4.574  -20.815 -6.065  1.00 21.82 ? 389 HOH A O   1 
HETATM 1682 O O   . HOH B 2 .   ? 7.283   9.243   -13.810 1.00 21.63 ? 390 HOH A O   1 
HETATM 1683 O O   . HOH B 2 .   ? 1.810   -13.605 -4.625  1.00 21.04 ? 391 HOH A O   1 
HETATM 1684 O O   . HOH B 2 .   ? -10.891 16.383  -7.258  1.00 22.00 ? 392 HOH A O   1 
HETATM 1685 O O   . HOH B 2 .   ? 9.187   -9.650  -17.634 1.00 21.53 ? 393 HOH A O   1 
# 
